data_6X96
#
_entry.id   6X96
#
loop_
_entity.id
_entity.type
_entity.pdbx_description
1 polymer 'BG505 HIV-1 Env gp120'
2 polymer 'BG505 HIV-1 Env gp41'
3 polymer 'monoclonal antibody 10A fragment antigen binding heavy chain'
4 polymer 'monoclonal antibody 10A kappa chain'
5 branched alpha-D-mannopyranose-(1-3)-beta-D-mannopyranose-(1-4)-2-acetamido-2-deoxy-beta-D-glucopyranose-(1-4)-2-acetamido-2-deoxy-beta-D-glucopyranose
6 branched 2-acetamido-2-deoxy-beta-D-glucopyranose-(1-4)-2-acetamido-2-deoxy-beta-D-glucopyranose
7 non-polymer 2-acetamido-2-deoxy-beta-D-glucopyranose
#
loop_
_entity_poly.entity_id
_entity_poly.type
_entity_poly.pdbx_seq_one_letter_code
_entity_poly.pdbx_strand_id
1 'polypeptide(L)'
;MDAMKRGLCCVLLLCGAVFVSPSQEIHARFRRGARAENLWVTVYYGVPVWKDAETTLFCASDAKAYETEKHNVWATHACV
PTDPNPQEIHLENVTEEFNMWKNNMVEQMHTDIISLWDQSLKPCVKLTPLCVTLQCTNVTNNITDDMRGELKNCSFNMTT
ELRDKKQKVYSLFYRLDVVQINENQGNRSNNSNKEYRLINCNTSAITQACPKVSFEPIPIHYCAPAGFAILKCKDKKFNG
TGPCPSVSTVQCTHGIKPVVSTQLLLNGSLAEEEVMIRSENITNNAKNILVQFNTPVQINCTRPNNNTRKSIRIGPGQAF
YATGDIIGDIRQAHCNVSKATWNETLGKVVKQLRKHFGNNTIIRFANSSGGDLEVTTHSFNCGGEFFYCNTSGLFNSTWI
SNTSVQGSNSTGSNDSITLPCRIKQIINMWQRIGQAMYAPPIQGVIRCVSNITGLILTRDGGSTNSTTETFRPGGGDMRD
NWRSELYKYKVVKIEPLGVAPTRCKRRVVGRRRRRR
;
A,C,G
2 'polypeptide(L)'
;AVGIGAVFLGFLGAAGSTMGAASMTLTVQARNLLSGIVQQQSNLLRAPEAQQHLLKLTVWGIKQLQARVLAVERYLRDQQ
LLGIWGCSGKLICCTNVPWNSSWSNRNLSEIWDNMTWLQWDKEISNYTQIIYGLLEESQNQQEKNEQDLLALD
;
B,D,I
3 'polypeptide(L)'
;MYRMQLLSCIALSLALVTNSQLVESGGGLVQPGASLTLTCTASGFSFSSDYYMCWVRQAPGKGLEWIACIWTANSISYYA
RWAKGRFTISKTSSTTVTLQMTSLTAADTATYFCARGGSGDGQSLWGPGTLVTVSSGQPKAPSVFPLAPCCGDTPSSTVT
LGCLVKGYLPEPVTVTWNSGTLTNGVRTFPSVRQSSGLYSLSSVVSVTSSSQPVTCNVAHPATNTKVDKTVAPSTC
;
H,E,J
4 'polypeptide(L)'
;VLRPGMYRMQLLSCIALSLALVTNSDIVMTQTPASVEAAVGGTVAIKCQASQSIRSYLAWYQQKPGQPPKLLIYEASKLA
SGVPSRFSGSGSGTQFTLTISGVECDDAATYYCQRNYDSYSGAYYPNGFGGGTEVVVKGDPVAPSVLIFPPAADQVATGT
VTIVCVANKYFPDVTVTWEVDGTTQTTGIENSKTPQNSADCTYNLSSTLTLTSTQYNSHKEYTCKVTQGTTSVVQSFNRG
DC
;
L,F,K
#
# COMPACT_ATOMS: atom_id res chain seq x y z
N TRP A 40 10.61 26.57 33.43
CA TRP A 40 9.80 25.70 34.29
C TRP A 40 9.28 24.46 33.55
N VAL A 41 8.81 24.58 32.27
CA VAL A 41 8.27 23.44 31.52
C VAL A 41 9.35 22.58 30.87
N THR A 42 9.32 21.30 31.20
CA THR A 42 10.23 20.32 30.63
C THR A 42 9.43 19.32 29.85
N VAL A 43 9.92 19.05 28.66
CA VAL A 43 9.25 18.12 27.78
C VAL A 43 10.02 16.83 27.78
N TYR A 44 9.30 15.74 28.00
CA TYR A 44 9.90 14.43 28.03
C TYR A 44 9.41 13.58 26.87
N TYR A 45 10.30 12.80 26.29
CA TYR A 45 9.97 11.88 25.23
C TYR A 45 10.39 10.47 25.57
N GLY A 46 9.46 9.53 25.42
CA GLY A 46 9.70 8.15 25.77
C GLY A 46 9.01 7.81 27.08
N VAL A 47 8.02 8.61 27.45
CA VAL A 47 7.29 8.43 28.68
C VAL A 47 6.38 7.20 28.58
N PRO A 48 6.43 6.25 29.54
CA PRO A 48 5.70 4.99 29.52
C PRO A 48 4.21 5.07 29.86
N VAL A 49 3.45 5.72 28.99
CA VAL A 49 2.00 5.83 29.18
C VAL A 49 1.23 5.41 27.94
N TRP A 50 -0.06 5.10 28.12
CA TRP A 50 -0.91 4.69 27.02
C TRP A 50 -2.38 5.00 27.17
N LYS A 51 -3.08 4.96 26.04
CA LYS A 51 -4.53 5.11 25.95
C LYS A 51 -5.16 3.89 25.28
N ASP A 52 -6.42 3.62 25.55
CA ASP A 52 -7.09 2.53 24.85
C ASP A 52 -7.17 2.85 23.38
N ALA A 53 -6.98 1.87 22.50
CA ALA A 53 -7.07 2.19 21.08
C ALA A 53 -7.42 1.02 20.22
N GLU A 54 -7.92 1.29 19.03
CA GLU A 54 -8.19 0.22 18.10
C GLU A 54 -7.35 0.39 16.86
N THR A 55 -6.61 -0.63 16.53
CA THR A 55 -5.78 -0.62 15.34
C THR A 55 -5.93 -1.92 14.62
N THR A 56 -5.28 -2.02 13.48
CA THR A 56 -5.30 -3.22 12.69
C THR A 56 -4.22 -4.17 13.13
N LEU A 57 -4.59 -5.40 13.42
CA LEU A 57 -3.61 -6.39 13.82
C LEU A 57 -3.23 -7.26 12.65
N PHE A 58 -2.01 -7.75 12.64
CA PHE A 58 -1.54 -8.64 11.57
C PHE A 58 -1.15 -9.94 12.25
N CYS A 59 -1.04 -11.07 11.51
CA CYS A 59 -0.67 -12.34 12.13
C CYS A 59 0.79 -12.70 11.91
N ALA A 60 1.20 -13.63 12.76
CA ALA A 60 2.45 -14.34 12.65
C ALA A 60 2.16 -15.82 12.91
N SER A 61 2.90 -16.71 12.24
CA SER A 61 2.73 -18.15 12.44
C SER A 61 3.97 -18.95 12.04
N ASP A 62 4.31 -20.02 12.81
CA ASP A 62 5.44 -20.95 12.62
C ASP A 62 6.81 -20.34 13.00
N LYS A 70 1.44 -25.68 3.38
CA LYS A 70 0.95 -26.52 2.28
C LYS A 70 -0.42 -26.03 1.75
N HIS A 71 -0.57 -24.69 1.59
CA HIS A 71 -1.76 -24.00 1.03
C HIS A 71 -3.09 -24.36 1.67
N ASN A 72 -3.15 -24.30 2.99
CA ASN A 72 -4.36 -24.67 3.68
C ASN A 72 -5.37 -23.55 3.64
N VAL A 73 -6.54 -23.79 4.22
CA VAL A 73 -7.61 -22.83 4.12
C VAL A 73 -7.35 -21.46 4.71
N TRP A 74 -6.43 -21.28 5.67
CA TRP A 74 -6.22 -19.94 6.22
C TRP A 74 -5.00 -19.23 5.67
N ALA A 75 -4.43 -19.75 4.59
CA ALA A 75 -3.28 -19.11 3.96
C ALA A 75 -2.22 -18.77 4.97
N THR A 76 -1.85 -19.73 5.79
CA THR A 76 -0.90 -19.46 6.83
C THR A 76 0.49 -19.24 6.26
N HIS A 77 0.74 -19.69 5.04
CA HIS A 77 2.04 -19.47 4.42
C HIS A 77 2.24 -18.01 4.06
N ALA A 78 1.16 -17.24 4.03
CA ALA A 78 1.21 -15.80 3.75
C ALA A 78 1.41 -14.92 5.03
N CYS A 79 1.43 -15.55 6.23
CA CYS A 79 1.50 -14.97 7.56
C CYS A 79 3.01 -14.79 7.88
N VAL A 80 3.41 -13.77 8.63
CA VAL A 80 4.85 -13.62 8.82
C VAL A 80 5.35 -14.66 9.82
N PRO A 81 6.65 -15.00 9.88
CA PRO A 81 7.23 -15.88 10.87
C PRO A 81 7.08 -15.32 12.26
N THR A 82 7.01 -16.18 13.26
CA THR A 82 6.91 -15.70 14.63
C THR A 82 8.24 -15.31 15.17
N ASP A 83 8.21 -14.58 16.26
CA ASP A 83 9.40 -14.19 17.00
C ASP A 83 9.60 -15.34 17.98
N PRO A 84 10.64 -16.19 17.87
CA PRO A 84 10.84 -17.34 18.71
C PRO A 84 11.16 -16.84 20.09
N ASN A 85 10.69 -17.52 21.13
CA ASN A 85 11.01 -17.12 22.49
C ASN A 85 10.82 -15.61 22.71
N PRO A 86 9.61 -15.06 22.50
CA PRO A 86 9.33 -13.66 22.63
C PRO A 86 9.44 -13.32 24.10
N GLN A 87 9.79 -12.09 24.41
CA GLN A 87 9.90 -11.72 25.81
C GLN A 87 8.64 -11.11 26.37
N GLU A 88 8.14 -11.70 27.44
CA GLU A 88 6.99 -11.18 28.16
C GLU A 88 7.48 -10.29 29.29
N ILE A 89 6.95 -9.08 29.40
CA ILE A 89 7.41 -8.17 30.43
C ILE A 89 6.38 -7.85 31.50
N HIS A 90 6.62 -8.28 32.73
CA HIS A 90 5.66 -8.04 33.79
C HIS A 90 5.67 -6.59 34.21
N LEU A 91 4.49 -6.00 34.44
CA LEU A 91 4.44 -4.62 34.86
C LEU A 91 4.11 -4.52 36.32
N GLU A 92 5.02 -4.01 37.11
CA GLU A 92 4.79 -3.91 38.54
C GLU A 92 4.03 -2.63 38.84
N ASN A 93 3.21 -2.64 39.92
CA ASN A 93 2.43 -1.51 40.45
C ASN A 93 1.49 -0.85 39.42
N VAL A 94 0.80 -1.65 38.56
CA VAL A 94 -0.17 -1.12 37.59
C VAL A 94 -1.47 -1.85 37.73
N THR A 95 -2.52 -1.23 37.28
CA THR A 95 -3.81 -1.85 37.18
C THR A 95 -4.33 -1.44 35.85
N GLU A 96 -5.33 -2.16 35.36
CA GLU A 96 -5.98 -1.83 34.11
C GLU A 96 -7.37 -2.42 34.13
N GLU A 97 -8.28 -1.87 33.35
CA GLU A 97 -9.61 -2.48 33.24
C GLU A 97 -9.82 -3.10 31.88
N PHE A 98 -10.47 -4.24 31.91
CA PHE A 98 -10.75 -5.03 30.72
C PHE A 98 -12.23 -5.29 30.55
N ASN A 99 -12.66 -5.53 29.32
CA ASN A 99 -14.04 -5.90 29.06
C ASN A 99 -14.09 -6.83 27.87
N MET A 100 -14.19 -8.12 28.12
CA MET A 100 -14.15 -9.13 27.08
C MET A 100 -15.35 -9.09 26.15
N TRP A 101 -16.40 -8.40 26.54
CA TRP A 101 -17.60 -8.37 25.74
C TRP A 101 -17.57 -7.21 24.76
N LYS A 102 -16.57 -6.34 24.89
CA LYS A 102 -16.44 -5.14 24.06
C LYS A 102 -15.09 -5.12 23.38
N ASN A 103 -14.44 -6.26 23.33
CA ASN A 103 -13.10 -6.43 22.82
C ASN A 103 -13.08 -6.54 21.31
N ASN A 104 -12.52 -5.55 20.62
CA ASN A 104 -12.56 -5.51 19.16
C ASN A 104 -11.63 -6.51 18.48
N MET A 105 -10.86 -7.23 19.28
CA MET A 105 -10.00 -8.24 18.71
C MET A 105 -10.89 -9.37 18.22
N VAL A 106 -12.07 -9.52 18.83
CA VAL A 106 -12.97 -10.58 18.43
C VAL A 106 -13.50 -10.26 17.07
N GLU A 107 -13.86 -9.02 16.84
CA GLU A 107 -14.40 -8.65 15.55
C GLU A 107 -13.37 -8.82 14.46
N GLN A 108 -12.09 -8.52 14.72
CA GLN A 108 -11.15 -8.76 13.65
C GLN A 108 -10.99 -10.25 13.42
N MET A 109 -10.94 -11.07 14.47
CA MET A 109 -10.75 -12.47 14.15
C MET A 109 -11.94 -12.98 13.36
N HIS A 110 -13.13 -12.48 13.65
CA HIS A 110 -14.32 -12.90 12.94
C HIS A 110 -14.23 -12.59 11.46
N THR A 111 -13.85 -11.36 11.10
CA THR A 111 -13.83 -11.06 9.68
C THR A 111 -12.60 -11.64 8.99
N ASP A 112 -11.53 -11.92 9.71
CA ASP A 112 -10.38 -12.51 9.04
C ASP A 112 -10.69 -13.93 8.67
N ILE A 113 -11.33 -14.67 9.56
CA ILE A 113 -11.60 -16.04 9.25
C ILE A 113 -12.60 -16.14 8.12
N ILE A 114 -13.64 -15.32 8.13
CA ILE A 114 -14.59 -15.41 7.03
C ILE A 114 -13.96 -15.04 5.71
N SER A 115 -13.18 -13.97 5.68
CA SER A 115 -12.58 -13.58 4.42
C SER A 115 -11.69 -14.68 3.88
N LEU A 116 -10.89 -15.31 4.74
CA LEU A 116 -10.01 -16.36 4.29
C LEU A 116 -10.78 -17.55 3.77
N TRP A 117 -11.87 -17.91 4.43
CA TRP A 117 -12.67 -19.03 3.98
C TRP A 117 -13.13 -18.78 2.55
N ASP A 118 -13.68 -17.60 2.31
CA ASP A 118 -14.19 -17.30 0.98
C ASP A 118 -13.10 -17.19 -0.05
N GLN A 119 -11.94 -16.65 0.29
CA GLN A 119 -10.92 -16.56 -0.72
C GLN A 119 -10.43 -17.95 -1.11
N SER A 120 -10.26 -18.84 -0.14
CA SER A 120 -9.74 -20.16 -0.39
C SER A 120 -10.66 -21.00 -1.25
N LEU A 121 -11.95 -20.81 -1.13
CA LEU A 121 -12.90 -21.57 -1.94
C LEU A 121 -13.19 -20.91 -3.27
N LYS A 122 -12.61 -19.76 -3.55
CA LYS A 122 -12.93 -19.08 -4.78
C LYS A 122 -12.44 -19.81 -6.03
N PRO A 123 -11.15 -20.14 -6.20
CA PRO A 123 -10.65 -20.79 -7.41
C PRO A 123 -10.88 -22.30 -7.40
N CYS A 124 -12.16 -22.74 -7.29
CA CYS A 124 -12.56 -24.14 -7.22
C CYS A 124 -13.72 -24.39 -8.18
N VAL A 125 -13.83 -25.62 -8.65
CA VAL A 125 -14.89 -26.00 -9.56
C VAL A 125 -16.27 -25.82 -8.98
N LYS A 126 -17.15 -25.24 -9.79
CA LYS A 126 -18.54 -25.03 -9.39
C LYS A 126 -19.30 -26.29 -9.73
N LEU A 127 -20.32 -26.60 -8.97
CA LEU A 127 -21.10 -27.78 -9.25
C LEU A 127 -22.45 -27.50 -9.83
N THR A 128 -22.64 -26.30 -10.38
CA THR A 128 -23.93 -25.96 -10.95
C THR A 128 -24.56 -27.07 -11.82
N PRO A 129 -23.84 -27.75 -12.74
CA PRO A 129 -24.36 -28.78 -13.61
C PRO A 129 -24.96 -29.98 -12.88
N LEU A 130 -24.67 -30.11 -11.59
CA LEU A 130 -25.17 -31.19 -10.73
C LEU A 130 -26.61 -30.98 -10.23
N CYS A 131 -27.17 -29.75 -10.29
CA CYS A 131 -28.51 -29.45 -9.80
C CYS A 131 -29.54 -29.87 -10.86
N VAL A 132 -29.79 -31.16 -10.88
CA VAL A 132 -30.64 -31.84 -11.84
C VAL A 132 -31.63 -32.70 -11.15
N THR A 133 -32.64 -33.17 -11.86
CA THR A 133 -33.54 -34.09 -11.23
C THR A 133 -32.78 -35.37 -10.97
N LEU A 134 -32.79 -35.86 -9.75
CA LEU A 134 -32.12 -37.10 -9.41
C LEU A 134 -33.14 -38.20 -9.30
N GLN A 135 -32.79 -39.40 -9.73
CA GLN A 135 -33.68 -40.56 -9.55
C GLN A 135 -33.04 -41.46 -8.51
N CYS A 136 -33.64 -41.57 -7.30
CA CYS A 136 -33.00 -42.25 -6.16
C CYS A 136 -33.82 -43.40 -5.59
N THR A 137 -33.07 -44.38 -5.07
CA THR A 137 -33.54 -45.53 -4.31
C THR A 137 -32.73 -45.59 -3.00
N ASN A 138 -33.19 -46.39 -2.00
CA ASN A 138 -32.51 -46.57 -0.71
C ASN A 138 -31.31 -47.52 -0.82
N VAL A 139 -30.26 -47.29 0.01
CA VAL A 139 -29.12 -48.20 0.15
C VAL A 139 -29.49 -49.22 1.21
N THR A 140 -29.61 -50.48 0.80
CA THR A 140 -30.05 -51.52 1.73
C THR A 140 -29.17 -52.77 1.83
N ASN A 141 -28.20 -52.93 0.93
CA ASN A 141 -27.47 -54.20 0.84
C ASN A 141 -26.65 -54.66 2.05
N ASN A 142 -25.96 -53.75 2.73
CA ASN A 142 -25.14 -54.14 3.86
C ASN A 142 -25.26 -53.15 4.99
N ILE A 143 -26.43 -53.06 5.60
CA ILE A 143 -26.59 -52.00 6.59
C ILE A 143 -27.10 -52.49 7.92
N THR A 144 -26.86 -51.68 8.93
CA THR A 144 -27.52 -51.92 10.21
C THR A 144 -28.84 -51.20 10.20
N ASP A 145 -29.70 -51.45 11.18
CA ASP A 145 -31.00 -50.79 11.19
C ASP A 145 -30.94 -49.30 11.42
N ASP A 146 -29.95 -48.85 12.16
CA ASP A 146 -29.80 -47.44 12.49
C ASP A 146 -29.45 -46.61 11.26
N MET A 147 -28.98 -47.26 10.21
CA MET A 147 -28.63 -46.59 8.99
C MET A 147 -29.66 -46.78 7.90
N ARG A 148 -30.80 -47.35 8.23
CA ARG A 148 -31.78 -47.58 7.21
C ARG A 148 -32.42 -46.27 6.88
N GLY A 149 -32.33 -45.90 5.62
CA GLY A 149 -32.88 -44.64 5.16
C GLY A 149 -31.86 -43.49 5.22
N GLU A 150 -30.67 -43.74 5.78
CA GLU A 150 -29.68 -42.68 5.87
C GLU A 150 -28.94 -42.42 4.57
N LEU A 151 -28.74 -43.46 3.78
CA LEU A 151 -28.04 -43.25 2.53
C LEU A 151 -28.94 -43.54 1.37
N LYS A 152 -28.80 -42.71 0.34
CA LYS A 152 -29.53 -42.92 -0.89
C LYS A 152 -28.59 -43.07 -2.08
N ASN A 153 -28.98 -43.94 -3.01
CA ASN A 153 -28.30 -44.25 -4.27
C ASN A 153 -28.99 -43.51 -5.41
N CYS A 154 -28.36 -42.43 -5.93
CA CYS A 154 -28.95 -41.52 -6.92
C CYS A 154 -28.29 -41.56 -8.29
N SER A 155 -29.11 -41.73 -9.32
CA SER A 155 -28.65 -41.74 -10.70
C SER A 155 -29.07 -40.46 -11.38
N PHE A 156 -28.22 -39.96 -12.26
CA PHE A 156 -28.56 -38.75 -12.99
C PHE A 156 -27.83 -38.58 -14.34
N ASN A 157 -28.40 -37.71 -15.22
CA ASN A 157 -27.87 -37.35 -16.53
C ASN A 157 -27.00 -36.08 -16.44
N MET A 158 -25.66 -36.24 -16.54
CA MET A 158 -24.65 -35.18 -16.38
C MET A 158 -23.76 -34.95 -17.60
N THR A 159 -23.41 -33.70 -17.81
CA THR A 159 -22.59 -33.22 -18.91
C THR A 159 -21.17 -33.79 -18.92
N THR A 160 -20.72 -34.22 -20.08
CA THR A 160 -19.36 -34.75 -20.29
C THR A 160 -18.45 -33.62 -20.71
N GLU A 161 -17.15 -33.86 -20.90
CA GLU A 161 -16.34 -32.72 -21.29
C GLU A 161 -16.82 -32.13 -22.61
N LEU A 162 -17.38 -32.95 -23.50
CA LEU A 162 -17.89 -32.38 -24.72
C LEU A 162 -19.26 -31.82 -24.44
N ARG A 163 -19.52 -30.62 -24.95
CA ARG A 163 -20.79 -29.96 -24.76
C ARG A 163 -21.99 -30.73 -25.28
N ASP A 164 -21.82 -31.48 -26.33
CA ASP A 164 -22.90 -32.20 -26.96
C ASP A 164 -23.10 -33.65 -26.51
N LYS A 165 -22.43 -34.09 -25.44
CA LYS A 165 -22.61 -35.45 -24.95
C LYS A 165 -22.96 -35.48 -23.47
N LYS A 166 -23.71 -36.50 -23.09
CA LYS A 166 -24.11 -36.69 -21.70
C LYS A 166 -23.82 -38.10 -21.27
N GLN A 167 -23.64 -38.27 -19.97
CA GLN A 167 -23.39 -39.59 -19.42
C GLN A 167 -24.30 -39.89 -18.24
N LYS A 168 -24.57 -41.17 -18.05
CA LYS A 168 -25.34 -41.61 -16.91
C LYS A 168 -24.42 -42.04 -15.81
N VAL A 169 -24.50 -41.34 -14.70
CA VAL A 169 -23.63 -41.61 -13.58
C VAL A 169 -24.44 -41.76 -12.35
N TYR A 170 -23.85 -42.32 -11.32
CA TYR A 170 -24.57 -42.37 -10.07
C TYR A 170 -23.62 -42.20 -8.93
N SER A 171 -24.16 -41.78 -7.81
CA SER A 171 -23.39 -41.58 -6.60
C SER A 171 -24.22 -41.74 -5.37
N LEU A 172 -23.56 -41.87 -4.23
CA LEU A 172 -24.32 -41.94 -3.00
C LEU A 172 -24.35 -40.59 -2.35
N PHE A 173 -25.47 -40.29 -1.70
CA PHE A 173 -25.66 -39.08 -0.91
C PHE A 173 -26.24 -39.38 0.44
N TYR A 174 -25.94 -38.52 1.39
CA TYR A 174 -26.52 -38.62 2.71
C TYR A 174 -27.90 -38.01 2.68
N ARG A 175 -28.81 -38.58 3.44
CA ARG A 175 -30.19 -38.14 3.51
C ARG A 175 -30.38 -36.66 3.74
N LEU A 176 -29.53 -36.05 4.55
CA LEU A 176 -29.72 -34.64 4.89
C LEU A 176 -29.43 -33.67 3.77
N ASP A 177 -28.78 -34.12 2.70
CA ASP A 177 -28.46 -33.25 1.59
C ASP A 177 -29.44 -33.40 0.44
N VAL A 178 -30.44 -34.28 0.58
CA VAL A 178 -31.34 -34.55 -0.52
C VAL A 178 -32.82 -34.29 -0.17
N VAL A 179 -33.48 -33.53 -1.02
CA VAL A 179 -34.88 -33.14 -0.83
C VAL A 179 -35.84 -33.77 -1.82
N GLN A 180 -36.90 -34.38 -1.33
CA GLN A 180 -37.85 -35.02 -2.24
C GLN A 180 -38.72 -33.99 -2.94
N ILE A 181 -38.90 -34.19 -4.26
CA ILE A 181 -39.71 -33.28 -5.08
C ILE A 181 -41.23 -33.53 -5.03
N ASN A 182 -41.66 -34.79 -5.23
CA ASN A 182 -43.06 -35.21 -5.29
C ASN A 182 -43.38 -36.03 -4.04
N ASN A 193 -37.76 -44.49 -9.34
CA ASN A 193 -38.47 -44.63 -8.07
C ASN A 193 -39.05 -43.24 -7.66
N LYS A 194 -38.28 -42.40 -6.90
CA LYS A 194 -38.72 -41.07 -6.47
C LYS A 194 -37.74 -40.02 -6.98
N GLU A 195 -38.25 -38.83 -7.25
CA GLU A 195 -37.42 -37.75 -7.77
C GLU A 195 -36.96 -36.81 -6.66
N TYR A 196 -35.68 -36.43 -6.73
CA TYR A 196 -35.02 -35.57 -5.74
C TYR A 196 -34.19 -34.41 -6.27
N ARG A 197 -33.95 -33.43 -5.40
CA ARG A 197 -33.08 -32.28 -5.65
C ARG A 197 -32.05 -32.15 -4.56
N LEU A 198 -30.95 -31.48 -4.83
CA LEU A 198 -30.06 -31.22 -3.73
C LEU A 198 -30.66 -30.09 -2.92
N ILE A 199 -30.38 -30.09 -1.62
CA ILE A 199 -30.94 -29.10 -0.71
C ILE A 199 -30.74 -27.64 -1.08
N ASN A 200 -29.66 -27.28 -1.73
CA ASN A 200 -29.52 -25.87 -2.06
C ASN A 200 -29.95 -25.41 -3.45
N CYS A 201 -30.61 -26.25 -4.28
CA CYS A 201 -31.01 -25.87 -5.64
C CYS A 201 -31.88 -24.62 -5.71
N ASN A 202 -32.79 -24.40 -4.80
CA ASN A 202 -33.58 -23.19 -4.95
C ASN A 202 -33.07 -21.98 -4.10
N THR A 203 -31.89 -22.11 -3.44
CA THR A 203 -31.31 -21.10 -2.55
C THR A 203 -29.95 -20.56 -2.95
N SER A 204 -29.01 -21.42 -3.32
CA SER A 204 -27.68 -20.89 -3.61
C SER A 204 -26.84 -21.74 -4.54
N ALA A 205 -25.68 -21.22 -4.86
CA ALA A 205 -24.71 -21.92 -5.69
C ALA A 205 -23.96 -22.91 -4.83
N ILE A 206 -23.54 -24.01 -5.42
CA ILE A 206 -22.75 -24.96 -4.67
C ILE A 206 -21.37 -25.03 -5.28
N THR A 207 -20.35 -24.81 -4.45
CA THR A 207 -18.96 -24.86 -4.90
C THR A 207 -18.24 -26.00 -4.23
N GLN A 208 -17.52 -26.82 -5.00
CA GLN A 208 -16.82 -27.93 -4.39
C GLN A 208 -15.55 -27.43 -3.77
N ALA A 209 -15.28 -27.82 -2.55
CA ALA A 209 -14.03 -27.39 -1.96
C ALA A 209 -12.91 -28.06 -2.71
N CYS A 210 -11.77 -27.37 -2.91
CA CYS A 210 -10.58 -27.92 -3.55
C CYS A 210 -9.98 -29.03 -2.65
N PRO A 211 -9.74 -30.24 -3.17
CA PRO A 211 -9.29 -31.42 -2.44
C PRO A 211 -7.90 -31.29 -1.85
N LYS A 212 -7.14 -30.32 -2.31
CA LYS A 212 -5.80 -30.12 -1.82
C LYS A 212 -5.72 -29.13 -0.67
N VAL A 213 -6.83 -28.54 -0.29
CA VAL A 213 -6.79 -27.55 0.78
C VAL A 213 -7.34 -28.12 2.05
N SER A 214 -6.49 -28.27 3.05
CA SER A 214 -6.92 -28.85 4.30
C SER A 214 -7.63 -27.85 5.22
N PHE A 215 -8.39 -28.38 6.18
CA PHE A 215 -9.12 -27.57 7.15
C PHE A 215 -8.71 -27.68 8.62
N GLU A 216 -7.78 -28.55 8.98
CA GLU A 216 -7.48 -28.69 10.40
C GLU A 216 -6.94 -27.37 10.91
N PRO A 217 -7.20 -26.97 12.16
CA PRO A 217 -6.75 -25.72 12.73
C PRO A 217 -5.26 -25.66 12.86
N ILE A 218 -4.73 -24.48 12.62
CA ILE A 218 -3.33 -24.15 12.72
C ILE A 218 -3.25 -22.92 13.59
N PRO A 219 -2.47 -22.87 14.66
CA PRO A 219 -2.38 -21.71 15.51
C PRO A 219 -1.99 -20.45 14.74
N ILE A 220 -2.71 -19.37 14.99
CA ILE A 220 -2.45 -18.06 14.41
C ILE A 220 -2.17 -17.11 15.56
N HIS A 221 -1.09 -16.35 15.51
CA HIS A 221 -0.75 -15.41 16.57
C HIS A 221 -1.13 -14.00 16.14
N TYR A 222 -1.77 -13.20 16.99
CA TYR A 222 -2.06 -11.81 16.57
C TYR A 222 -1.04 -10.84 17.14
N CYS A 223 -0.38 -10.05 16.25
CA CYS A 223 0.69 -9.11 16.55
C CYS A 223 0.27 -7.66 16.37
N ALA A 224 0.73 -6.80 17.29
CA ALA A 224 0.46 -5.39 17.19
C ALA A 224 1.58 -4.73 16.37
N PRO A 225 1.28 -3.66 15.62
CA PRO A 225 2.22 -2.85 14.88
C PRO A 225 3.04 -2.02 15.84
N ALA A 226 4.21 -1.58 15.43
CA ALA A 226 5.00 -0.77 16.33
C ALA A 226 4.24 0.46 16.74
N GLY A 227 4.39 0.81 18.00
CA GLY A 227 3.73 1.97 18.58
C GLY A 227 2.54 1.53 19.40
N PHE A 228 2.17 0.28 19.24
CA PHE A 228 1.07 -0.34 19.94
C PHE A 228 1.61 -1.51 20.73
N ALA A 229 0.86 -1.89 21.75
CA ALA A 229 1.26 -3.00 22.58
C ALA A 229 0.06 -3.76 23.03
N ILE A 230 0.24 -5.02 23.40
CA ILE A 230 -0.88 -5.80 23.87
C ILE A 230 -0.74 -6.10 25.34
N LEU A 231 -1.76 -5.76 26.09
CA LEU A 231 -1.72 -6.04 27.51
C LEU A 231 -2.47 -7.30 27.79
N LYS A 232 -1.76 -8.25 28.38
CA LYS A 232 -2.28 -9.56 28.70
C LYS A 232 -2.51 -9.60 30.20
N CYS A 233 -3.72 -9.99 30.68
CA CYS A 233 -3.95 -10.07 32.13
C CYS A 233 -3.95 -11.52 32.60
N LYS A 234 -3.18 -11.74 33.65
CA LYS A 234 -3.01 -13.03 34.28
C LYS A 234 -3.88 -13.27 35.48
N ASP A 235 -4.72 -12.33 35.84
CA ASP A 235 -5.47 -12.52 37.07
C ASP A 235 -6.33 -13.74 36.88
N LYS A 236 -6.08 -14.75 37.68
CA LYS A 236 -6.71 -16.02 37.44
C LYS A 236 -8.12 -16.11 37.98
N LYS A 237 -8.57 -15.04 38.62
CA LYS A 237 -9.95 -14.95 39.09
C LYS A 237 -10.74 -13.96 38.24
N PHE A 238 -10.17 -13.49 37.15
CA PHE A 238 -10.86 -12.52 36.31
C PHE A 238 -12.10 -13.10 35.64
N ASN A 239 -13.26 -12.40 35.80
CA ASN A 239 -14.59 -12.79 35.32
C ASN A 239 -14.99 -12.17 33.96
N GLY A 240 -14.05 -11.52 33.25
CA GLY A 240 -14.26 -10.88 31.95
C GLY A 240 -14.42 -9.37 32.00
N THR A 241 -14.74 -8.79 33.15
CA THR A 241 -14.85 -7.33 33.19
C THR A 241 -14.19 -6.68 34.41
N GLY A 242 -13.85 -5.40 34.25
CA GLY A 242 -13.38 -4.60 35.37
C GLY A 242 -11.88 -4.74 35.59
N PRO A 243 -11.38 -4.24 36.73
CA PRO A 243 -9.99 -4.21 37.11
C PRO A 243 -9.43 -5.62 37.06
N CYS A 244 -8.19 -5.76 36.54
CA CYS A 244 -7.49 -7.04 36.40
C CYS A 244 -5.98 -6.73 36.62
N PRO A 245 -5.52 -6.64 37.89
CA PRO A 245 -4.17 -6.23 38.34
C PRO A 245 -2.91 -6.94 37.82
N SER A 246 -2.95 -8.21 37.49
CA SER A 246 -1.71 -8.87 37.08
C SER A 246 -1.42 -8.71 35.61
N VAL A 247 -1.03 -7.52 35.24
CA VAL A 247 -0.85 -7.18 33.85
C VAL A 247 0.59 -7.31 33.38
N SER A 248 0.76 -7.86 32.20
CA SER A 248 2.08 -7.95 31.59
C SER A 248 1.96 -7.53 30.13
N THR A 249 3.06 -7.13 29.53
CA THR A 249 3.02 -6.70 28.15
C THR A 249 3.71 -7.63 27.19
N VAL A 250 3.04 -7.88 26.09
CA VAL A 250 3.63 -8.68 25.03
C VAL A 250 3.49 -7.89 23.75
N GLN A 251 4.30 -8.21 22.77
CA GLN A 251 4.12 -7.56 21.47
C GLN A 251 3.11 -8.30 20.55
N CYS A 252 3.02 -9.64 20.71
CA CYS A 252 2.23 -10.55 19.91
C CYS A 252 1.76 -11.66 20.85
N THR A 253 0.52 -12.09 20.67
CA THR A 253 -0.11 -13.10 21.51
C THR A 253 0.34 -14.49 21.13
N HIS A 254 -0.02 -15.46 21.96
CA HIS A 254 0.24 -16.86 21.64
C HIS A 254 -0.69 -17.25 20.54
N GLY A 255 -0.52 -18.46 20.01
CA GLY A 255 -1.39 -18.84 18.92
C GLY A 255 -2.76 -19.26 19.39
N ILE A 256 -3.76 -18.97 18.59
CA ILE A 256 -5.12 -19.37 18.81
C ILE A 256 -5.55 -20.25 17.67
N LYS A 257 -6.13 -21.39 17.98
CA LYS A 257 -6.60 -22.25 16.92
C LYS A 257 -7.99 -21.83 16.48
N PRO A 258 -8.24 -21.54 15.19
CA PRO A 258 -9.50 -21.10 14.63
C PRO A 258 -10.46 -22.25 14.46
N VAL A 259 -10.84 -22.86 15.57
CA VAL A 259 -11.73 -24.00 15.56
C VAL A 259 -13.15 -23.49 15.51
N VAL A 260 -13.97 -24.08 14.65
CA VAL A 260 -15.36 -23.68 14.58
C VAL A 260 -16.23 -24.80 15.11
N SER A 261 -17.01 -24.52 16.14
CA SER A 261 -17.87 -25.52 16.75
C SER A 261 -19.04 -24.91 17.47
N THR A 262 -19.98 -25.75 17.83
CA THR A 262 -21.09 -25.32 18.66
C THR A 262 -21.21 -26.19 19.89
N GLN A 263 -21.83 -25.66 20.93
CA GLN A 263 -22.12 -26.32 22.22
C GLN A 263 -20.87 -26.65 23.02
N LEU A 264 -20.01 -27.49 22.47
CA LEU A 264 -18.78 -27.80 23.14
C LEU A 264 -17.65 -27.07 22.47
N LEU A 265 -16.77 -26.54 23.29
CA LEU A 265 -15.61 -25.82 22.84
C LEU A 265 -14.47 -26.80 22.81
N LEU A 266 -13.89 -26.99 21.64
CA LEU A 266 -12.82 -27.96 21.53
C LEU A 266 -11.47 -27.31 21.30
N ASN A 267 -10.40 -27.96 21.81
CA ASN A 267 -8.97 -27.66 21.67
C ASN A 267 -8.58 -26.20 22.02
N GLY A 268 -9.18 -25.62 23.08
CA GLY A 268 -8.89 -24.26 23.56
C GLY A 268 -7.94 -24.27 24.73
N SER A 269 -7.86 -23.13 25.39
CA SER A 269 -7.00 -22.97 26.55
C SER A 269 -7.72 -23.45 27.78
N LEU A 270 -6.98 -23.84 28.79
CA LEU A 270 -7.59 -24.24 30.05
C LEU A 270 -7.45 -23.20 31.13
N ALA A 271 -8.40 -23.25 32.05
CA ALA A 271 -8.43 -22.46 33.26
C ALA A 271 -7.51 -23.14 34.23
N GLU A 272 -7.16 -22.50 35.34
CA GLU A 272 -6.28 -23.18 36.28
C GLU A 272 -6.81 -23.21 37.71
N GLU A 273 -6.92 -22.03 38.31
CA GLU A 273 -7.31 -21.88 39.72
C GLU A 273 -8.69 -22.43 40.00
N GLU A 274 -9.60 -22.28 39.06
CA GLU A 274 -10.92 -22.83 39.24
C GLU A 274 -11.57 -22.94 37.88
N VAL A 275 -12.76 -23.50 37.82
CA VAL A 275 -13.53 -23.48 36.61
C VAL A 275 -14.04 -22.08 36.50
N MET A 276 -13.90 -21.46 35.36
CA MET A 276 -14.36 -20.09 35.27
C MET A 276 -15.66 -19.98 34.57
N ILE A 277 -16.56 -19.20 35.13
CA ILE A 277 -17.84 -19.00 34.51
C ILE A 277 -17.97 -17.54 34.18
N ARG A 278 -18.17 -17.23 32.92
CA ARG A 278 -18.22 -15.83 32.54
C ARG A 278 -19.43 -15.52 31.70
N SER A 279 -20.01 -14.35 31.90
CA SER A 279 -21.13 -13.91 31.08
C SER A 279 -21.16 -12.42 31.07
N GLU A 280 -21.84 -11.84 30.09
CA GLU A 280 -22.00 -10.40 30.05
C GLU A 280 -22.88 -9.92 31.19
N ASN A 281 -23.91 -10.71 31.48
CA ASN A 281 -24.85 -10.42 32.54
C ASN A 281 -25.48 -11.71 33.04
N ILE A 282 -25.13 -12.11 34.25
CA ILE A 282 -25.59 -13.37 34.81
C ILE A 282 -27.09 -13.45 34.92
N THR A 283 -27.73 -12.35 35.25
CA THR A 283 -29.16 -12.37 35.49
C THR A 283 -29.96 -12.12 34.23
N ASN A 284 -29.31 -11.96 33.10
CA ASN A 284 -30.01 -11.71 31.85
C ASN A 284 -30.13 -13.03 31.09
N ASN A 285 -31.33 -13.59 30.99
CA ASN A 285 -31.47 -14.90 30.38
C ASN A 285 -31.32 -14.90 28.86
N ALA A 286 -31.11 -13.74 28.28
CA ALA A 286 -30.88 -13.64 26.85
C ALA A 286 -29.40 -13.78 26.52
N LYS A 287 -28.55 -13.88 27.53
CA LYS A 287 -27.10 -13.96 27.29
C LYS A 287 -26.54 -15.36 27.45
N ASN A 288 -25.41 -15.61 26.80
CA ASN A 288 -24.77 -16.91 26.92
C ASN A 288 -23.81 -16.92 28.09
N ILE A 289 -23.59 -18.10 28.64
CA ILE A 289 -22.63 -18.33 29.69
C ILE A 289 -21.50 -19.17 29.16
N LEU A 290 -20.28 -18.69 29.27
CA LEU A 290 -19.15 -19.44 28.80
C LEU A 290 -18.47 -20.11 29.96
N VAL A 291 -18.34 -21.42 29.89
CA VAL A 291 -17.72 -22.15 30.97
C VAL A 291 -16.39 -22.72 30.52
N GLN A 292 -15.33 -22.36 31.24
CA GLN A 292 -14.00 -22.82 30.91
C GLN A 292 -13.46 -23.81 31.92
N PHE A 293 -13.17 -25.00 31.45
CA PHE A 293 -12.72 -26.08 32.30
C PHE A 293 -11.27 -25.91 32.66
N ASN A 294 -10.85 -26.42 33.80
CA ASN A 294 -9.43 -26.39 34.11
C ASN A 294 -8.76 -27.72 33.84
N THR A 295 -9.52 -28.66 33.31
CA THR A 295 -9.03 -29.97 32.91
C THR A 295 -9.71 -30.30 31.60
N PRO A 296 -9.08 -31.01 30.67
CA PRO A 296 -9.69 -31.44 29.44
C PRO A 296 -10.59 -32.64 29.66
N VAL A 297 -11.59 -32.81 28.80
CA VAL A 297 -12.36 -34.05 28.78
C VAL A 297 -12.12 -34.69 27.41
N GLN A 298 -11.63 -35.91 27.37
CA GLN A 298 -11.30 -36.47 26.07
C GLN A 298 -12.45 -37.16 25.36
N ILE A 299 -12.56 -36.88 24.06
CA ILE A 299 -13.53 -37.56 23.20
C ILE A 299 -12.82 -38.18 21.98
N ASN A 300 -13.43 -39.27 21.43
CA ASN A 300 -12.99 -40.06 20.28
C ASN A 300 -14.17 -40.26 19.30
N CYS A 301 -14.06 -39.74 18.06
CA CYS A 301 -15.12 -39.79 17.03
C CYS A 301 -14.68 -40.63 15.84
N THR A 302 -15.64 -41.31 15.21
CA THR A 302 -15.31 -42.10 14.03
C THR A 302 -16.36 -42.11 12.91
N ARG A 303 -15.87 -42.32 11.67
CA ARG A 303 -16.71 -42.38 10.47
C ARG A 303 -17.89 -43.37 10.57
N PRO A 304 -17.70 -44.67 10.91
CA PRO A 304 -16.54 -45.56 10.91
C PRO A 304 -16.41 -46.34 9.59
N ASN A 305 -17.28 -46.06 8.63
CA ASN A 305 -17.38 -46.81 7.38
C ASN A 305 -16.16 -46.57 6.50
N ASN A 306 -15.72 -47.59 5.72
CA ASN A 306 -14.60 -47.51 4.77
C ASN A 306 -15.11 -47.04 3.39
N ASN A 307 -14.93 -45.74 3.07
CA ASN A 307 -15.45 -45.11 1.85
C ASN A 307 -14.47 -45.13 0.69
N THR A 308 -15.02 -45.07 -0.53
CA THR A 308 -14.23 -44.96 -1.74
C THR A 308 -14.66 -43.71 -2.47
N ARG A 309 -13.83 -43.24 -3.39
CA ARG A 309 -14.16 -42.03 -4.13
C ARG A 309 -13.89 -42.17 -5.61
N LYS A 310 -14.73 -41.54 -6.43
CA LYS A 310 -14.47 -41.55 -7.87
C LYS A 310 -14.65 -40.17 -8.49
N SER A 311 -13.90 -39.90 -9.56
CA SER A 311 -14.00 -38.62 -10.22
C SER A 311 -14.87 -38.67 -11.47
N ILE A 312 -15.70 -37.67 -11.63
CA ILE A 312 -16.53 -37.53 -12.81
C ILE A 312 -16.17 -36.24 -13.54
N ARG A 313 -15.81 -36.32 -14.81
CA ARG A 313 -15.53 -35.07 -15.50
C ARG A 313 -16.84 -34.42 -15.80
N ILE A 314 -16.95 -33.12 -15.55
CA ILE A 314 -18.21 -32.42 -15.78
C ILE A 314 -18.08 -31.27 -16.75
N GLY A 315 -16.96 -31.20 -17.40
CA GLY A 315 -16.64 -30.15 -18.34
C GLY A 315 -15.13 -30.16 -18.51
N PRO A 316 -14.57 -29.50 -19.50
CA PRO A 316 -13.15 -29.50 -19.73
C PRO A 316 -12.42 -28.97 -18.53
N GLY A 317 -11.48 -29.75 -18.03
CA GLY A 317 -10.63 -29.33 -16.93
C GLY A 317 -11.29 -29.40 -15.56
N GLN A 318 -12.51 -29.92 -15.48
CA GLN A 318 -13.19 -29.90 -14.20
C GLN A 318 -13.77 -31.23 -13.79
N ALA A 319 -13.73 -31.53 -12.50
CA ALA A 319 -14.32 -32.78 -12.04
C ALA A 319 -14.94 -32.65 -10.68
N PHE A 320 -15.97 -33.45 -10.54
CA PHE A 320 -16.76 -33.63 -9.35
C PHE A 320 -16.36 -34.89 -8.65
N TYR A 321 -16.24 -34.81 -7.34
CA TYR A 321 -15.90 -36.01 -6.60
C TYR A 321 -17.14 -36.60 -6.00
N ALA A 322 -17.44 -37.80 -6.43
CA ALA A 322 -18.63 -38.48 -6.02
C ALA A 322 -18.33 -39.50 -4.96
N THR A 323 -19.27 -39.71 -4.06
CA THR A 323 -19.13 -40.77 -3.09
C THR A 323 -19.32 -42.05 -3.85
N GLY A 324 -18.38 -42.98 -3.68
CA GLY A 324 -18.42 -44.25 -4.37
C GLY A 324 -19.10 -45.28 -3.51
N ASP A 325 -18.80 -46.54 -3.71
CA ASP A 325 -19.49 -47.55 -2.92
C ASP A 325 -18.77 -47.66 -1.57
N ILE A 326 -19.28 -48.52 -0.70
CA ILE A 326 -18.74 -48.72 0.63
C ILE A 326 -18.23 -50.12 0.84
N ILE A 327 -17.04 -50.23 1.39
CA ILE A 327 -16.44 -51.51 1.62
C ILE A 327 -16.78 -51.99 3.00
N GLY A 328 -17.40 -53.15 3.08
CA GLY A 328 -17.81 -53.69 4.37
C GLY A 328 -19.16 -53.13 4.77
N ASP A 329 -19.55 -53.38 6.00
CA ASP A 329 -20.85 -52.98 6.51
C ASP A 329 -20.97 -51.50 6.75
N ILE A 330 -22.19 -50.99 6.66
CA ILE A 330 -22.49 -49.61 6.92
C ILE A 330 -23.07 -49.43 8.32
N ARG A 331 -22.36 -48.67 9.13
CA ARG A 331 -22.68 -48.41 10.52
C ARG A 331 -22.81 -46.93 10.76
N GLN A 332 -23.45 -46.56 11.86
CA GLN A 332 -23.66 -45.15 12.17
C GLN A 332 -22.45 -44.48 12.77
N ALA A 333 -22.20 -43.24 12.34
CA ALA A 333 -21.12 -42.41 12.86
C ALA A 333 -21.40 -42.11 14.31
N HIS A 334 -20.35 -42.03 15.10
CA HIS A 334 -20.56 -41.74 16.52
C HIS A 334 -19.33 -41.18 17.21
N CYS A 335 -19.56 -40.55 18.39
CA CYS A 335 -18.51 -40.04 19.30
C CYS A 335 -18.67 -40.61 20.69
N ASN A 336 -17.53 -40.96 21.29
CA ASN A 336 -17.47 -41.44 22.66
C ASN A 336 -16.76 -40.43 23.55
N VAL A 337 -17.27 -40.23 24.78
CA VAL A 337 -16.64 -39.39 25.82
C VAL A 337 -16.42 -40.24 27.04
N SER A 338 -15.28 -40.10 27.68
CA SER A 338 -15.11 -40.95 28.87
C SER A 338 -16.21 -40.60 29.87
N LYS A 339 -16.91 -41.60 30.42
CA LYS A 339 -18.02 -41.28 31.30
C LYS A 339 -17.61 -40.73 32.62
N ALA A 340 -16.62 -41.32 33.26
CA ALA A 340 -16.25 -40.84 34.58
C ALA A 340 -15.73 -39.42 34.52
N THR A 341 -14.99 -39.11 33.46
CA THR A 341 -14.44 -37.79 33.35
C THR A 341 -15.56 -36.79 33.17
N TRP A 342 -16.52 -37.09 32.30
CA TRP A 342 -17.63 -36.15 32.12
C TRP A 342 -18.40 -35.93 33.42
N ASN A 343 -18.69 -37.01 34.20
CA ASN A 343 -19.44 -37.03 35.46
C ASN A 343 -18.81 -36.09 36.50
N GLU A 344 -17.47 -36.16 36.68
CA GLU A 344 -16.71 -35.34 37.62
C GLU A 344 -16.61 -33.89 37.16
N THR A 345 -16.39 -33.69 35.86
CA THR A 345 -16.23 -32.36 35.32
C THR A 345 -17.52 -31.58 35.46
N LEU A 346 -18.63 -32.22 35.20
CA LEU A 346 -19.87 -31.51 35.27
C LEU A 346 -20.13 -31.12 36.72
N GLY A 347 -19.79 -31.99 37.67
CA GLY A 347 -20.00 -31.65 39.07
C GLY A 347 -19.19 -30.40 39.47
N LYS A 348 -17.97 -30.27 38.94
CA LYS A 348 -17.16 -29.09 39.24
C LYS A 348 -17.85 -27.82 38.74
N VAL A 349 -18.43 -27.91 37.54
CA VAL A 349 -19.10 -26.74 36.98
C VAL A 349 -20.24 -26.35 37.86
N VAL A 350 -21.02 -27.32 38.32
CA VAL A 350 -22.15 -27.00 39.17
C VAL A 350 -21.74 -26.35 40.47
N LYS A 351 -20.71 -26.87 41.13
CA LYS A 351 -20.33 -26.26 42.39
C LYS A 351 -20.04 -24.79 42.23
N GLN A 352 -19.29 -24.45 41.17
CA GLN A 352 -18.95 -23.06 40.92
C GLN A 352 -20.13 -22.24 40.41
N LEU A 353 -21.00 -22.83 39.61
CA LEU A 353 -22.14 -22.15 39.02
C LEU A 353 -23.09 -21.69 40.12
N ARG A 354 -23.24 -22.52 41.16
CA ARG A 354 -24.10 -22.20 42.29
C ARG A 354 -23.69 -20.94 43.03
N LYS A 355 -22.45 -20.51 42.92
CA LYS A 355 -22.04 -19.33 43.68
C LYS A 355 -22.78 -18.09 43.25
N HIS A 356 -23.39 -18.12 42.07
CA HIS A 356 -24.11 -16.96 41.60
C HIS A 356 -25.62 -17.08 41.81
N PHE A 357 -26.07 -18.19 42.41
CA PHE A 357 -27.50 -18.43 42.63
C PHE A 357 -27.85 -18.70 44.09
N GLY A 358 -26.93 -19.32 44.83
CA GLY A 358 -27.16 -19.68 46.23
C GLY A 358 -26.91 -21.16 46.50
N ASN A 359 -26.67 -21.49 47.77
CA ASN A 359 -26.35 -22.86 48.14
C ASN A 359 -27.56 -23.76 48.27
N ASN A 360 -28.73 -23.18 48.05
CA ASN A 360 -29.97 -23.91 48.09
C ASN A 360 -30.59 -23.98 46.70
N THR A 361 -29.79 -23.67 45.67
CA THR A 361 -30.27 -23.73 44.29
C THR A 361 -29.90 -25.06 43.64
N ILE A 362 -30.89 -25.67 43.03
CA ILE A 362 -30.76 -26.92 42.31
C ILE A 362 -30.42 -26.65 40.87
N ILE A 363 -29.43 -27.34 40.36
CA ILE A 363 -29.06 -27.13 38.96
C ILE A 363 -29.35 -28.30 38.06
N ARG A 364 -30.15 -28.03 37.03
CA ARG A 364 -30.57 -29.03 36.06
C ARG A 364 -30.07 -28.67 34.67
N PHE A 365 -29.58 -29.67 33.93
CA PHE A 365 -29.06 -29.41 32.58
C PHE A 365 -30.01 -29.79 31.45
N ALA A 366 -31.16 -30.27 31.82
CA ALA A 366 -32.25 -30.58 30.90
C ALA A 366 -31.81 -31.33 29.61
N ASN A 367 -31.92 -30.68 28.43
CA ASN A 367 -31.68 -31.19 27.08
C ASN A 367 -31.48 -29.98 26.15
N SER A 368 -31.15 -30.21 24.87
CA SER A 368 -31.02 -29.20 23.80
C SER A 368 -32.39 -28.54 23.53
N SER A 369 -32.39 -27.24 23.22
CA SER A 369 -33.62 -26.46 23.06
C SER A 369 -34.52 -26.70 21.84
N GLY A 370 -33.99 -27.27 20.77
CA GLY A 370 -34.80 -27.50 19.56
C GLY A 370 -34.57 -26.47 18.46
N GLY A 371 -34.76 -26.88 17.20
CA GLY A 371 -34.50 -26.00 16.06
C GLY A 371 -33.71 -26.75 14.99
N ASP A 372 -33.08 -25.99 14.09
CA ASP A 372 -32.29 -26.53 12.98
C ASP A 372 -31.06 -27.24 13.53
N LEU A 373 -30.50 -28.21 12.80
CA LEU A 373 -29.37 -28.96 13.36
C LEU A 373 -28.19 -28.09 13.73
N GLU A 374 -27.94 -27.04 12.98
CA GLU A 374 -26.78 -26.19 13.23
C GLU A 374 -26.78 -25.55 14.62
N VAL A 375 -27.95 -25.46 15.26
CA VAL A 375 -28.06 -24.87 16.58
C VAL A 375 -28.60 -25.82 17.66
N THR A 376 -28.81 -27.10 17.31
CA THR A 376 -29.34 -28.05 18.30
C THR A 376 -28.37 -29.16 18.60
N THR A 377 -27.45 -29.39 17.68
CA THR A 377 -26.48 -30.45 17.78
C THR A 377 -25.10 -29.90 17.95
N HIS A 378 -24.17 -30.78 18.19
CA HIS A 378 -22.77 -30.41 18.30
C HIS A 378 -22.15 -30.40 16.95
N SER A 379 -21.90 -29.21 16.44
CA SER A 379 -21.30 -29.06 15.13
C SER A 379 -19.83 -29.25 15.33
N PHE A 380 -19.32 -30.25 14.68
CA PHE A 380 -17.95 -30.70 14.79
C PHE A 380 -17.27 -30.90 13.43
N ASN A 381 -16.20 -30.16 13.21
CA ASN A 381 -15.46 -30.20 11.96
C ASN A 381 -14.17 -30.96 12.14
N CYS A 382 -14.06 -32.21 11.59
CA CYS A 382 -12.86 -33.03 11.81
C CYS A 382 -12.64 -34.05 10.70
N GLY A 383 -11.41 -34.09 10.23
CA GLY A 383 -10.99 -35.08 9.25
C GLY A 383 -11.38 -34.67 7.85
N GLY A 384 -12.03 -33.51 7.74
CA GLY A 384 -12.55 -33.00 6.49
C GLY A 384 -14.05 -33.28 6.38
N GLU A 385 -14.63 -33.91 7.41
CA GLU A 385 -16.05 -34.20 7.48
C GLU A 385 -16.79 -33.28 8.43
N PHE A 386 -18.07 -33.13 8.18
CA PHE A 386 -18.90 -32.30 9.02
C PHE A 386 -19.93 -33.12 9.76
N PHE A 387 -19.73 -33.19 11.07
CA PHE A 387 -20.53 -33.98 11.97
C PHE A 387 -21.54 -33.12 12.74
N TYR A 388 -22.71 -33.68 12.97
CA TYR A 388 -23.79 -33.09 13.75
C TYR A 388 -24.25 -34.09 14.82
N CYS A 389 -23.62 -34.06 16.02
CA CYS A 389 -23.78 -35.10 17.05
C CYS A 389 -24.85 -34.75 18.10
N ASN A 390 -25.52 -35.79 18.60
CA ASN A 390 -26.60 -35.69 19.57
C ASN A 390 -26.09 -35.65 21.03
N THR A 391 -26.09 -34.46 21.64
CA THR A 391 -25.54 -34.18 22.96
C THR A 391 -26.51 -34.41 24.08
N SER A 392 -27.70 -34.93 23.76
CA SER A 392 -28.66 -35.20 24.81
C SER A 392 -28.14 -36.31 25.69
N GLY A 393 -27.16 -37.07 25.20
CA GLY A 393 -26.62 -38.13 26.02
C GLY A 393 -25.65 -37.61 27.09
N LEU A 394 -25.30 -36.33 27.03
CA LEU A 394 -24.36 -35.75 28.00
C LEU A 394 -25.09 -34.89 29.01
N PHE A 395 -25.91 -34.00 28.52
CA PHE A 395 -26.58 -33.04 29.40
C PHE A 395 -27.88 -33.59 29.95
N ASN A 396 -27.79 -34.61 30.83
CA ASN A 396 -28.94 -35.33 31.38
C ASN A 396 -28.77 -35.61 32.88
N SER A 397 -28.81 -34.55 33.72
CA SER A 397 -28.67 -34.65 35.19
C SER A 397 -29.31 -33.50 35.94
N THR A 398 -29.62 -33.77 37.21
CA THR A 398 -30.10 -32.79 38.16
C THR A 398 -29.23 -32.89 39.41
N TRP A 399 -28.68 -31.76 39.84
CA TRP A 399 -27.79 -31.70 40.98
C TRP A 399 -28.41 -31.03 42.20
N ILE A 400 -28.63 -31.83 43.25
CA ILE A 400 -29.29 -31.33 44.46
C ILE A 400 -28.40 -31.44 45.71
N SER A 401 -28.25 -30.31 46.46
CA SER A 401 -27.48 -30.11 47.72
C SER A 401 -26.02 -29.70 47.48
N ASP A 415 -16.74 -46.80 32.06
CA ASP A 415 -17.55 -46.89 30.86
C ASP A 415 -17.46 -45.58 30.05
N SER A 416 -18.15 -45.54 28.88
CA SER A 416 -18.18 -44.39 27.97
C SER A 416 -19.61 -44.03 27.64
N ILE A 417 -19.80 -42.78 27.28
CA ILE A 417 -21.10 -42.33 26.80
C ILE A 417 -21.03 -42.22 25.31
N THR A 418 -21.92 -42.90 24.61
CA THR A 418 -21.92 -42.85 23.16
C THR A 418 -22.98 -41.90 22.66
N LEU A 419 -22.56 -41.00 21.82
CA LEU A 419 -23.42 -40.01 21.21
C LEU A 419 -23.60 -40.36 19.72
N PRO A 420 -24.79 -40.79 19.27
CA PRO A 420 -25.07 -41.09 17.88
C PRO A 420 -24.81 -39.80 17.16
N CYS A 421 -24.32 -39.83 15.90
CA CYS A 421 -23.98 -38.62 15.15
C CYS A 421 -24.29 -38.74 13.65
N ARG A 422 -24.75 -37.63 13.04
CA ARG A 422 -25.07 -37.56 11.62
C ARG A 422 -24.01 -36.83 10.80
N ILE A 423 -23.94 -37.11 9.50
CA ILE A 423 -22.99 -36.45 8.60
C ILE A 423 -23.63 -35.73 7.42
N LYS A 424 -23.18 -34.50 7.13
CA LYS A 424 -23.69 -33.74 5.97
C LYS A 424 -22.56 -33.39 5.02
N GLN A 425 -22.84 -33.33 3.72
CA GLN A 425 -21.85 -32.87 2.77
C GLN A 425 -22.06 -31.43 2.31
N ILE A 426 -23.29 -30.90 2.37
CA ILE A 426 -23.49 -29.54 1.90
C ILE A 426 -23.59 -28.60 3.10
N ILE A 427 -22.58 -27.75 3.22
CA ILE A 427 -22.40 -26.92 4.40
C ILE A 427 -22.54 -25.41 4.23
N ASN A 428 -23.44 -24.81 5.00
CA ASN A 428 -23.60 -23.35 5.01
C ASN A 428 -22.77 -22.86 6.19
N MET A 429 -21.48 -22.65 5.99
CA MET A 429 -20.61 -22.46 7.14
C MET A 429 -20.86 -21.27 8.03
N TRP A 430 -21.27 -20.14 7.48
CA TRP A 430 -21.39 -18.99 8.35
C TRP A 430 -22.81 -18.58 8.71
N GLN A 431 -23.76 -19.51 8.62
CA GLN A 431 -25.14 -19.23 9.00
C GLN A 431 -25.69 -18.01 8.28
N ARG A 432 -25.43 -17.96 6.99
CA ARG A 432 -25.86 -16.91 6.12
C ARG A 432 -26.33 -17.50 4.83
N ILE A 433 -27.12 -16.76 4.08
CA ILE A 433 -27.44 -17.24 2.76
C ILE A 433 -26.38 -16.67 1.85
N GLY A 434 -25.69 -17.56 1.20
CA GLY A 434 -24.57 -17.22 0.35
C GLY A 434 -24.05 -18.52 -0.20
N GLN A 435 -22.90 -18.49 -0.81
CA GLN A 435 -22.38 -19.71 -1.43
C GLN A 435 -22.25 -20.83 -0.42
N ALA A 436 -22.69 -22.02 -0.81
CA ALA A 436 -22.59 -23.19 0.03
C ALA A 436 -21.40 -24.01 -0.38
N MET A 437 -20.80 -24.70 0.56
CA MET A 437 -19.67 -25.53 0.22
C MET A 437 -20.02 -26.99 0.15
N TYR A 438 -19.50 -27.68 -0.85
CA TYR A 438 -19.66 -29.11 -0.92
C TYR A 438 -18.39 -29.78 -0.48
N ALA A 439 -18.52 -30.62 0.53
CA ALA A 439 -17.38 -31.32 1.05
C ALA A 439 -17.17 -32.57 0.22
N PRO A 440 -16.04 -32.77 -0.44
CA PRO A 440 -15.83 -33.90 -1.27
C PRO A 440 -15.70 -35.06 -0.32
N PRO A 441 -15.99 -36.28 -0.72
CA PRO A 441 -15.81 -37.49 0.02
C PRO A 441 -14.36 -37.73 0.31
N ILE A 442 -14.11 -38.39 1.43
CA ILE A 442 -12.78 -38.78 1.84
C ILE A 442 -12.72 -40.29 1.97
N GLN A 443 -11.72 -40.89 1.35
CA GLN A 443 -11.57 -42.33 1.35
C GLN A 443 -11.03 -42.86 2.65
N GLY A 444 -11.35 -44.11 2.94
CA GLY A 444 -10.85 -44.75 4.13
C GLY A 444 -11.72 -44.43 5.32
N VAL A 445 -11.11 -44.49 6.50
CA VAL A 445 -11.83 -44.31 7.74
C VAL A 445 -11.24 -43.19 8.56
N ILE A 446 -12.11 -42.31 9.01
CA ILE A 446 -11.74 -41.17 9.84
C ILE A 446 -11.79 -41.53 11.30
N ARG A 447 -10.73 -41.14 11.99
CA ARG A 447 -10.61 -41.29 13.42
C ARG A 447 -10.13 -39.95 13.97
N CYS A 448 -10.90 -39.36 14.91
CA CYS A 448 -10.62 -38.06 15.53
C CYS A 448 -10.49 -38.18 17.03
N VAL A 449 -9.51 -37.48 17.56
CA VAL A 449 -9.32 -37.41 19.00
C VAL A 449 -9.23 -35.94 19.35
N SER A 450 -9.99 -35.51 20.33
CA SER A 450 -9.95 -34.09 20.69
C SER A 450 -10.24 -33.84 22.17
N ASN A 451 -9.89 -32.63 22.65
CA ASN A 451 -10.10 -32.17 24.03
C ASN A 451 -11.28 -31.21 24.13
N ILE A 452 -12.26 -31.48 25.03
CA ILE A 452 -13.33 -30.53 25.33
C ILE A 452 -12.70 -29.66 26.39
N THR A 453 -12.63 -28.37 26.13
CA THR A 453 -12.01 -27.44 27.04
C THR A 453 -13.04 -26.55 27.68
N GLY A 454 -14.26 -26.62 27.17
CA GLY A 454 -15.30 -25.82 27.76
C GLY A 454 -16.61 -26.04 27.06
N LEU A 455 -17.60 -25.29 27.48
CA LEU A 455 -18.92 -25.43 26.91
C LEU A 455 -19.72 -24.17 26.99
N ILE A 456 -20.76 -24.10 26.19
CA ILE A 456 -21.65 -22.97 26.22
C ILE A 456 -22.97 -23.36 26.80
N LEU A 457 -23.42 -22.61 27.77
CA LEU A 457 -24.72 -22.83 28.39
C LEU A 457 -25.61 -21.61 28.27
N THR A 458 -26.91 -21.81 28.19
CA THR A 458 -27.85 -20.70 28.30
C THR A 458 -28.75 -21.06 29.44
N ARG A 459 -29.45 -20.08 30.00
CA ARG A 459 -30.32 -20.38 31.13
C ARG A 459 -31.76 -19.96 30.82
N ASP A 460 -32.76 -20.80 31.20
CA ASP A 460 -34.20 -20.55 30.99
C ASP A 460 -34.63 -19.28 31.74
N SER A 466 -39.30 -22.26 41.56
CA SER A 466 -38.29 -21.21 41.66
C SER A 466 -36.97 -21.64 42.37
N THR A 467 -36.84 -22.93 42.78
CA THR A 467 -35.68 -23.51 43.48
C THR A 467 -34.71 -24.17 42.51
N THR A 468 -35.15 -24.37 41.28
CA THR A 468 -34.32 -25.04 40.29
C THR A 468 -34.09 -24.16 39.08
N GLU A 469 -32.82 -24.05 38.72
CA GLU A 469 -32.41 -23.31 37.54
C GLU A 469 -32.14 -24.31 36.44
N THR A 470 -32.54 -23.98 35.23
CA THR A 470 -32.31 -24.88 34.11
C THR A 470 -31.38 -24.29 33.08
N PHE A 471 -30.36 -25.08 32.76
CA PHE A 471 -29.36 -24.72 31.80
C PHE A 471 -29.43 -25.63 30.61
N ARG A 472 -29.15 -25.12 29.43
CA ARG A 472 -29.19 -25.93 28.22
C ARG A 472 -27.96 -25.63 27.39
N PRO A 473 -27.45 -26.55 26.57
CA PRO A 473 -26.34 -26.31 25.66
C PRO A 473 -26.47 -25.07 24.80
N GLY A 474 -27.65 -24.76 24.32
CA GLY A 474 -27.75 -23.52 23.57
C GLY A 474 -26.68 -23.46 22.48
N GLY A 475 -25.95 -22.35 22.50
CA GLY A 475 -24.86 -22.07 21.59
C GLY A 475 -25.35 -21.70 20.22
N GLY A 476 -24.45 -21.82 19.25
CA GLY A 476 -24.70 -21.51 17.85
C GLY A 476 -24.20 -20.13 17.43
N ASP A 477 -23.87 -19.29 18.38
CA ASP A 477 -23.40 -17.97 18.02
C ASP A 477 -22.00 -17.92 17.49
N MET A 478 -21.80 -17.05 16.51
CA MET A 478 -20.48 -16.76 15.99
C MET A 478 -19.99 -15.59 16.80
N ARG A 479 -18.71 -15.22 16.66
CA ARG A 479 -18.14 -14.15 17.47
C ARG A 479 -18.31 -14.57 18.92
N ASP A 480 -18.05 -15.85 19.09
CA ASP A 480 -18.08 -16.58 20.31
C ASP A 480 -17.02 -17.59 20.06
N ASN A 481 -16.75 -18.46 21.01
CA ASN A 481 -15.68 -19.46 20.93
C ASN A 481 -14.30 -18.83 21.00
N TRP A 482 -13.99 -17.97 20.02
CA TRP A 482 -12.74 -17.23 19.96
C TRP A 482 -12.73 -16.22 21.07
N ARG A 483 -13.92 -15.85 21.49
CA ARG A 483 -14.13 -14.93 22.57
C ARG A 483 -13.56 -15.51 23.86
N SER A 484 -13.43 -16.85 23.95
CA SER A 484 -12.91 -17.50 25.14
C SER A 484 -11.39 -17.58 25.12
N GLU A 485 -10.78 -17.18 24.02
CA GLU A 485 -9.33 -17.19 23.89
C GLU A 485 -8.79 -15.76 23.96
N LEU A 486 -9.56 -14.81 23.45
CA LEU A 486 -9.14 -13.42 23.41
C LEU A 486 -9.54 -12.59 24.62
N TYR A 487 -10.18 -13.19 25.60
CA TYR A 487 -10.66 -12.46 26.77
C TYR A 487 -9.54 -11.88 27.60
N LYS A 488 -8.35 -12.41 27.44
CA LYS A 488 -7.20 -11.99 28.20
C LYS A 488 -6.50 -10.79 27.61
N TYR A 489 -6.85 -10.37 26.40
CA TYR A 489 -6.05 -9.32 25.78
C TYR A 489 -6.73 -8.01 25.48
N LYS A 490 -5.95 -6.94 25.62
CA LYS A 490 -6.41 -5.60 25.27
C LYS A 490 -5.36 -4.88 24.43
N VAL A 491 -5.79 -4.10 23.44
CA VAL A 491 -4.82 -3.36 22.64
C VAL A 491 -4.73 -1.91 23.08
N VAL A 492 -3.50 -1.44 23.33
CA VAL A 492 -3.34 -0.05 23.73
C VAL A 492 -2.34 0.66 22.85
N LYS A 493 -2.46 1.99 22.83
CA LYS A 493 -1.61 2.88 22.05
C LYS A 493 -0.62 3.63 22.91
N ILE A 494 0.65 3.56 22.56
CA ILE A 494 1.68 4.21 23.33
C ILE A 494 1.77 5.67 22.94
N GLU A 495 1.83 6.54 23.95
CA GLU A 495 1.94 7.99 23.75
C GLU A 495 3.17 8.58 24.44
N PRO A 496 4.34 8.57 23.78
CA PRO A 496 5.64 8.96 24.28
C PRO A 496 5.84 10.38 24.75
N LEU A 497 5.01 11.34 24.35
CA LEU A 497 5.25 12.71 24.78
C LEU A 497 4.42 13.13 25.95
N GLY A 498 5.01 13.95 26.78
CA GLY A 498 4.31 14.56 27.89
C GLY A 498 5.18 15.63 28.52
N VAL A 499 4.58 16.41 29.39
CA VAL A 499 5.33 17.48 30.02
C VAL A 499 5.13 17.47 31.50
N ALA A 500 6.03 18.13 32.23
CA ALA A 500 5.91 18.31 33.66
C ALA A 500 6.75 19.52 34.07
N PRO A 501 6.44 20.23 35.17
CA PRO A 501 7.23 21.29 35.73
C PRO A 501 8.45 20.79 36.45
N THR A 502 9.50 21.61 36.44
CA THR A 502 10.74 21.41 37.18
C THR A 502 11.43 22.75 37.45
N ARG A 503 12.70 22.73 37.84
CA ARG A 503 13.42 23.97 38.17
C ARG A 503 14.56 24.43 37.22
N CYS A 504 14.55 23.98 35.95
CA CYS A 504 15.56 24.31 34.93
C CYS A 504 15.05 25.41 33.98
N LYS A 505 16.00 26.06 33.33
CA LYS A 505 15.73 27.01 32.23
C LYS A 505 16.88 26.91 31.22
N ARG A 506 16.72 27.41 29.97
CA ARG A 506 17.78 27.38 28.95
C ARG A 506 18.90 28.40 29.28
N LEU B 9 14.49 -2.88 33.23
CA LEU B 9 13.18 -3.47 33.51
C LEU B 9 12.47 -4.02 32.25
N GLY B 10 12.75 -3.43 31.05
CA GLY B 10 12.16 -3.78 29.75
C GLY B 10 11.12 -2.73 29.35
N PHE B 11 10.54 -2.91 28.17
CA PHE B 11 9.60 -1.95 27.61
C PHE B 11 8.42 -1.77 28.52
N LEU B 12 8.15 -0.52 28.88
CA LEU B 12 7.08 -0.11 29.80
C LEU B 12 7.27 -0.69 31.18
N GLY B 13 8.45 -1.17 31.49
CA GLY B 13 8.71 -1.76 32.79
C GLY B 13 8.50 -0.75 33.90
N ALA B 14 8.75 0.50 33.60
CA ALA B 14 8.62 1.60 34.54
C ALA B 14 7.23 2.19 34.58
N ALA B 15 6.27 1.62 33.87
CA ALA B 15 4.94 2.23 33.83
C ALA B 15 4.32 2.43 35.19
N GLY B 16 4.57 1.55 36.14
CA GLY B 16 4.00 1.72 37.47
C GLY B 16 4.95 2.43 38.45
N SER B 17 6.09 2.88 37.95
CA SER B 17 7.09 3.48 38.79
C SER B 17 6.95 4.97 38.96
N THR B 18 7.63 5.47 39.98
CA THR B 18 7.71 6.88 40.28
C THR B 18 8.19 7.67 39.06
N MET B 19 7.52 8.81 38.79
CA MET B 19 7.86 9.64 37.62
C MET B 19 9.31 10.00 37.54
N GLY B 20 9.94 10.34 38.65
CA GLY B 20 11.34 10.68 38.63
C GLY B 20 12.19 9.50 38.20
N ALA B 21 12.00 8.35 38.84
CA ALA B 21 12.80 7.16 38.54
C ALA B 21 12.65 6.71 37.11
N ALA B 22 11.45 6.86 36.57
CA ALA B 22 11.09 6.43 35.24
C ALA B 22 11.79 7.23 34.16
N SER B 23 12.39 8.37 34.48
CA SER B 23 13.04 9.15 33.45
C SER B 23 14.27 8.43 32.89
N MET B 24 14.80 7.45 33.63
CA MET B 24 15.99 6.78 33.12
C MET B 24 15.66 5.64 32.16
N THR B 25 14.39 5.42 31.85
CA THR B 25 14.02 4.37 30.92
C THR B 25 13.49 4.98 29.65
N LEU B 26 13.64 6.29 29.47
CA LEU B 26 13.07 6.93 28.28
C LEU B 26 13.69 6.34 27.01
N THR B 27 14.94 5.90 27.08
CA THR B 27 15.60 5.30 25.95
C THR B 27 14.89 4.03 25.53
N VAL B 28 14.46 3.24 26.50
CA VAL B 28 13.87 1.94 26.25
C VAL B 28 12.57 2.07 25.50
N GLN B 29 11.74 3.02 25.88
CA GLN B 29 10.51 3.12 25.13
C GLN B 29 10.75 3.74 23.77
N ALA B 30 11.61 4.75 23.67
CA ALA B 30 11.80 5.38 22.37
C ALA B 30 12.32 4.40 21.33
N ARG B 31 13.18 3.51 21.77
CA ARG B 31 13.84 2.52 20.95
C ARG B 31 12.89 1.55 20.25
N ASN B 32 11.71 1.35 20.82
CA ASN B 32 10.73 0.40 20.31
C ASN B 32 9.53 1.03 19.60
N LEU B 33 9.59 2.31 19.30
CA LEU B 33 8.44 2.94 18.66
C LEU B 33 8.37 2.83 17.16
N LEU B 34 9.50 2.62 16.51
CA LEU B 34 9.53 2.59 15.05
C LEU B 34 9.73 1.17 14.52
N SER B 35 8.77 0.68 13.72
CA SER B 35 8.66 -0.65 13.08
C SER B 35 9.67 -1.72 13.59
N LEU B 57 -1.85 -9.61 -2.34
CA LEU B 57 -3.09 -8.91 -2.04
C LEU B 57 -4.12 -9.79 -1.27
N THR B 58 -3.62 -10.65 -0.36
CA THR B 58 -4.43 -11.55 0.50
C THR B 58 -4.72 -10.90 1.85
N VAL B 59 -5.43 -11.63 2.67
CA VAL B 59 -5.91 -11.15 3.95
C VAL B 59 -4.78 -10.79 4.89
N TRP B 60 -3.75 -11.59 4.89
CA TRP B 60 -2.63 -11.35 5.77
C TRP B 60 -1.52 -10.60 5.07
N GLY B 61 -1.82 -10.15 3.86
CA GLY B 61 -0.90 -9.47 2.98
C GLY B 61 -1.08 -7.98 3.09
N ILE B 62 -2.23 -7.51 2.63
CA ILE B 62 -2.49 -6.08 2.57
C ILE B 62 -2.42 -5.39 3.93
N LYS B 63 -2.73 -6.11 5.00
CA LYS B 63 -2.66 -5.55 6.33
C LYS B 63 -1.26 -5.12 6.71
N GLN B 64 -0.24 -5.63 6.04
CA GLN B 64 1.09 -5.24 6.38
C GLN B 64 1.44 -3.87 5.81
N LEU B 65 0.75 -3.41 4.75
CA LEU B 65 1.05 -2.07 4.31
C LEU B 65 0.33 -1.15 5.26
N GLN B 66 -0.82 -1.59 5.75
CA GLN B 66 -1.50 -0.70 6.67
C GLN B 66 -0.71 -0.59 7.96
N ALA B 67 -0.15 -1.71 8.43
CA ALA B 67 0.61 -1.72 9.67
C ALA B 67 1.87 -0.87 9.58
N ARG B 68 2.57 -0.94 8.45
CA ARG B 68 3.80 -0.19 8.34
C ARG B 68 3.57 1.28 8.09
N VAL B 69 2.56 1.64 7.32
CA VAL B 69 2.33 3.04 7.08
C VAL B 69 1.91 3.69 8.38
N LEU B 70 1.05 3.03 9.15
CA LEU B 70 0.64 3.63 10.41
C LEU B 70 1.81 3.83 11.36
N ALA B 71 2.69 2.83 11.48
CA ALA B 71 3.80 3.00 12.40
C ALA B 71 4.67 4.19 12.01
N VAL B 72 4.90 4.36 10.71
CA VAL B 72 5.71 5.47 10.29
C VAL B 72 5.07 6.80 10.54
N GLU B 73 3.79 6.96 10.22
CA GLU B 73 3.20 8.26 10.44
C GLU B 73 3.19 8.65 11.90
N ARG B 74 2.92 7.71 12.79
CA ARG B 74 2.88 8.13 14.17
C ARG B 74 4.26 8.53 14.67
N TYR B 75 5.29 7.79 14.26
CA TYR B 75 6.64 8.12 14.67
C TYR B 75 7.00 9.51 14.24
N LEU B 76 6.73 9.82 12.99
CA LEU B 76 7.11 11.11 12.48
C LEU B 76 6.35 12.26 13.09
N ARG B 77 5.08 12.08 13.46
CA ARG B 77 4.39 13.22 14.03
C ARG B 77 5.03 13.61 15.36
N ASP B 78 5.44 12.62 16.17
CA ASP B 78 6.06 12.99 17.43
C ASP B 78 7.40 13.68 17.19
N GLN B 79 8.15 13.23 16.19
CA GLN B 79 9.42 13.88 15.94
C GLN B 79 9.23 15.29 15.43
N GLN B 80 8.18 15.51 14.66
CA GLN B 80 7.91 16.82 14.14
C GLN B 80 7.65 17.81 15.25
N LEU B 81 6.88 17.40 16.27
CA LEU B 81 6.60 18.34 17.36
C LEU B 81 7.86 18.66 18.13
N LEU B 82 8.71 17.68 18.36
CA LEU B 82 9.93 17.96 19.09
C LEU B 82 10.81 18.90 18.29
N GLY B 83 10.82 18.73 16.98
CA GLY B 83 11.60 19.62 16.15
C GLY B 83 11.12 21.06 16.27
N ILE B 84 9.82 21.26 16.14
CA ILE B 84 9.23 22.59 16.20
C ILE B 84 9.48 23.28 17.52
N TRP B 85 9.43 22.56 18.62
CA TRP B 85 9.63 23.13 19.96
C TRP B 85 11.11 23.35 20.31
N GLY B 86 12.04 22.95 19.42
CA GLY B 86 13.48 23.06 19.69
C GLY B 86 14.09 21.93 20.54
N CYS B 87 13.48 20.72 20.54
CA CYS B 87 13.84 19.54 21.31
C CYS B 87 14.40 18.42 20.42
N SER B 88 14.80 18.77 19.20
CA SER B 88 15.28 17.73 18.33
C SER B 88 16.52 17.07 18.89
N GLY B 89 16.55 15.74 18.84
CA GLY B 89 17.71 14.99 19.28
C GLY B 89 17.79 14.73 20.79
N LYS B 90 16.76 15.06 21.56
CA LYS B 90 16.86 14.83 23.01
C LYS B 90 15.71 14.04 23.59
N LEU B 91 15.98 13.20 24.59
CA LEU B 91 14.87 12.52 25.26
C LEU B 91 14.31 13.47 26.29
N ILE B 92 15.17 14.32 26.85
CA ILE B 92 14.72 15.32 27.83
C ILE B 92 15.18 16.70 27.36
N CYS B 93 14.25 17.68 27.24
CA CYS B 93 14.58 19.07 26.82
C CYS B 93 13.88 20.06 27.75
N CYS B 94 14.62 21.10 28.06
CA CYS B 94 14.11 22.11 28.96
C CYS B 94 13.82 23.37 28.17
N THR B 95 12.66 23.99 28.40
CA THR B 95 12.37 25.24 27.70
C THR B 95 12.06 26.37 28.66
N ASN B 96 11.78 27.55 28.11
CA ASN B 96 11.57 28.74 28.92
C ASN B 96 10.12 29.13 29.18
N VAL B 97 9.20 28.25 28.88
CA VAL B 97 7.80 28.51 29.13
C VAL B 97 7.56 28.35 30.64
N PRO B 98 6.96 29.33 31.33
CA PRO B 98 6.67 29.28 32.75
C PRO B 98 5.56 28.30 33.03
N TRP B 99 5.52 27.75 34.22
CA TRP B 99 4.43 26.89 34.60
C TRP B 99 3.32 27.72 35.20
N ASN B 100 2.12 27.54 34.71
CA ASN B 100 0.95 28.22 35.21
C ASN B 100 0.36 27.30 36.24
N SER B 101 0.36 27.70 37.49
CA SER B 101 -0.08 26.81 38.55
C SER B 101 -1.52 26.35 38.42
N SER B 102 -2.33 27.06 37.64
CA SER B 102 -3.72 26.69 37.48
C SER B 102 -3.87 25.34 36.77
N TRP B 103 -2.82 24.89 36.09
CA TRP B 103 -2.85 23.62 35.38
C TRP B 103 -2.78 22.46 36.38
N SER B 104 -2.11 22.67 37.51
CA SER B 104 -1.96 21.68 38.57
C SER B 104 -1.36 22.35 39.80
N ASN B 105 -2.16 22.47 40.85
CA ASN B 105 -1.70 23.15 42.06
C ASN B 105 -0.98 22.20 43.00
N ARG B 106 0.18 21.76 42.55
CA ARG B 106 1.01 20.81 43.30
C ARG B 106 2.44 21.26 43.32
N ASN B 107 3.19 20.81 44.31
CA ASN B 107 4.60 21.12 44.31
C ASN B 107 5.38 20.05 43.55
N LEU B 108 6.68 20.26 43.45
CA LEU B 108 7.50 19.34 42.69
C LEU B 108 7.80 18.08 43.45
N SER B 109 7.84 18.16 44.77
CA SER B 109 8.17 16.97 45.54
C SER B 109 7.08 15.95 45.35
N GLU B 110 5.84 16.40 45.35
CA GLU B 110 4.75 15.47 45.22
C GLU B 110 4.67 14.84 43.84
N ILE B 111 4.87 15.60 42.77
CA ILE B 111 4.69 14.89 41.52
C ILE B 111 5.89 14.03 41.18
N TRP B 112 7.09 14.47 41.48
CA TRP B 112 8.21 13.64 41.06
C TRP B 112 8.47 12.41 41.92
N ASP B 113 8.16 12.48 43.23
CA ASP B 113 8.38 11.36 44.13
C ASP B 113 7.16 10.48 44.46
N ASN B 114 5.93 11.02 44.42
CA ASN B 114 4.77 10.24 44.85
C ASN B 114 3.70 10.06 43.79
N MET B 115 4.08 10.02 42.53
CA MET B 115 3.12 9.87 41.46
C MET B 115 3.75 9.10 40.30
N THR B 116 2.94 8.37 39.51
CA THR B 116 3.42 7.69 38.30
C THR B 116 3.04 8.51 37.06
N TRP B 117 3.61 8.18 35.90
CA TRP B 117 3.32 8.94 34.70
C TRP B 117 1.91 8.76 34.19
N LEU B 118 1.30 7.63 34.45
CA LEU B 118 -0.06 7.42 34.01
C LEU B 118 -0.98 8.37 34.76
N GLN B 119 -0.70 8.57 36.04
CA GLN B 119 -1.54 9.43 36.86
C GLN B 119 -1.39 10.87 36.48
N TRP B 120 -0.15 11.28 36.23
CA TRP B 120 0.14 12.64 35.86
C TRP B 120 -0.52 12.96 34.53
N ASP B 121 -0.43 12.03 33.58
CA ASP B 121 -1.00 12.28 32.29
C ASP B 121 -2.49 12.51 32.41
N LYS B 122 -3.18 11.76 33.28
CA LYS B 122 -4.59 12.02 33.40
C LYS B 122 -4.85 13.41 34.00
N GLU B 123 -4.10 13.78 35.03
CA GLU B 123 -4.34 15.04 35.72
C GLU B 123 -4.27 16.28 34.85
N ILE B 124 -3.31 16.34 33.93
CA ILE B 124 -3.20 17.54 33.11
C ILE B 124 -3.52 17.30 31.64
N SER B 125 -4.28 16.24 31.34
CA SER B 125 -4.55 15.92 29.95
C SER B 125 -5.29 17.00 29.19
N ASN B 126 -6.10 17.78 29.88
CA ASN B 126 -6.92 18.76 29.23
C ASN B 126 -6.24 20.08 28.98
N TYR B 127 -4.94 20.17 29.26
CA TYR B 127 -4.21 21.38 28.99
C TYR B 127 -3.17 21.11 27.93
N THR B 128 -3.19 19.93 27.33
CA THR B 128 -2.11 19.56 26.40
C THR B 128 -1.95 20.55 25.26
N GLN B 129 -3.05 20.99 24.70
CA GLN B 129 -3.07 21.90 23.57
C GLN B 129 -2.62 23.30 23.94
N ILE B 130 -2.61 23.62 25.23
CA ILE B 130 -2.21 24.95 25.67
C ILE B 130 -0.73 24.91 25.74
N ILE B 131 -0.20 23.86 26.33
CA ILE B 131 1.20 23.79 26.50
C ILE B 131 1.85 23.73 25.15
N TYR B 132 1.30 22.94 24.24
CA TYR B 132 1.95 22.84 22.95
C TYR B 132 1.95 24.15 22.20
N GLY B 133 0.85 24.91 22.25
CA GLY B 133 0.87 26.19 21.55
C GLY B 133 1.94 27.12 22.13
N LEU B 134 2.08 27.12 23.45
CA LEU B 134 3.07 27.97 24.07
C LEU B 134 4.48 27.55 23.69
N LEU B 135 4.71 26.23 23.64
CA LEU B 135 6.05 25.75 23.35
C LEU B 135 6.49 26.11 21.95
N GLU B 136 5.59 26.03 20.97
CA GLU B 136 6.03 26.36 19.62
C GLU B 136 6.20 27.86 19.39
N GLU B 137 5.35 28.68 20.01
CA GLU B 137 5.52 30.10 19.76
C GLU B 137 6.81 30.58 20.36
N SER B 138 7.15 30.02 21.50
CA SER B 138 8.33 30.41 22.21
C SER B 138 9.60 30.01 21.50
N GLN B 139 9.51 29.12 20.50
CA GLN B 139 10.70 28.74 19.78
C GLN B 139 10.93 29.73 18.68
N ASN B 140 9.85 30.10 17.97
CA ASN B 140 10.04 31.03 16.85
C ASN B 140 10.51 32.40 17.35
N GLN B 141 10.09 32.76 18.55
CA GLN B 141 10.46 34.03 19.16
C GLN B 141 11.95 34.09 19.44
N GLN B 142 12.60 32.94 19.53
CA GLN B 142 14.03 32.93 19.78
C GLN B 142 14.83 32.72 18.52
N GLU B 143 14.16 32.52 17.39
CA GLU B 143 14.89 32.30 16.17
C GLU B 143 15.17 33.65 15.57
N LYS B 144 14.22 34.55 15.77
CA LYS B 144 14.38 35.90 15.26
C LYS B 144 15.52 36.59 16.01
N ASN B 145 15.84 36.10 17.19
CA ASN B 145 16.85 36.73 18.01
C ASN B 145 18.25 36.39 17.54
N GLU B 146 18.36 35.48 16.58
CA GLU B 146 19.63 35.09 16.03
C GLU B 146 19.95 35.93 14.81
N GLN B 147 19.05 36.85 14.47
CA GLN B 147 19.21 37.74 13.33
C GLN B 147 20.38 38.67 13.57
N ASP B 148 20.74 38.79 14.83
CA ASP B 148 21.82 39.64 15.28
C ASP B 148 23.21 38.95 15.37
N LEU B 149 23.34 37.65 14.96
CA LEU B 149 24.57 36.87 15.02
C LEU B 149 24.86 36.21 13.67
N LEU C 22 -6.50 -34.30 57.46
CA LEU C 22 -5.66 -35.20 56.70
C LEU C 22 -4.66 -35.84 57.69
N VAL C 23 -3.78 -36.74 57.20
CA VAL C 23 -2.75 -37.41 58.02
C VAL C 23 -1.37 -37.22 57.38
N GLU C 24 -0.31 -37.38 58.18
CA GLU C 24 1.05 -37.19 57.65
C GLU C 24 2.00 -38.27 58.14
N SER C 25 3.05 -38.52 57.37
CA SER C 25 4.09 -39.47 57.76
C SER C 25 5.48 -39.12 57.22
N GLY C 26 6.49 -39.77 57.77
CA GLY C 26 7.86 -39.53 57.36
C GLY C 26 8.56 -38.70 58.43
N GLY C 27 9.83 -38.38 58.18
CA GLY C 27 10.62 -37.65 59.16
C GLY C 27 11.71 -38.55 59.70
N GLY C 28 12.42 -38.07 60.71
CA GLY C 28 13.55 -38.82 61.26
C GLY C 28 14.83 -38.01 61.28
N LEU C 29 15.90 -38.63 61.81
CA LEU C 29 17.21 -38.01 61.91
C LEU C 29 18.14 -38.38 60.78
N VAL C 30 18.66 -37.37 60.10
CA VAL C 30 19.59 -37.53 59.01
C VAL C 30 20.80 -36.66 59.26
N GLN C 31 21.88 -36.89 58.55
CA GLN C 31 23.05 -36.04 58.70
C GLN C 31 23.11 -35.02 57.58
N PRO C 32 23.81 -33.89 57.73
CA PRO C 32 23.95 -32.90 56.70
C PRO C 32 24.45 -33.52 55.40
N GLY C 33 23.84 -33.09 54.30
CA GLY C 33 24.11 -33.57 52.95
C GLY C 33 23.08 -34.60 52.52
N ALA C 34 22.30 -35.07 53.49
CA ALA C 34 21.25 -36.06 53.28
C ALA C 34 20.02 -35.50 52.61
N SER C 35 19.24 -36.40 52.04
CA SER C 35 17.94 -36.05 51.52
C SER C 35 16.90 -36.74 52.38
N LEU C 36 15.71 -36.16 52.44
CA LEU C 36 14.60 -36.77 53.18
C LEU C 36 13.29 -36.44 52.49
N THR C 37 12.42 -37.44 52.34
CA THR C 37 11.13 -37.18 51.72
C THR C 37 10.00 -37.35 52.71
N LEU C 38 9.14 -36.35 52.75
CA LEU C 38 7.96 -36.38 53.60
C LEU C 38 6.74 -36.68 52.76
N THR C 39 5.78 -37.39 53.33
CA THR C 39 4.56 -37.74 52.63
C THR C 39 3.32 -37.33 53.43
N CYS C 40 2.30 -36.74 52.77
CA CYS C 40 1.02 -36.38 53.35
C CYS C 40 -0.11 -36.98 52.53
N THR C 41 -1.12 -37.49 53.21
CA THR C 41 -2.21 -38.10 52.46
C THR C 41 -3.59 -37.65 52.89
N ALA C 42 -4.50 -37.73 51.94
CA ALA C 42 -5.90 -37.43 52.17
C ALA C 42 -6.50 -38.48 53.07
N SER C 43 -7.45 -38.06 53.90
CA SER C 43 -8.20 -38.97 54.73
C SER C 43 -9.63 -38.46 54.81
N GLY C 44 -10.56 -39.23 54.27
CA GLY C 44 -11.96 -38.80 54.23
C GLY C 44 -12.27 -37.93 53.02
N PHE C 45 -11.28 -37.79 52.15
CA PHE C 45 -11.41 -36.97 50.96
C PHE C 45 -10.45 -37.47 49.91
N SER C 46 -10.55 -36.91 48.73
CA SER C 46 -9.67 -37.24 47.63
C SER C 46 -9.26 -35.94 46.98
N PHE C 47 -8.24 -36.00 46.13
CA PHE C 47 -7.76 -34.80 45.50
C PHE C 47 -8.57 -34.41 44.28
N SER C 48 -9.73 -33.85 44.58
CA SER C 48 -10.62 -33.33 43.59
C SER C 48 -9.92 -32.07 43.11
N SER C 49 -10.34 -31.47 42.03
CA SER C 49 -9.62 -30.32 41.51
C SER C 49 -9.43 -29.14 42.43
N ASP C 50 -10.46 -28.78 43.16
CA ASP C 50 -10.40 -27.54 43.89
C ASP C 50 -9.68 -27.48 45.23
N TYR C 51 -8.42 -27.93 45.26
CA TYR C 51 -7.57 -27.82 46.45
C TYR C 51 -6.08 -27.57 46.19
N TYR C 52 -5.44 -26.90 47.15
CA TYR C 52 -3.97 -26.78 47.14
C TYR C 52 -3.39 -27.55 48.27
N MET C 53 -2.33 -28.28 47.98
CA MET C 53 -1.63 -28.94 49.04
C MET C 53 -0.37 -28.13 49.27
N CYS C 54 -0.22 -27.54 50.49
CA CYS C 54 0.89 -26.65 50.83
C CYS C 54 1.70 -27.19 51.98
N TRP C 55 2.99 -26.91 51.92
CA TRP C 55 3.92 -27.26 52.97
C TRP C 55 4.50 -25.99 53.58
N VAL C 56 4.56 -26.02 54.89
CA VAL C 56 5.12 -24.93 55.67
C VAL C 56 6.10 -25.51 56.66
N ARG C 57 6.93 -24.65 57.22
CA ARG C 57 7.90 -25.07 58.19
C ARG C 57 7.93 -24.20 59.43
N GLN C 58 8.22 -24.80 60.56
CA GLN C 58 8.41 -24.02 61.76
C GLN C 58 9.51 -24.56 62.65
N ALA C 59 10.63 -23.84 62.69
CA ALA C 59 11.76 -24.23 63.51
C ALA C 59 11.29 -24.09 64.95
N PRO C 60 11.84 -24.83 65.93
CA PRO C 60 11.43 -24.79 67.33
C PRO C 60 11.30 -23.40 67.97
N GLY C 61 12.14 -22.44 67.58
CA GLY C 61 12.08 -21.09 68.14
C GLY C 61 11.52 -20.03 67.19
N LYS C 62 10.93 -20.46 66.08
CA LYS C 62 10.48 -19.53 65.05
C LYS C 62 8.97 -19.52 64.80
N GLY C 63 8.54 -18.58 63.96
CA GLY C 63 7.16 -18.45 63.54
C GLY C 63 6.97 -19.28 62.28
N LEU C 64 5.93 -19.00 61.53
CA LEU C 64 5.67 -19.84 60.37
C LEU C 64 6.43 -19.36 59.15
N GLU C 65 6.93 -20.32 58.36
CA GLU C 65 7.60 -20.06 57.10
C GLU C 65 6.88 -20.82 56.00
N TRP C 66 6.82 -20.26 54.80
CA TRP C 66 6.20 -20.98 53.72
C TRP C 66 7.24 -21.63 52.82
N ILE C 67 6.98 -22.88 52.35
CA ILE C 67 7.92 -23.54 51.45
C ILE C 67 7.40 -23.61 50.02
N ALA C 68 6.26 -24.30 49.85
CA ALA C 68 5.72 -24.55 48.51
C ALA C 68 4.24 -24.93 48.55
N CYS C 69 3.53 -24.72 47.41
CA CYS C 69 2.13 -25.13 47.19
C CYS C 69 2.00 -25.77 45.82
N ILE C 70 1.19 -26.82 45.76
CA ILE C 70 0.87 -27.41 44.46
C ILE C 70 -0.64 -27.50 44.29
N TRP C 71 -1.09 -27.06 43.14
CA TRP C 71 -2.48 -27.09 42.77
C TRP C 71 -2.81 -28.43 42.17
N THR C 72 -3.86 -29.06 42.68
CA THR C 72 -4.17 -30.39 42.21
C THR C 72 -4.45 -30.47 40.73
N ALA C 73 -5.31 -29.64 40.19
CA ALA C 73 -5.51 -29.77 38.77
C ALA C 73 -4.26 -29.33 38.08
N ASN C 74 -3.82 -30.10 37.11
CA ASN C 74 -2.67 -29.82 36.28
C ASN C 74 -1.33 -29.81 37.01
N SER C 75 -1.27 -30.26 38.27
CA SER C 75 0.00 -30.36 38.99
C SER C 75 0.84 -29.09 38.90
N ILE C 76 0.28 -27.94 39.27
CA ILE C 76 1.00 -26.67 39.13
C ILE C 76 1.59 -26.21 40.44
N SER C 77 2.91 -26.04 40.48
CA SER C 77 3.53 -25.67 41.73
C SER C 77 4.13 -24.27 41.77
N TYR C 78 4.22 -23.78 43.00
CA TYR C 78 4.84 -22.51 43.33
C TYR C 78 5.83 -22.75 44.46
N TYR C 79 6.98 -22.06 44.43
CA TYR C 79 7.99 -22.22 45.47
C TYR C 79 8.49 -20.93 46.05
N ALA C 80 8.92 -20.99 47.31
CA ALA C 80 9.57 -19.87 47.96
C ALA C 80 10.94 -19.68 47.35
N ARG C 81 11.40 -18.45 47.20
CA ARG C 81 12.73 -18.32 46.60
C ARG C 81 13.81 -19.03 47.40
N TRP C 82 13.74 -18.98 48.73
CA TRP C 82 14.76 -19.58 49.56
C TRP C 82 14.82 -21.10 49.41
N ALA C 83 13.71 -21.69 48.97
CA ALA C 83 13.56 -23.11 48.83
C ALA C 83 13.90 -23.61 47.42
N LYS C 84 14.15 -22.67 46.50
CA LYS C 84 14.32 -23.08 45.13
C LYS C 84 15.56 -23.92 44.92
N GLY C 85 15.37 -25.04 44.23
CA GLY C 85 16.45 -25.95 43.91
C GLY C 85 16.70 -26.97 45.01
N ARG C 86 16.03 -26.82 46.15
CA ARG C 86 16.24 -27.72 47.25
C ARG C 86 14.97 -28.50 47.59
N PHE C 87 13.83 -27.84 47.45
CA PHE C 87 12.54 -28.45 47.79
C PHE C 87 11.66 -28.71 46.58
N THR C 88 11.33 -29.98 46.32
CA THR C 88 10.45 -30.31 45.20
C THR C 88 9.10 -30.81 45.68
N ILE C 89 8.03 -30.21 45.19
CA ILE C 89 6.70 -30.61 45.62
C ILE C 89 6.00 -31.31 44.47
N SER C 90 5.37 -32.44 44.73
CA SER C 90 4.66 -33.15 43.67
C SER C 90 3.47 -34.01 44.11
N LYS C 91 2.56 -34.26 43.17
CA LYS C 91 1.40 -35.12 43.41
C LYS C 91 1.72 -36.49 42.87
N THR C 92 1.54 -37.53 43.68
CA THR C 92 1.88 -38.88 43.22
C THR C 92 0.65 -39.75 43.01
N SER C 93 -0.46 -39.40 43.65
CA SER C 93 -1.68 -40.19 43.51
C SER C 93 -2.87 -39.30 43.81
N SER C 94 -4.06 -39.88 43.72
CA SER C 94 -5.30 -39.15 44.00
C SER C 94 -5.45 -38.80 45.47
N THR C 95 -4.64 -39.43 46.33
CA THR C 95 -4.67 -39.13 47.75
C THR C 95 -3.33 -38.67 48.30
N THR C 96 -2.24 -38.86 47.57
CA THR C 96 -0.91 -38.59 48.12
C THR C 96 -0.10 -37.47 47.45
N VAL C 97 0.43 -36.60 48.31
CA VAL C 97 1.30 -35.49 47.93
C VAL C 97 2.61 -35.62 48.71
N THR C 98 3.73 -35.37 48.05
CA THR C 98 5.01 -35.48 48.73
C THR C 98 5.88 -34.25 48.58
N LEU C 99 6.83 -34.13 49.50
CA LEU C 99 7.85 -33.10 49.47
C LEU C 99 9.22 -33.74 49.55
N GLN C 100 10.02 -33.54 48.53
CA GLN C 100 11.35 -34.10 48.51
C GLN C 100 12.37 -33.04 48.84
N MET C 101 13.09 -33.21 49.94
CA MET C 101 14.05 -32.20 50.31
C MET C 101 15.46 -32.72 50.06
N THR C 102 16.31 -31.92 49.44
CA THR C 102 17.68 -32.36 49.26
C THR C 102 18.66 -31.38 49.85
N SER C 103 19.92 -31.80 49.86
CA SER C 103 21.02 -30.99 50.37
C SER C 103 20.68 -30.43 51.74
N LEU C 104 20.18 -31.28 52.65
CA LEU C 104 19.77 -30.84 53.97
C LEU C 104 20.90 -30.40 54.85
N THR C 105 20.65 -29.39 55.65
CA THR C 105 21.64 -28.93 56.62
C THR C 105 21.04 -28.77 58.00
N ALA C 106 21.87 -28.48 58.99
CA ALA C 106 21.41 -28.36 60.38
C ALA C 106 20.31 -27.33 60.56
N ALA C 107 20.37 -26.27 59.76
CA ALA C 107 19.43 -25.16 59.80
C ALA C 107 18.02 -25.57 59.39
N ASP C 108 17.87 -26.74 58.78
CA ASP C 108 16.57 -27.19 58.31
C ASP C 108 15.86 -28.02 59.38
N THR C 109 16.44 -28.13 60.58
CA THR C 109 15.74 -28.86 61.62
C THR C 109 14.50 -28.06 61.95
N ALA C 110 13.35 -28.72 61.86
CA ALA C 110 12.07 -28.03 62.08
C ALA C 110 10.91 -28.98 62.13
N THR C 111 9.78 -28.48 62.58
CA THR C 111 8.54 -29.22 62.44
C THR C 111 8.01 -28.90 61.05
N TYR C 112 7.65 -29.92 60.32
CA TYR C 112 7.09 -29.70 59.00
C TYR C 112 5.61 -29.99 59.04
N PHE C 113 4.83 -29.18 58.34
CA PHE C 113 3.39 -29.38 58.29
C PHE C 113 2.85 -29.37 56.87
N CYS C 114 1.74 -30.10 56.64
CA CYS C 114 0.92 -30.07 55.43
C CYS C 114 -0.43 -29.53 55.78
N ALA C 115 -0.97 -28.79 54.86
CA ALA C 115 -2.31 -28.33 55.04
C ALA C 115 -2.99 -28.11 53.72
N ARG C 116 -4.30 -28.21 53.73
CA ARG C 116 -5.10 -28.04 52.54
C ARG C 116 -5.85 -26.71 52.49
N GLY C 117 -5.64 -26.01 51.39
CA GLY C 117 -6.28 -24.73 51.13
C GLY C 117 -7.05 -24.76 49.82
N GLY C 118 -7.37 -23.60 49.28
CA GLY C 118 -8.14 -23.50 48.06
C GLY C 118 -7.97 -22.09 47.53
N SER C 119 -8.50 -21.81 46.36
CA SER C 119 -8.26 -20.50 45.80
C SER C 119 -8.86 -19.39 46.60
N GLY C 120 -8.06 -18.36 46.81
CA GLY C 120 -8.50 -17.17 47.50
C GLY C 120 -8.48 -17.27 49.02
N ASP C 121 -7.99 -18.37 49.58
CA ASP C 121 -8.02 -18.50 51.04
C ASP C 121 -6.77 -19.17 51.58
N GLY C 122 -6.71 -19.29 52.89
CA GLY C 122 -5.59 -19.89 53.58
C GLY C 122 -5.81 -21.36 53.73
N GLN C 123 -4.90 -22.04 54.39
CA GLN C 123 -5.12 -23.45 54.56
C GLN C 123 -6.10 -23.60 55.71
N SER C 124 -7.16 -24.38 55.52
CA SER C 124 -8.15 -24.55 56.57
C SER C 124 -8.02 -25.88 57.26
N LEU C 125 -7.43 -26.85 56.57
CA LEU C 125 -7.25 -28.18 57.14
C LEU C 125 -5.80 -28.48 57.39
N TRP C 126 -5.42 -28.58 58.65
CA TRP C 126 -4.01 -28.81 58.96
C TRP C 126 -3.81 -30.15 59.61
N GLY C 127 -2.74 -30.85 59.23
CA GLY C 127 -2.44 -32.11 59.88
C GLY C 127 -1.47 -31.89 61.03
N PRO C 128 -1.30 -32.86 61.95
CA PRO C 128 -0.27 -32.85 62.95
C PRO C 128 0.99 -32.89 62.12
N GLY C 129 2.07 -32.27 62.55
CA GLY C 129 3.25 -32.29 61.69
C GLY C 129 4.19 -33.46 61.94
N THR C 130 5.32 -33.42 61.25
CA THR C 130 6.38 -34.41 61.33
C THR C 130 7.64 -33.74 61.84
N LEU C 131 8.60 -34.51 62.32
CA LEU C 131 9.81 -33.88 62.83
C LEU C 131 11.03 -34.29 62.05
N VAL C 132 11.73 -33.30 61.52
CA VAL C 132 12.93 -33.55 60.76
C VAL C 132 14.11 -32.94 61.46
N THR C 133 15.09 -33.78 61.76
CA THR C 133 16.30 -33.32 62.44
C THR C 133 17.45 -33.70 61.52
N VAL C 134 18.41 -32.77 61.27
CA VAL C 134 19.52 -33.03 60.33
C VAL C 134 20.83 -33.15 61.16
N ASP D 26 9.89 -9.25 46.86
CA ASP D 26 8.62 -9.49 46.17
C ASP D 26 7.44 -9.28 47.15
N ILE D 27 7.46 -10.03 48.29
CA ILE D 27 6.44 -10.02 49.33
C ILE D 27 6.94 -9.44 50.63
N VAL D 28 6.31 -8.36 51.06
CA VAL D 28 6.66 -7.73 52.31
C VAL D 28 5.50 -7.78 53.27
N MET D 29 5.73 -8.36 54.44
CA MET D 29 4.70 -8.47 55.45
C MET D 29 5.25 -8.27 56.85
N THR D 30 4.86 -7.19 57.50
CA THR D 30 5.37 -6.94 58.84
C THR D 30 4.28 -6.79 59.88
N GLN D 31 4.36 -7.57 60.94
CA GLN D 31 3.40 -7.47 62.03
C GLN D 31 4.07 -6.55 63.03
N THR D 32 3.41 -5.49 63.45
CA THR D 32 4.12 -4.54 64.30
C THR D 32 3.90 -4.47 65.83
N PRO D 33 2.71 -4.71 66.41
CA PRO D 33 2.46 -4.57 67.84
C PRO D 33 2.94 -5.75 68.61
N ALA D 34 4.24 -5.95 68.65
CA ALA D 34 4.83 -7.11 69.26
C ALA D 34 4.59 -7.17 70.75
N SER D 35 4.48 -8.41 71.25
CA SER D 35 4.33 -8.73 72.67
C SER D 35 3.20 -8.03 73.43
N VAL D 36 2.03 -7.98 72.83
CA VAL D 36 0.86 -7.39 73.46
C VAL D 36 0.02 -8.46 74.15
N GLU D 37 -0.35 -8.19 75.40
CA GLU D 37 -1.15 -9.09 76.24
C GLU D 37 -2.14 -8.26 77.05
N ALA D 38 -3.24 -8.91 77.48
CA ALA D 38 -4.22 -8.23 78.31
C ALA D 38 -4.89 -9.19 79.29
N ALA D 39 -5.37 -8.63 80.38
CA ALA D 39 -6.08 -9.37 81.41
C ALA D 39 -7.42 -9.82 80.88
N VAL D 40 -7.94 -10.90 81.44
CA VAL D 40 -9.23 -11.41 81.02
C VAL D 40 -10.26 -10.30 81.17
N GLY D 41 -11.07 -10.12 80.14
CA GLY D 41 -12.09 -9.08 80.10
C GLY D 41 -11.61 -7.81 79.38
N GLY D 42 -10.30 -7.67 79.16
CA GLY D 42 -9.76 -6.52 78.45
C GLY D 42 -9.72 -6.89 77.00
N THR D 43 -9.20 -6.02 76.13
CA THR D 43 -9.16 -6.33 74.70
C THR D 43 -7.77 -6.14 74.12
N VAL D 44 -7.55 -6.78 72.97
CA VAL D 44 -6.28 -6.65 72.24
C VAL D 44 -6.50 -6.46 70.75
N ALA D 45 -5.47 -6.00 70.06
CA ALA D 45 -5.50 -5.96 68.60
C ALA D 45 -4.10 -6.15 68.06
N ILE D 46 -4.01 -6.83 66.93
CA ILE D 46 -2.76 -7.10 66.23
C ILE D 46 -2.84 -6.60 64.79
N LYS D 47 -1.84 -5.87 64.33
CA LYS D 47 -1.91 -5.35 62.97
C LYS D 47 -0.65 -5.63 62.14
N CYS D 48 -0.86 -5.78 60.80
CA CYS D 48 0.15 -6.01 59.77
C CYS D 48 0.10 -4.97 58.66
N GLN D 49 1.27 -4.67 58.13
CA GLN D 49 1.46 -3.78 57.01
C GLN D 49 2.18 -4.45 55.86
N ALA D 50 1.95 -3.96 54.65
CA ALA D 50 2.62 -4.50 53.46
C ALA D 50 3.10 -3.41 52.53
N SER D 51 4.11 -3.71 51.72
CA SER D 51 4.61 -2.75 50.74
C SER D 51 3.90 -2.92 49.39
N GLN D 52 3.06 -3.94 49.31
CA GLN D 52 2.29 -4.23 48.12
C GLN D 52 0.86 -4.38 48.57
N SER D 53 -0.09 -3.95 47.75
CA SER D 53 -1.47 -4.15 48.12
C SER D 53 -1.84 -5.62 48.05
N ILE D 54 -2.62 -6.07 49.02
CA ILE D 54 -3.15 -7.42 49.12
C ILE D 54 -4.62 -7.32 49.49
N ARG D 55 -5.31 -6.41 48.84
CA ARG D 55 -6.67 -6.08 49.18
C ARG D 55 -7.52 -7.32 49.32
N SER D 56 -8.24 -7.43 50.42
CA SER D 56 -9.13 -8.54 50.72
C SER D 56 -8.51 -9.95 50.63
N TYR D 57 -7.19 -10.07 50.70
CA TYR D 57 -6.55 -11.39 50.65
C TYR D 57 -5.66 -11.70 51.83
N LEU D 58 -5.98 -11.13 52.97
CA LEU D 58 -5.21 -11.44 54.17
C LEU D 58 -5.90 -12.48 55.03
N ALA D 59 -5.15 -13.51 55.43
CA ALA D 59 -5.71 -14.49 56.33
C ALA D 59 -5.02 -14.41 57.68
N TRP D 60 -5.80 -14.62 58.74
CA TRP D 60 -5.24 -14.65 60.08
C TRP D 60 -5.34 -16.02 60.69
N TYR D 61 -4.28 -16.40 61.40
CA TYR D 61 -4.20 -17.68 62.10
C TYR D 61 -3.89 -17.56 63.57
N GLN D 62 -4.39 -18.53 64.34
CA GLN D 62 -4.12 -18.67 65.77
C GLN D 62 -3.31 -19.92 66.10
N GLN D 63 -2.11 -19.77 66.65
CA GLN D 63 -1.36 -20.97 66.96
C GLN D 63 -1.09 -21.17 68.44
N LYS D 64 -1.76 -22.14 69.02
CA LYS D 64 -1.57 -22.44 70.42
C LYS D 64 -0.36 -23.36 70.46
N PRO D 65 0.46 -23.38 71.52
CA PRO D 65 1.62 -24.23 71.60
C PRO D 65 1.29 -25.68 71.36
N GLY D 66 2.10 -26.34 70.52
CA GLY D 66 1.94 -27.75 70.19
C GLY D 66 0.94 -28.05 69.09
N GLN D 67 0.25 -27.03 68.61
CA GLN D 67 -0.77 -27.21 67.60
C GLN D 67 -0.37 -26.64 66.26
N PRO D 68 -0.95 -27.11 65.15
CA PRO D 68 -0.84 -26.48 63.86
C PRO D 68 -1.70 -25.24 63.98
N PRO D 69 -1.45 -24.19 63.22
CA PRO D 69 -2.27 -22.99 63.19
C PRO D 69 -3.73 -23.22 62.81
N LYS D 70 -4.63 -22.56 63.52
CA LYS D 70 -6.06 -22.61 63.21
C LYS D 70 -6.43 -21.40 62.37
N LEU D 71 -7.17 -21.60 61.31
CA LEU D 71 -7.58 -20.45 60.53
C LEU D 71 -8.68 -19.71 61.25
N LEU D 72 -8.51 -18.40 61.42
CA LEU D 72 -9.49 -17.58 62.08
C LEU D 72 -10.30 -16.75 61.10
N ILE D 73 -9.58 -15.92 60.37
CA ILE D 73 -10.21 -14.94 59.49
C ILE D 73 -9.67 -15.04 58.09
N TYR D 74 -10.55 -15.01 57.12
CA TYR D 74 -10.10 -15.05 55.75
C TYR D 74 -10.63 -13.90 54.94
N GLU D 75 -9.92 -13.55 53.89
CA GLU D 75 -10.33 -12.45 53.04
C GLU D 75 -10.55 -11.17 53.87
N ALA D 76 -9.62 -10.89 54.79
CA ALA D 76 -9.60 -9.72 55.68
C ALA D 76 -10.64 -9.75 56.81
N SER D 77 -11.92 -9.94 56.50
CA SER D 77 -12.98 -9.90 57.52
C SER D 77 -13.89 -11.13 57.77
N LYS D 78 -13.82 -12.19 56.97
CA LYS D 78 -14.79 -13.28 57.14
C LYS D 78 -14.34 -14.30 58.16
N LEU D 79 -15.23 -14.75 59.05
CA LEU D 79 -14.73 -15.75 59.99
C LEU D 79 -14.86 -17.12 59.40
N ALA D 80 -13.88 -17.95 59.71
CA ALA D 80 -13.86 -19.34 59.33
C ALA D 80 -14.83 -20.12 60.21
N SER D 81 -15.36 -21.22 59.71
CA SER D 81 -16.25 -21.99 60.53
C SER D 81 -15.50 -22.48 61.75
N GLY D 82 -16.16 -22.46 62.90
CA GLY D 82 -15.55 -22.93 64.14
C GLY D 82 -14.87 -21.82 64.93
N VAL D 83 -14.85 -20.61 64.37
CA VAL D 83 -14.23 -19.46 65.00
C VAL D 83 -15.22 -18.69 65.88
N PRO D 84 -14.93 -18.49 67.17
CA PRO D 84 -15.73 -17.76 68.13
C PRO D 84 -15.98 -16.33 67.69
N SER D 85 -17.13 -15.79 68.09
CA SER D 85 -17.58 -14.45 67.75
C SER D 85 -16.70 -13.33 68.30
N ARG D 86 -15.81 -13.65 69.24
CA ARG D 86 -14.93 -12.62 69.78
C ARG D 86 -13.89 -12.22 68.74
N PHE D 87 -13.70 -13.02 67.70
CA PHE D 87 -12.73 -12.68 66.69
C PHE D 87 -13.34 -11.84 65.61
N SER D 88 -12.62 -10.80 65.21
CA SER D 88 -13.05 -9.96 64.11
C SER D 88 -11.85 -9.28 63.50
N GLY D 89 -12.08 -8.43 62.53
CA GLY D 89 -11.00 -7.72 61.88
C GLY D 89 -11.43 -7.11 60.57
N SER D 90 -10.58 -6.24 60.05
CA SER D 90 -10.82 -5.53 58.81
C SER D 90 -9.55 -4.95 58.23
N GLY D 91 -9.64 -4.50 56.99
CA GLY D 91 -8.52 -3.82 56.36
C GLY D 91 -8.63 -3.84 54.86
N SER D 92 -7.69 -3.17 54.22
CA SER D 92 -7.64 -3.07 52.77
C SER D 92 -6.28 -2.63 52.33
N GLY D 93 -5.98 -2.72 51.05
CA GLY D 93 -4.72 -2.15 50.59
C GLY D 93 -3.54 -2.82 51.28
N THR D 94 -2.76 -2.00 51.96
CA THR D 94 -1.57 -2.36 52.68
C THR D 94 -1.68 -2.26 54.20
N GLN D 95 -2.88 -2.02 54.73
CA GLN D 95 -3.05 -1.88 56.19
C GLN D 95 -4.19 -2.74 56.76
N PHE D 96 -3.85 -3.74 57.61
CA PHE D 96 -4.87 -4.64 58.18
C PHE D 96 -4.79 -4.91 59.69
N THR D 97 -5.96 -5.07 60.35
CA THR D 97 -6.01 -5.40 61.79
C THR D 97 -6.94 -6.55 62.23
N LEU D 98 -6.42 -7.37 63.16
CA LEU D 98 -7.10 -8.45 63.87
C LEU D 98 -7.52 -7.94 65.22
N THR D 99 -8.77 -8.12 65.58
CA THR D 99 -9.17 -7.66 66.90
C THR D 99 -9.83 -8.74 67.70
N ILE D 100 -9.67 -8.64 69.02
CA ILE D 100 -10.34 -9.54 69.95
C ILE D 100 -11.25 -8.67 70.80
N SER D 101 -12.55 -9.01 70.83
CA SER D 101 -13.60 -8.25 71.52
C SER D 101 -13.48 -8.31 73.03
N GLY D 102 -12.69 -9.25 73.49
CA GLY D 102 -12.42 -9.47 74.89
C GLY D 102 -11.66 -10.76 75.07
N VAL D 103 -10.73 -10.73 75.99
CA VAL D 103 -9.90 -11.89 76.32
C VAL D 103 -10.66 -12.84 77.20
N GLU D 104 -10.69 -14.12 76.81
CA GLU D 104 -11.42 -15.18 77.52
C GLU D 104 -10.51 -16.28 78.11
N CYS D 105 -9.22 -15.99 78.18
CA CYS D 105 -8.16 -16.91 78.65
C CYS D 105 -7.98 -18.14 77.78
N ASP D 106 -8.29 -18.02 76.50
CA ASP D 106 -8.11 -19.09 75.53
C ASP D 106 -7.49 -18.45 74.31
N ASP D 107 -6.70 -17.42 74.61
CA ASP D 107 -6.02 -16.58 73.66
C ASP D 107 -4.52 -16.77 73.77
N ALA D 108 -4.11 -17.89 74.37
CA ALA D 108 -2.69 -18.17 74.59
C ALA D 108 -2.08 -18.71 73.32
N ALA D 109 -1.90 -17.82 72.37
CA ALA D 109 -1.46 -18.15 71.03
C ALA D 109 -0.73 -17.01 70.37
N THR D 110 0.10 -17.32 69.41
CA THR D 110 0.63 -16.24 68.60
C THR D 110 -0.26 -16.14 67.41
N TYR D 111 -0.25 -15.00 66.77
CA TYR D 111 -1.07 -14.86 65.59
C TYR D 111 -0.21 -14.54 64.41
N TYR D 112 -0.66 -15.02 63.26
CA TYR D 112 0.07 -14.80 62.03
C TYR D 112 -0.78 -14.22 60.91
N CYS D 113 -0.11 -13.45 60.03
CA CYS D 113 -0.64 -12.85 58.81
C CYS D 113 -0.16 -13.63 57.60
N GLN D 114 -1.10 -14.07 56.78
CA GLN D 114 -0.76 -14.78 55.55
C GLN D 114 -1.30 -14.10 54.32
N ARG D 115 -0.47 -14.00 53.32
CA ARG D 115 -0.85 -13.41 52.05
C ARG D 115 -1.43 -14.44 51.09
N ASN D 116 -2.61 -14.18 50.55
CA ASN D 116 -3.24 -15.13 49.64
C ASN D 116 -3.30 -14.65 48.21
N TYR D 117 -2.41 -13.74 47.84
CA TYR D 117 -2.33 -13.26 46.46
C TYR D 117 -0.93 -12.96 45.97
N ASP D 118 -0.59 -13.59 44.85
CA ASP D 118 0.68 -13.45 44.19
C ASP D 118 0.59 -12.48 43.01
N SER D 119 1.18 -11.31 43.17
CA SER D 119 1.10 -10.23 42.21
C SER D 119 1.85 -10.49 40.91
N TYR D 120 2.70 -11.52 40.88
CA TYR D 120 3.47 -11.82 39.70
C TYR D 120 2.84 -12.95 38.91
N SER D 121 2.33 -13.97 39.60
CA SER D 121 1.76 -15.08 38.86
C SER D 121 0.29 -14.93 38.55
N GLY D 122 -0.45 -14.12 39.33
CA GLY D 122 -1.88 -13.96 39.15
C GLY D 122 -2.70 -14.97 39.96
N ALA D 123 -2.00 -15.90 40.60
CA ALA D 123 -2.63 -16.95 41.39
C ALA D 123 -2.95 -16.48 42.78
N TYR D 124 -3.92 -17.13 43.40
CA TYR D 124 -4.33 -16.79 44.76
C TYR D 124 -4.17 -17.93 45.71
N TYR D 125 -2.95 -18.16 46.14
CA TYR D 125 -2.64 -19.30 46.96
C TYR D 125 -1.91 -18.75 48.18
N PRO D 126 -1.91 -19.47 49.30
CA PRO D 126 -1.38 -19.07 50.59
C PRO D 126 0.14 -19.09 50.79
N ASN D 127 0.78 -18.18 50.08
CA ASN D 127 2.22 -17.93 50.02
C ASN D 127 2.79 -16.75 50.80
N GLY D 128 3.45 -17.02 51.91
CA GLY D 128 4.10 -15.95 52.67
C GLY D 128 3.44 -15.57 53.96
N PHE D 129 4.26 -15.48 55.01
CA PHE D 129 3.79 -15.11 56.32
C PHE D 129 4.60 -13.98 56.93
N GLY D 130 3.93 -13.23 57.79
CA GLY D 130 4.55 -12.26 58.68
C GLY D 130 3.92 -12.62 60.03
N GLY D 131 4.48 -12.21 61.16
CA GLY D 131 3.77 -12.58 62.38
C GLY D 131 4.62 -12.92 63.61
N GLY D 132 3.95 -13.51 64.62
CA GLY D 132 4.58 -13.91 65.89
C GLY D 132 4.07 -13.20 67.16
N THR D 133 3.14 -12.27 67.03
CA THR D 133 2.60 -11.54 68.17
C THR D 133 1.48 -12.26 68.94
N GLU D 134 1.57 -12.27 70.30
CA GLU D 134 0.58 -12.79 71.25
C GLU D 134 -0.47 -11.71 71.51
N TRP E 40 36.91 8.29 22.48
CA TRP E 40 37.59 7.39 21.56
C TRP E 40 36.68 6.90 20.42
N VAL E 41 35.39 6.55 20.69
CA VAL E 41 34.47 6.05 19.65
C VAL E 41 33.83 7.16 18.83
N THR E 42 34.01 7.07 17.52
CA THR E 42 33.42 8.01 16.59
C THR E 42 32.46 7.26 15.70
N VAL E 43 31.30 7.83 15.54
CA VAL E 43 30.27 7.22 14.74
C VAL E 43 30.19 7.96 13.43
N TYR E 44 30.23 7.19 12.34
CA TYR E 44 30.16 7.77 11.02
C TYR E 44 28.88 7.35 10.33
N TYR E 45 28.31 8.28 9.57
CA TYR E 45 27.13 8.02 8.78
C TYR E 45 27.34 8.37 7.33
N GLY E 46 27.01 7.44 6.45
CA GLY E 46 27.22 7.62 5.03
C GLY E 46 28.43 6.80 4.58
N VAL E 47 28.81 5.81 5.36
CA VAL E 47 29.94 4.96 5.08
C VAL E 47 29.63 4.05 3.89
N PRO E 48 30.48 3.98 2.84
CA PRO E 48 30.26 3.23 1.62
C PRO E 48 30.48 1.73 1.71
N VAL E 49 29.63 1.05 2.47
CA VAL E 49 29.70 -0.40 2.61
C VAL E 49 28.37 -1.07 2.35
N TRP E 50 28.40 -2.38 2.08
CA TRP E 50 27.19 -3.13 1.80
C TRP E 50 27.26 -4.61 2.14
N LYS E 51 26.08 -5.21 2.24
CA LYS E 51 25.88 -6.64 2.45
C LYS E 51 25.03 -7.23 1.33
N ASP E 52 25.17 -8.53 1.08
CA ASP E 52 24.30 -9.16 0.09
C ASP E 52 22.87 -9.11 0.57
N ALA E 53 21.91 -8.86 -0.32
CA ALA E 53 20.53 -8.82 0.15
C ALA E 53 19.52 -9.12 -0.91
N GLU E 54 18.33 -9.51 -0.49
CA GLU E 54 17.27 -9.73 -1.46
C GLU E 54 16.13 -8.77 -1.18
N THR E 55 15.75 -8.02 -2.19
CA THR E 55 14.64 -7.10 -2.06
C THR E 55 13.78 -7.22 -3.28
N THR E 56 12.69 -6.47 -3.28
CA THR E 56 11.77 -6.45 -4.39
C THR E 56 12.20 -5.45 -5.41
N LEU E 57 12.31 -5.86 -6.65
CA LEU E 57 12.69 -4.94 -7.71
C LEU E 57 11.46 -4.48 -8.45
N PHE E 58 11.50 -3.28 -8.99
CA PHE E 58 10.38 -2.74 -9.78
C PHE E 58 10.95 -2.44 -11.14
N CYS E 59 10.11 -2.30 -12.20
CA CYS E 59 10.61 -2.00 -13.54
C CYS E 59 10.48 -0.55 -13.92
N ALA E 60 11.25 -0.23 -14.94
CA ALA E 60 11.16 1.01 -15.68
C ALA E 60 11.24 0.67 -17.17
N SER E 61 10.55 1.43 -18.01
CA SER E 61 10.57 1.22 -19.45
C SER E 61 10.18 2.47 -20.25
N ASP E 62 10.87 2.71 -21.41
CA ASP E 62 10.66 3.84 -22.35
C ASP E 62 11.22 5.18 -21.83
N LYS E 70 0.66 0.54 -25.93
CA LYS E 70 -0.56 0.13 -26.64
C LYS E 70 -1.15 -1.17 -26.05
N HIS E 71 -1.17 -1.28 -24.69
CA HIS E 71 -1.75 -2.40 -23.91
C HIS E 71 -1.26 -3.78 -24.29
N ASN E 72 0.04 -3.96 -24.36
CA ASN E 72 0.58 -5.24 -24.76
C ASN E 72 0.58 -6.21 -23.61
N VAL E 73 1.03 -7.42 -23.87
CA VAL E 73 0.94 -8.47 -22.88
C VAL E 73 1.71 -8.23 -21.58
N TRP E 74 2.75 -7.38 -21.55
CA TRP E 74 3.46 -7.20 -20.27
C TRP E 74 3.10 -5.92 -19.56
N ALA E 75 2.02 -5.27 -19.97
CA ALA E 75 1.56 -4.06 -19.30
C ALA E 75 2.69 -3.08 -19.11
N THR E 76 3.42 -2.80 -20.17
CA THR E 76 4.57 -1.94 -20.04
C THR E 76 4.14 -0.50 -19.81
N HIS E 77 2.90 -0.16 -20.12
CA HIS E 77 2.42 1.19 -19.89
C HIS E 77 2.24 1.46 -18.40
N ALA E 78 2.20 0.41 -17.60
CA ALA E 78 2.09 0.51 -16.14
C ALA E 78 3.47 0.62 -15.41
N CYS E 79 4.59 0.52 -16.16
CA CYS E 79 5.98 0.49 -15.73
C CYS E 79 6.44 1.97 -15.63
N VAL E 80 7.34 2.32 -14.71
CA VAL E 80 7.65 3.75 -14.64
C VAL E 80 8.57 4.14 -15.79
N PRO E 81 8.71 5.41 -16.17
CA PRO E 81 9.63 5.89 -17.18
C PRO E 81 11.06 5.63 -16.76
N THR E 82 11.95 5.46 -17.72
CA THR E 82 13.35 5.25 -17.39
C THR E 82 14.04 6.54 -17.10
N ASP E 83 15.20 6.42 -16.49
CA ASP E 83 16.07 7.56 -16.22
C ASP E 83 16.94 7.65 -17.48
N PRO E 84 16.82 8.67 -18.34
CA PRO E 84 17.55 8.76 -19.58
C PRO E 84 19.00 8.98 -19.25
N ASN E 85 19.90 8.42 -20.02
CA ASN E 85 21.33 8.62 -19.77
C ASN E 85 21.69 8.45 -18.29
N PRO E 86 21.44 7.27 -17.69
CA PRO E 86 21.70 7.01 -16.29
C PRO E 86 23.20 7.00 -16.12
N GLN E 87 23.68 7.36 -14.94
CA GLN E 87 25.11 7.35 -14.73
C GLN E 87 25.63 6.05 -14.14
N GLU E 88 26.58 5.45 -14.82
CA GLU E 88 27.26 4.27 -14.35
C GLU E 88 28.51 4.67 -13.60
N ILE E 89 28.71 4.17 -12.39
CA ILE E 89 29.87 4.55 -11.61
C ILE E 89 30.87 3.45 -11.37
N HIS E 90 32.06 3.57 -11.94
CA HIS E 90 33.07 2.52 -11.78
C HIS E 90 33.63 2.52 -10.38
N LEU E 91 33.83 1.35 -9.79
CA LEU E 91 34.39 1.29 -8.46
C LEU E 91 35.83 0.83 -8.51
N GLU E 92 36.73 1.68 -8.12
CA GLU E 92 38.14 1.34 -8.16
C GLU E 92 38.52 0.58 -6.89
N ASN E 93 39.52 -0.33 -6.99
CA ASN E 93 40.10 -1.12 -5.90
C ASN E 93 39.07 -1.95 -5.10
N VAL E 94 38.08 -2.58 -5.78
CA VAL E 94 37.09 -3.46 -5.12
C VAL E 94 37.04 -4.78 -5.82
N THR E 95 36.57 -5.77 -5.12
CA THR E 95 36.31 -7.07 -5.69
C THR E 95 34.98 -7.46 -5.13
N GLU E 96 34.34 -8.42 -5.76
CA GLU E 96 33.09 -8.95 -5.27
C GLU E 96 32.93 -10.35 -5.82
N GLU E 97 32.14 -11.18 -5.15
CA GLU E 97 31.84 -12.52 -5.70
C GLU E 97 30.41 -12.61 -6.17
N PHE E 98 30.26 -13.29 -7.29
CA PHE E 98 28.97 -13.49 -7.93
C PHE E 98 28.65 -14.96 -8.11
N ASN E 99 27.37 -15.27 -8.22
CA ASN E 99 26.96 -16.64 -8.52
C ASN E 99 25.67 -16.60 -9.31
N MET E 100 25.78 -16.76 -10.62
CA MET E 100 24.64 -16.64 -11.51
C MET E 100 23.62 -17.76 -11.33
N TRP E 101 24.00 -18.83 -10.65
CA TRP E 101 23.11 -19.96 -10.49
C TRP E 101 22.27 -19.82 -9.24
N LYS E 102 22.57 -18.82 -8.42
CA LYS E 102 21.90 -18.58 -7.15
C LYS E 102 21.34 -17.17 -7.10
N ASN E 103 21.22 -16.56 -8.25
CA ASN E 103 20.80 -15.17 -8.40
C ASN E 103 19.29 -15.03 -8.35
N ASN E 104 18.77 -14.39 -7.31
CA ASN E 104 17.33 -14.31 -7.12
C ASN E 104 16.63 -13.34 -8.06
N MET E 105 17.40 -12.65 -8.89
CA MET E 105 16.79 -11.77 -9.86
C MET E 105 16.11 -12.63 -10.91
N VAL E 106 16.60 -13.88 -11.08
CA VAL E 106 16.01 -14.76 -12.06
C VAL E 106 14.65 -15.16 -11.59
N GLU E 107 14.53 -15.48 -10.31
CA GLU E 107 13.25 -15.89 -9.79
C GLU E 107 12.24 -14.77 -9.87
N GLN E 108 12.65 -13.52 -9.65
CA GLN E 108 11.63 -12.50 -9.80
C GLN E 108 11.25 -12.35 -11.26
N MET E 109 12.21 -12.41 -12.19
CA MET E 109 11.76 -12.23 -13.55
C MET E 109 10.81 -13.35 -13.93
N HIS E 110 11.06 -14.55 -13.43
CA HIS E 110 10.20 -15.68 -13.73
C HIS E 110 8.78 -15.46 -13.27
N THR E 111 8.59 -15.01 -12.03
CA THR E 111 7.22 -14.87 -11.58
C THR E 111 6.57 -13.60 -12.12
N ASP E 112 7.35 -12.60 -12.52
CA ASP E 112 6.72 -11.41 -13.06
C ASP E 112 6.17 -11.72 -14.42
N ILE E 113 6.92 -12.45 -15.22
CA ILE E 113 6.43 -12.72 -16.56
C ILE E 113 5.22 -13.62 -16.50
N ILE E 114 5.23 -14.64 -15.65
CA ILE E 114 4.05 -15.50 -15.59
C ILE E 114 2.85 -14.74 -15.11
N SER E 115 2.99 -13.94 -14.06
CA SER E 115 1.84 -13.23 -13.56
C SER E 115 1.26 -12.32 -14.63
N LEU E 116 2.11 -11.61 -15.36
CA LEU E 116 1.63 -10.72 -16.40
C LEU E 116 0.91 -11.47 -17.50
N TRP E 117 1.44 -12.62 -17.89
CA TRP E 117 0.81 -13.41 -18.92
C TRP E 117 -0.62 -13.73 -18.51
N ASP E 118 -0.78 -14.23 -17.29
CA ASP E 118 -2.10 -14.61 -16.84
C ASP E 118 -3.03 -13.45 -16.65
N GLN E 119 -2.53 -12.31 -16.19
CA GLN E 119 -3.44 -11.20 -16.03
C GLN E 119 -3.93 -10.71 -17.38
N SER E 120 -3.05 -10.65 -18.37
CA SER E 120 -3.41 -10.13 -19.68
C SER E 120 -4.43 -10.99 -20.40
N LEU E 121 -4.40 -12.29 -20.16
CA LEU E 121 -5.36 -13.18 -20.80
C LEU E 121 -6.63 -13.34 -20.00
N LYS E 122 -6.73 -12.71 -18.85
CA LYS E 122 -7.90 -12.91 -18.03
C LYS E 122 -9.18 -12.32 -18.63
N PRO E 123 -9.28 -11.03 -18.99
CA PRO E 123 -10.50 -10.45 -19.53
C PRO E 123 -10.68 -10.71 -21.01
N CYS E 124 -10.72 -12.00 -21.43
CA CYS E 124 -10.84 -12.44 -22.81
C CYS E 124 -11.92 -13.52 -22.92
N VAL E 125 -12.52 -13.62 -24.09
CA VAL E 125 -13.55 -14.61 -24.33
C VAL E 125 -13.08 -16.03 -24.16
N LYS E 126 -13.88 -16.83 -23.48
CA LYS E 126 -13.59 -18.23 -23.27
C LYS E 126 -14.13 -18.99 -24.45
N LEU E 127 -13.48 -20.08 -24.81
CA LEU E 127 -13.97 -20.85 -25.94
C LEU E 127 -14.62 -22.15 -25.54
N THR E 128 -15.05 -22.26 -24.30
CA THR E 128 -15.68 -23.49 -23.85
C THR E 128 -16.71 -24.07 -24.84
N PRO E 129 -17.65 -23.29 -25.44
CA PRO E 129 -18.67 -23.75 -26.36
C PRO E 129 -18.13 -24.44 -27.61
N LEU E 130 -16.84 -24.26 -27.88
CA LEU E 130 -16.15 -24.86 -29.03
C LEU E 130 -15.75 -26.33 -28.83
N CYS E 131 -15.72 -26.85 -27.58
CA CYS E 131 -15.31 -28.23 -27.30
C CYS E 131 -16.49 -29.17 -27.56
N VAL E 132 -16.67 -29.44 -28.84
CA VAL E 132 -17.78 -30.23 -29.38
C VAL E 132 -17.26 -31.30 -30.28
N THR E 133 -18.11 -32.25 -30.64
CA THR E 133 -17.66 -33.22 -31.59
C THR E 133 -17.48 -32.51 -32.91
N LEU E 134 -16.32 -32.65 -33.52
CA LEU E 134 -16.07 -32.03 -34.82
C LEU E 134 -16.17 -33.08 -35.89
N GLN E 135 -16.69 -32.73 -37.05
CA GLN E 135 -16.72 -33.66 -38.19
C GLN E 135 -15.72 -33.13 -39.22
N CYS E 136 -14.59 -33.84 -39.44
CA CYS E 136 -13.48 -33.31 -40.26
C CYS E 136 -13.11 -34.22 -41.43
N THR E 137 -12.64 -33.53 -42.48
CA THR E 137 -12.05 -34.08 -43.69
C THR E 137 -10.70 -33.40 -43.93
N ASN E 138 -9.83 -33.95 -44.81
CA ASN E 138 -8.51 -33.39 -45.15
C ASN E 138 -8.63 -32.21 -46.12
N VAL E 139 -7.69 -31.23 -46.01
CA VAL E 139 -7.56 -30.12 -46.98
C VAL E 139 -6.65 -30.61 -48.08
N THR E 140 -7.20 -30.73 -49.29
CA THR E 140 -6.43 -31.27 -50.41
C THR E 140 -6.40 -30.44 -51.69
N ASN E 141 -7.23 -29.39 -51.78
CA ASN E 141 -7.38 -28.69 -53.06
C ASN E 141 -6.17 -27.99 -53.67
N ASN E 142 -5.35 -27.34 -52.86
CA ASN E 142 -4.19 -26.63 -53.40
C ASN E 142 -2.98 -26.82 -52.53
N ILE E 143 -2.46 -28.04 -52.47
CA ILE E 143 -1.38 -28.26 -51.52
C ILE E 143 -0.16 -28.89 -52.12
N THR E 144 0.96 -28.72 -51.45
CA THR E 144 2.14 -29.49 -51.80
C THR E 144 2.10 -30.80 -51.03
N ASP E 145 2.97 -31.74 -51.36
CA ASP E 145 2.93 -33.03 -50.67
C ASP E 145 3.33 -32.96 -49.20
N ASP E 146 4.20 -32.02 -48.87
CA ASP E 146 4.69 -31.87 -47.51
C ASP E 146 3.60 -31.39 -46.57
N MET E 147 2.52 -30.85 -47.11
CA MET E 147 1.41 -30.38 -46.33
C MET E 147 0.23 -31.31 -46.36
N ARG E 148 0.40 -32.49 -46.93
CA ARG E 148 -0.72 -33.37 -47.02
C ARG E 148 -0.96 -33.96 -45.67
N GLY E 149 -2.16 -33.76 -45.16
CA GLY E 149 -2.52 -34.23 -43.85
C GLY E 149 -2.25 -33.19 -42.74
N GLU E 150 -1.63 -32.06 -43.08
CA GLU E 150 -1.34 -31.06 -42.07
C GLU E 150 -2.52 -30.20 -41.71
N LEU E 151 -3.42 -29.96 -42.66
CA LEU E 151 -4.57 -29.14 -42.34
C LEU E 151 -5.83 -29.94 -42.48
N LYS E 152 -6.74 -29.71 -41.54
CA LYS E 152 -8.04 -30.33 -41.60
C LYS E 152 -9.16 -29.30 -41.64
N ASN E 153 -10.22 -29.62 -42.40
CA ASN E 153 -11.43 -28.84 -42.60
C ASN E 153 -12.54 -29.41 -41.72
N CYS E 154 -12.89 -28.72 -40.61
CA CYS E 154 -13.81 -29.20 -39.58
C CYS E 154 -15.12 -28.42 -39.50
N SER E 155 -16.23 -29.15 -39.53
CA SER E 155 -17.56 -28.58 -39.40
C SER E 155 -18.13 -28.90 -38.05
N PHE E 156 -18.87 -27.98 -37.48
CA PHE E 156 -19.50 -28.22 -36.19
C PHE E 156 -20.74 -27.37 -35.90
N ASN E 157 -21.57 -27.84 -34.92
CA ASN E 157 -22.79 -27.19 -34.44
C ASN E 157 -22.49 -26.30 -33.22
N MET E 158 -22.49 -24.96 -33.41
CA MET E 158 -22.13 -23.94 -32.41
C MET E 158 -23.24 -22.95 -32.08
N THR E 159 -23.29 -22.55 -30.82
CA THR E 159 -24.25 -21.63 -30.25
C THR E 159 -24.20 -20.23 -30.86
N THR E 160 -25.36 -19.69 -31.19
CA THR E 160 -25.51 -18.33 -31.73
C THR E 160 -25.73 -17.36 -30.59
N GLU E 161 -25.84 -16.05 -30.86
CA GLU E 161 -26.03 -15.19 -29.70
C GLU E 161 -27.32 -15.53 -28.97
N LEU E 162 -28.32 -16.03 -29.67
CA LEU E 162 -29.52 -16.42 -28.96
C LEU E 162 -29.30 -17.80 -28.38
N ARG E 163 -29.69 -17.98 -27.14
CA ARG E 163 -29.54 -19.26 -26.44
C ARG E 163 -30.23 -20.42 -27.12
N ASP E 164 -31.35 -20.18 -27.76
CA ASP E 164 -32.14 -21.22 -28.37
C ASP E 164 -31.86 -21.49 -29.86
N LYS E 165 -30.80 -20.92 -30.42
CA LYS E 165 -30.48 -21.18 -31.83
C LYS E 165 -29.05 -21.66 -32.01
N LYS E 166 -28.84 -22.46 -33.04
CA LYS E 166 -27.52 -22.98 -33.35
C LYS E 166 -27.22 -22.76 -34.82
N GLN E 167 -25.94 -22.70 -35.14
CA GLN E 167 -25.51 -22.54 -36.51
C GLN E 167 -24.47 -23.54 -36.90
N LYS E 168 -24.43 -23.86 -38.19
CA LYS E 168 -23.42 -24.74 -38.72
C LYS E 168 -22.30 -23.93 -39.29
N VAL E 169 -21.13 -24.09 -38.71
CA VAL E 169 -19.99 -23.31 -39.12
C VAL E 169 -18.84 -24.24 -39.38
N TYR E 170 -17.83 -23.76 -40.06
CA TYR E 170 -16.66 -24.58 -40.23
C TYR E 170 -15.44 -23.72 -40.21
N SER E 171 -14.33 -24.35 -39.90
CA SER E 171 -13.04 -23.68 -39.85
C SER E 171 -11.90 -24.63 -40.11
N LEU E 172 -10.74 -24.06 -40.39
CA LEU E 172 -9.59 -24.93 -40.57
C LEU E 172 -8.79 -25.00 -39.29
N PHE E 173 -8.21 -26.16 -39.04
CA PHE E 173 -7.32 -26.38 -37.91
C PHE E 173 -6.06 -27.08 -38.33
N TYR E 174 -5.01 -26.85 -37.58
CA TYR E 174 -3.76 -27.54 -37.81
C TYR E 174 -3.84 -28.90 -37.16
N ARG E 175 -3.22 -29.89 -37.77
CA ARG E 175 -3.22 -31.25 -37.29
C ARG E 175 -2.85 -31.43 -35.84
N LEU E 176 -1.91 -30.64 -35.35
CA LEU E 176 -1.43 -30.82 -33.99
C LEU E 176 -2.41 -30.42 -32.90
N ASP E 177 -3.46 -29.70 -33.26
CA ASP E 177 -4.44 -29.25 -32.29
C ASP E 177 -5.68 -30.14 -32.27
N VAL E 178 -5.72 -31.16 -33.14
CA VAL E 178 -6.92 -31.97 -33.27
C VAL E 178 -6.67 -33.46 -33.00
N VAL E 179 -7.48 -34.03 -32.13
CA VAL E 179 -7.36 -35.43 -31.71
C VAL E 179 -8.49 -36.32 -32.21
N GLN E 180 -8.16 -37.43 -32.83
CA GLN E 180 -9.21 -38.31 -33.33
C GLN E 180 -9.88 -39.09 -32.21
N ILE E 181 -11.21 -39.18 -32.26
CA ILE E 181 -12.00 -39.88 -31.23
C ILE E 181 -12.10 -41.40 -31.44
N ASN E 182 -12.47 -41.85 -32.66
CA ASN E 182 -12.70 -43.24 -33.03
C ASN E 182 -11.57 -43.69 -33.96
N ASN E 193 -17.27 -37.83 -41.98
CA ASN E 193 -16.09 -38.66 -42.23
C ASN E 193 -15.58 -39.22 -40.88
N LYS E 194 -14.67 -38.51 -40.16
CA LYS E 194 -14.13 -38.95 -38.86
C LYS E 194 -14.45 -37.91 -37.80
N GLU E 195 -14.63 -38.37 -36.57
CA GLU E 195 -14.95 -37.47 -35.47
C GLU E 195 -13.71 -37.08 -34.67
N TYR E 196 -13.63 -35.80 -34.32
CA TYR E 196 -12.50 -35.21 -33.60
C TYR E 196 -12.83 -34.30 -32.42
N ARG E 197 -11.84 -34.12 -31.54
CA ARG E 197 -11.90 -33.20 -30.40
C ARG E 197 -10.71 -32.27 -30.42
N LEU E 198 -10.82 -31.14 -29.76
CA LEU E 198 -9.62 -30.33 -29.65
C LEU E 198 -8.74 -30.98 -28.60
N ILE E 199 -7.44 -30.82 -28.75
CA ILE E 199 -6.47 -31.42 -27.83
C ILE E 199 -6.66 -31.17 -26.36
N ASN E 200 -7.19 -30.02 -25.96
CA ASN E 200 -7.34 -29.82 -24.53
C ASN E 200 -8.71 -30.11 -23.91
N CYS E 201 -9.67 -30.73 -24.64
CA CYS E 201 -11.01 -31.00 -24.10
C CYS E 201 -11.01 -31.82 -22.82
N ASN E 202 -10.17 -32.81 -22.67
CA ASN E 202 -10.24 -33.56 -21.42
C ASN E 202 -9.24 -33.09 -20.34
N THR E 203 -8.49 -31.98 -20.57
CA THR E 203 -7.45 -31.45 -19.67
C THR E 203 -7.67 -30.04 -19.16
N SER E 204 -8.06 -29.10 -19.99
CA SER E 204 -8.17 -27.74 -19.48
C SER E 204 -9.12 -26.84 -20.24
N ALA E 205 -9.28 -25.64 -19.73
CA ALA E 205 -10.10 -24.63 -20.37
C ALA E 205 -9.29 -23.98 -21.48
N ILE E 206 -9.96 -23.54 -22.52
CA ILE E 206 -9.26 -22.83 -23.57
C ILE E 206 -9.75 -21.40 -23.62
N THR E 207 -8.82 -20.45 -23.52
CA THR E 207 -9.16 -19.03 -23.56
C THR E 207 -8.56 -18.40 -24.80
N GLN E 208 -9.35 -17.64 -25.54
CA GLN E 208 -8.81 -17.02 -26.74
C GLN E 208 -8.04 -15.80 -26.35
N ALA E 209 -6.84 -15.64 -26.88
CA ALA E 209 -6.11 -14.44 -26.55
C ALA E 209 -6.83 -13.27 -27.18
N CYS E 210 -6.86 -12.11 -26.50
CA CYS E 210 -7.45 -10.88 -27.02
C CYS E 210 -6.63 -10.39 -28.24
N PRO E 211 -7.25 -10.13 -29.40
CA PRO E 211 -6.63 -9.77 -30.67
C PRO E 211 -5.91 -8.43 -30.65
N LYS E 212 -6.20 -7.61 -29.65
CA LYS E 212 -5.58 -6.31 -29.55
C LYS E 212 -4.32 -6.31 -28.70
N VAL E 213 -3.97 -7.44 -28.11
CA VAL E 213 -2.81 -7.46 -27.24
C VAL E 213 -1.66 -8.14 -27.92
N SER E 214 -0.61 -7.38 -28.21
CA SER E 214 0.53 -7.94 -28.90
C SER E 214 1.48 -8.70 -27.98
N PHE E 215 2.32 -9.55 -28.60
CA PHE E 215 3.30 -10.34 -27.87
C PHE E 215 4.78 -10.07 -28.16
N GLU E 216 5.13 -9.19 -29.08
CA GLU E 216 6.54 -9.01 -29.38
C GLU E 216 7.23 -8.49 -28.13
N PRO E 217 8.49 -8.85 -27.86
CA PRO E 217 9.23 -8.42 -26.70
C PRO E 217 9.48 -6.94 -26.70
N ILE E 218 9.43 -6.38 -25.51
CA ILE E 218 9.68 -4.98 -25.24
C ILE E 218 10.68 -4.94 -24.12
N PRO E 219 11.81 -4.26 -24.22
CA PRO E 219 12.79 -4.22 -23.14
C PRO E 219 12.20 -3.73 -21.84
N ILE E 220 12.51 -4.45 -20.76
CA ILE E 220 12.10 -4.11 -19.41
C ILE E 220 13.36 -3.91 -18.59
N HIS E 221 13.48 -2.80 -17.87
CA HIS E 221 14.66 -2.54 -17.05
C HIS E 221 14.35 -2.85 -15.60
N TYR E 222 15.23 -3.55 -14.87
CA TYR E 222 14.95 -3.76 -13.45
C TYR E 222 15.70 -2.77 -12.57
N CYS E 223 14.97 -2.03 -11.71
CA CYS E 223 15.46 -0.96 -10.85
C CYS E 223 15.40 -1.33 -9.37
N ALA E 224 16.44 -0.93 -8.64
CA ALA E 224 16.47 -1.16 -7.21
C ALA E 224 15.83 0.04 -6.50
N PRO E 225 15.18 -0.16 -5.35
CA PRO E 225 14.61 0.85 -4.49
C PRO E 225 15.72 1.60 -3.80
N ALA E 226 15.46 2.83 -3.35
CA ALA E 226 16.51 3.55 -2.68
C ALA E 226 16.98 2.79 -1.47
N GLY E 227 18.29 2.83 -1.26
CA GLY E 227 18.93 2.15 -0.15
C GLY E 227 19.61 0.88 -0.64
N PHE E 228 19.26 0.49 -1.84
CA PHE E 228 19.80 -0.67 -2.50
C PHE E 228 20.50 -0.23 -3.76
N ALA E 229 21.41 -1.08 -4.23
CA ALA E 229 22.15 -0.77 -5.44
C ALA E 229 22.41 -2.03 -6.20
N ILE E 230 22.65 -1.91 -7.50
CA ILE E 230 22.93 -3.08 -8.28
C ILE E 230 24.37 -3.08 -8.75
N LEU E 231 25.07 -4.15 -8.46
CA LEU E 231 26.44 -4.23 -8.88
C LEU E 231 26.53 -5.04 -10.16
N LYS E 232 27.06 -4.40 -11.18
CA LYS E 232 27.20 -4.98 -12.50
C LYS E 232 28.66 -5.34 -12.69
N CYS E 233 28.98 -6.59 -13.09
CA CYS E 233 30.39 -6.96 -13.32
C CYS E 233 30.70 -7.02 -14.80
N LYS E 234 31.79 -6.37 -15.17
CA LYS E 234 32.28 -6.28 -16.52
C LYS E 234 33.37 -7.25 -16.86
N ASP E 235 33.76 -8.09 -15.93
CA ASP E 235 34.89 -8.96 -16.23
C ASP E 235 34.50 -9.82 -17.40
N LYS E 236 35.21 -9.67 -18.49
CA LYS E 236 34.77 -10.30 -19.71
C LYS E 236 35.18 -11.76 -19.81
N LYS E 237 35.90 -12.24 -18.79
CA LYS E 237 36.24 -13.65 -18.71
C LYS E 237 35.46 -14.34 -17.61
N PHE E 238 34.47 -13.66 -17.05
CA PHE E 238 33.68 -14.25 -15.98
C PHE E 238 32.85 -15.45 -16.44
N ASN E 239 32.99 -16.59 -15.71
CA ASN E 239 32.36 -17.89 -16.01
C ASN E 239 31.04 -18.16 -15.23
N GLY E 240 30.50 -17.14 -14.54
CA GLY E 240 29.26 -17.23 -13.76
C GLY E 240 29.46 -17.35 -12.26
N THR E 241 30.65 -17.76 -11.81
CA THR E 241 30.84 -17.84 -10.36
C THR E 241 32.16 -17.28 -9.85
N GLY E 242 32.18 -16.89 -8.58
CA GLY E 242 33.41 -16.50 -7.92
C GLY E 242 33.74 -15.03 -8.13
N PRO E 243 34.97 -14.63 -7.78
CA PRO E 243 35.46 -13.27 -7.83
C PRO E 243 35.31 -12.74 -9.24
N CYS E 244 34.88 -11.46 -9.36
CA CYS E 244 34.66 -10.78 -10.64
C CYS E 244 35.04 -9.29 -10.41
N PRO E 245 36.34 -8.94 -10.47
CA PRO E 245 36.94 -7.62 -10.15
C PRO E 245 36.45 -6.33 -10.84
N SER E 246 35.99 -6.38 -12.07
CA SER E 246 35.61 -5.12 -12.72
C SER E 246 34.20 -4.70 -12.42
N VAL E 247 33.99 -4.26 -11.21
CA VAL E 247 32.67 -3.95 -10.73
C VAL E 247 32.31 -2.47 -10.85
N SER E 248 31.10 -2.21 -11.29
CA SER E 248 30.59 -0.85 -11.34
C SER E 248 29.18 -0.84 -10.77
N THR E 249 28.73 0.32 -10.34
CA THR E 249 27.40 0.42 -9.77
C THR E 249 26.41 1.16 -10.62
N VAL E 250 25.23 0.59 -10.72
CA VAL E 250 24.14 1.24 -11.42
C VAL E 250 22.96 1.24 -10.50
N GLN E 251 22.01 2.12 -10.74
CA GLN E 251 20.79 2.06 -9.94
C GLN E 251 19.71 1.13 -10.54
N CYS E 252 19.72 1.00 -11.90
CA CYS E 252 18.75 0.26 -12.68
C CYS E 252 19.53 -0.33 -13.87
N THR E 253 19.20 -1.55 -14.24
CA THR E 253 19.86 -2.28 -15.31
C THR E 253 19.38 -1.83 -16.67
N HIS E 254 20.05 -2.28 -17.71
CA HIS E 254 19.62 -2.03 -19.07
C HIS E 254 18.40 -2.87 -19.32
N GLY E 255 17.76 -2.69 -20.46
CA GLY E 255 16.56 -3.46 -20.69
C GLY E 255 16.88 -4.88 -21.12
N ILE E 256 16.02 -5.80 -20.72
CA ILE E 256 16.08 -7.18 -21.09
C ILE E 256 14.83 -7.54 -21.83
N LYS E 257 14.96 -8.17 -22.98
CA LYS E 257 13.77 -8.56 -23.70
C LYS E 257 13.26 -9.89 -23.19
N PRO E 258 12.00 -10.02 -22.77
CA PRO E 258 11.40 -11.22 -22.23
C PRO E 258 11.01 -12.19 -23.32
N VAL E 259 12.01 -12.67 -24.03
CA VAL E 259 11.81 -13.59 -25.12
C VAL E 259 11.70 -14.99 -24.57
N VAL E 260 10.71 -15.74 -25.04
CA VAL E 260 10.57 -17.11 -24.59
C VAL E 260 10.89 -18.05 -25.73
N SER E 261 11.88 -18.91 -25.53
CA SER E 261 12.30 -19.84 -26.57
C SER E 261 12.98 -21.05 -26.00
N THR E 262 13.17 -22.04 -26.85
CA THR E 262 13.95 -23.21 -26.47
C THR E 262 15.06 -23.45 -27.47
N GLN E 263 16.11 -24.15 -27.03
CA GLN E 263 17.28 -24.56 -27.81
C GLN E 263 18.14 -23.40 -28.28
N LEU E 264 17.57 -22.52 -29.07
CA LEU E 264 18.31 -21.36 -29.50
C LEU E 264 17.82 -20.16 -28.73
N LEU E 265 18.76 -19.33 -28.33
CA LEU E 265 18.49 -18.12 -27.60
C LEU E 265 18.46 -17.01 -28.60
N LEU E 266 17.33 -16.34 -28.69
CA LEU E 266 17.19 -15.29 -29.67
C LEU E 266 17.15 -13.90 -29.04
N ASN E 267 17.68 -12.90 -29.78
CA ASN E 267 17.68 -11.46 -29.51
C ASN E 267 18.24 -11.06 -28.12
N GLY E 268 19.29 -11.75 -27.63
CA GLY E 268 19.93 -11.46 -26.34
C GLY E 268 21.18 -10.61 -26.51
N SER E 269 21.97 -10.56 -25.45
CA SER E 269 23.20 -9.81 -25.44
C SER E 269 24.31 -10.64 -26.02
N LEU E 270 25.33 -10.00 -26.54
CA LEU E 270 26.48 -10.73 -27.05
C LEU E 270 27.68 -10.67 -26.13
N ALA E 271 28.50 -11.68 -26.26
CA ALA E 271 29.78 -11.80 -25.59
C ALA E 271 30.75 -10.99 -26.41
N GLU E 272 31.94 -10.72 -25.90
CA GLU E 272 32.88 -9.93 -26.71
C GLU E 272 34.24 -10.60 -26.87
N GLU E 273 34.96 -10.73 -25.76
CA GLU E 273 36.33 -11.23 -25.75
C GLU E 273 36.44 -12.65 -26.29
N GLU E 274 35.46 -13.46 -26.00
CA GLU E 274 35.46 -14.81 -26.52
C GLU E 274 34.04 -15.34 -26.47
N VAL E 275 33.83 -16.53 -26.99
CA VAL E 275 32.56 -17.19 -26.81
C VAL E 275 32.56 -17.67 -25.38
N MET E 276 31.51 -17.40 -24.65
CA MET E 276 31.54 -17.82 -23.27
C MET E 276 30.75 -19.06 -23.04
N ILE E 277 31.31 -19.99 -22.30
CA ILE E 277 30.61 -21.21 -21.99
C ILE E 277 30.43 -21.27 -20.50
N ARG E 278 29.20 -21.35 -20.04
CA ARG E 278 28.98 -21.34 -18.61
C ARG E 278 28.08 -22.46 -18.18
N SER E 279 28.36 -23.03 -17.02
CA SER E 279 27.49 -24.05 -16.46
C SER E 279 27.65 -24.05 -14.97
N GLU E 280 26.69 -24.65 -14.27
CA GLU E 280 26.78 -24.76 -12.83
C GLU E 280 27.90 -25.72 -12.45
N ASN E 281 28.01 -26.79 -13.24
CA ASN E 281 29.01 -27.81 -13.03
C ASN E 281 29.31 -28.51 -14.34
N ILE E 282 30.50 -28.28 -14.88
CA ILE E 282 30.87 -28.81 -16.17
C ILE E 282 30.85 -30.32 -16.23
N THR E 283 31.24 -30.96 -15.13
CA THR E 283 31.36 -32.40 -15.14
C THR E 283 30.07 -33.10 -14.72
N ASN E 284 29.02 -32.34 -14.47
CA ASN E 284 27.75 -32.92 -14.08
C ASN E 284 26.84 -33.01 -15.29
N ASN E 285 26.58 -34.20 -15.80
CA ASN E 285 25.83 -34.32 -17.04
C ASN E 285 24.34 -34.05 -16.88
N ALA E 286 23.90 -33.76 -15.67
CA ALA E 286 22.52 -33.40 -15.43
C ALA E 286 22.29 -31.91 -15.57
N LYS E 287 23.35 -31.14 -15.81
CA LYS E 287 23.23 -29.69 -15.91
C LYS E 287 23.29 -29.17 -17.34
N ASN E 288 22.71 -27.99 -17.55
CA ASN E 288 22.74 -27.39 -18.88
C ASN E 288 23.99 -26.55 -19.04
N ILE E 289 24.42 -26.40 -20.28
CA ILE E 289 25.51 -25.55 -20.64
C ILE E 289 24.99 -24.39 -21.47
N LEU E 290 25.26 -23.18 -21.04
CA LEU E 290 24.80 -22.02 -21.78
C LEU E 290 25.93 -21.46 -22.59
N VAL E 291 25.72 -21.35 -23.89
CA VAL E 291 26.77 -20.84 -24.74
C VAL E 291 26.38 -19.50 -25.31
N GLN E 292 27.22 -18.50 -25.06
CA GLN E 292 26.95 -17.15 -25.53
C GLN E 292 27.89 -16.72 -26.64
N PHE E 293 27.31 -16.43 -27.78
CA PHE E 293 28.08 -16.07 -28.96
C PHE E 293 28.56 -14.65 -28.87
N ASN E 294 29.69 -14.35 -29.52
CA ASN E 294 30.12 -12.97 -29.56
C ASN E 294 29.75 -12.30 -30.88
N THR E 295 29.06 -13.03 -31.73
CA THR E 295 28.57 -12.54 -33.01
C THR E 295 27.18 -13.11 -33.18
N PRO E 296 26.23 -12.42 -33.80
CA PRO E 296 24.91 -12.94 -34.08
C PRO E 296 24.92 -13.88 -35.26
N VAL E 297 23.97 -14.80 -35.31
CA VAL E 297 23.74 -15.59 -36.51
C VAL E 297 22.35 -15.26 -37.01
N GLN E 298 22.22 -14.79 -38.23
CA GLN E 298 20.89 -14.37 -38.67
C GLN E 298 20.02 -15.46 -39.24
N ILE E 299 18.74 -15.45 -38.82
CA ILE E 299 17.75 -16.36 -39.36
C ILE E 299 16.53 -15.57 -39.88
N ASN E 300 15.82 -16.15 -40.88
CA ASN E 300 14.62 -15.63 -41.56
C ASN E 300 13.53 -16.72 -41.61
N CYS E 301 12.37 -16.50 -40.96
CA CYS E 301 11.25 -17.45 -40.88
C CYS E 301 10.02 -16.94 -41.60
N THR E 302 9.24 -17.85 -42.17
CA THR E 302 8.01 -17.44 -42.85
C THR E 302 6.82 -18.39 -42.70
N ARG E 303 5.61 -17.80 -42.78
CA ARG E 303 4.34 -18.54 -42.69
C ARG E 303 4.23 -19.74 -43.65
N PRO E 304 4.44 -19.60 -44.98
CA PRO E 304 4.44 -18.48 -45.91
C PRO E 304 3.06 -18.25 -46.54
N ASN E 305 2.08 -19.04 -46.14
CA ASN E 305 0.74 -19.04 -46.74
C ASN E 305 0.00 -17.74 -46.45
N ASN E 306 -0.86 -17.25 -47.39
CA ASN E 306 -1.69 -16.06 -47.25
C ASN E 306 -3.05 -16.43 -46.62
N ASN E 307 -3.20 -16.20 -45.30
CA ASN E 307 -4.40 -16.59 -44.53
C ASN E 307 -5.47 -15.51 -44.45
N THR E 308 -6.71 -15.96 -44.23
CA THR E 308 -7.83 -15.06 -44.04
C THR E 308 -8.45 -15.40 -42.70
N ARG E 309 -9.25 -14.49 -42.16
CA ARG E 309 -9.87 -14.72 -40.87
C ARG E 309 -11.33 -14.33 -40.85
N LYS E 310 -12.15 -15.07 -40.12
CA LYS E 310 -13.55 -14.70 -39.97
C LYS E 310 -14.02 -14.78 -38.54
N SER E 311 -14.98 -13.94 -38.18
CA SER E 311 -15.52 -13.95 -36.83
C SER E 311 -16.82 -14.71 -36.73
N ILE E 312 -16.95 -15.50 -35.67
CA ILE E 312 -18.17 -16.22 -35.39
C ILE E 312 -18.72 -15.78 -34.04
N ARG E 313 -19.96 -15.31 -33.99
CA ARG E 313 -20.49 -14.93 -32.69
C ARG E 313 -20.83 -16.20 -31.97
N ILE E 314 -20.44 -16.30 -30.71
CA ILE E 314 -20.69 -17.52 -29.94
C ILE E 314 -21.52 -17.28 -28.70
N GLY E 315 -22.06 -16.10 -28.60
CA GLY E 315 -22.85 -15.68 -27.46
C GLY E 315 -22.89 -14.17 -27.50
N PRO E 316 -23.76 -13.51 -26.75
CA PRO E 316 -23.86 -12.08 -26.78
C PRO E 316 -22.56 -11.43 -26.41
N GLY E 317 -22.08 -10.56 -27.27
CA GLY E 317 -20.87 -9.80 -26.99
C GLY E 317 -19.57 -10.58 -27.19
N GLN E 318 -19.64 -11.81 -27.67
CA GLN E 318 -18.44 -12.59 -27.78
C GLN E 318 -18.23 -13.24 -29.12
N ALA E 319 -16.97 -13.32 -29.55
CA ALA E 319 -16.71 -13.98 -30.82
C ALA E 319 -15.40 -14.71 -30.82
N PHE E 320 -15.43 -15.77 -31.59
CA PHE E 320 -14.34 -16.66 -31.88
C PHE E 320 -13.75 -16.35 -33.21
N TYR E 321 -12.43 -16.34 -33.28
CA TYR E 321 -11.81 -16.10 -34.56
C TYR E 321 -11.38 -17.39 -35.17
N ALA E 322 -11.96 -17.68 -36.32
CA ALA E 322 -11.73 -18.92 -36.99
C ALA E 322 -10.77 -18.74 -38.13
N THR E 323 -9.98 -19.77 -38.40
CA THR E 323 -9.12 -19.73 -39.56
C THR E 323 -10.03 -19.87 -40.75
N GLY E 324 -9.88 -18.99 -41.72
CA GLY E 324 -10.71 -18.99 -42.91
C GLY E 324 -10.03 -19.77 -43.99
N ASP E 325 -10.34 -19.48 -45.24
CA ASP E 325 -9.72 -20.26 -46.30
C ASP E 325 -8.33 -19.67 -46.59
N ILE E 326 -7.61 -20.27 -47.52
CA ILE E 326 -6.27 -19.84 -47.87
C ILE E 326 -6.17 -19.39 -49.31
N ILE E 327 -5.54 -18.26 -49.51
CA ILE E 327 -5.41 -17.70 -50.83
C ILE E 327 -4.10 -18.18 -51.45
N GLY E 328 -4.21 -18.83 -52.59
CA GLY E 328 -3.04 -19.36 -53.24
C GLY E 328 -2.69 -20.72 -52.68
N ASP E 329 -1.52 -21.22 -53.05
CA ASP E 329 -1.09 -22.56 -52.66
C ASP E 329 -0.70 -22.66 -51.21
N ILE E 330 -0.83 -23.86 -50.66
CA ILE E 330 -0.44 -24.15 -49.31
C ILE E 330 0.91 -24.85 -49.27
N ARG E 331 1.86 -24.19 -48.62
CA ARG E 331 3.23 -24.62 -48.50
C ARG E 331 3.62 -24.74 -47.04
N GLN E 332 4.70 -25.47 -46.77
CA GLN E 332 5.14 -25.66 -45.41
C GLN E 332 5.91 -24.50 -44.84
N ALA E 333 5.63 -24.19 -43.57
CA ALA E 333 6.34 -23.13 -42.83
C ALA E 333 7.78 -23.53 -42.68
N HIS E 334 8.66 -22.55 -42.72
CA HIS E 334 10.07 -22.88 -42.58
C HIS E 334 10.93 -21.71 -42.13
N CYS E 335 12.15 -22.01 -41.63
CA CYS E 335 13.18 -21.04 -41.24
C CYS E 335 14.50 -21.32 -41.97
N ASN E 336 15.14 -20.26 -42.40
CA ASN E 336 16.45 -20.33 -43.04
C ASN E 336 17.50 -19.66 -42.15
N VAL E 337 18.70 -20.28 -42.07
CA VAL E 337 19.88 -19.72 -41.37
C VAL E 337 21.01 -19.63 -42.34
N SER E 338 21.75 -18.54 -42.32
CA SER E 338 22.86 -18.50 -43.28
C SER E 338 23.78 -19.68 -43.01
N LYS E 339 24.17 -20.44 -44.05
CA LYS E 339 24.99 -21.62 -43.79
C LYS E 339 26.39 -21.32 -43.38
N ALA E 340 27.04 -20.40 -44.08
CA ALA E 340 28.43 -20.13 -43.75
C ALA E 340 28.56 -19.57 -42.35
N THR E 341 27.60 -18.74 -41.95
CA THR E 341 27.69 -18.15 -40.65
C THR E 341 27.53 -19.23 -39.60
N TRP E 342 26.55 -20.12 -39.77
CA TRP E 342 26.39 -21.18 -38.79
C TRP E 342 27.64 -22.06 -38.68
N ASN E 343 28.26 -22.44 -39.84
CA ASN E 343 29.45 -23.29 -39.96
C ASN E 343 30.64 -22.74 -39.16
N GLU E 344 30.91 -21.42 -39.29
CA GLU E 344 32.00 -20.72 -38.60
C GLU E 344 31.71 -20.55 -37.11
N THR E 345 30.46 -20.22 -36.78
CA THR E 345 30.09 -19.99 -35.40
C THR E 345 30.20 -21.25 -34.61
N LEU E 346 29.78 -22.35 -35.18
CA LEU E 346 29.83 -23.59 -34.44
C LEU E 346 31.29 -23.95 -34.20
N GLY E 347 32.16 -23.72 -35.18
CA GLY E 347 33.56 -24.04 -34.98
C GLY E 347 34.17 -23.24 -33.81
N LYS E 348 33.76 -21.98 -33.66
CA LYS E 348 34.26 -21.18 -32.54
C LYS E 348 33.83 -21.78 -31.21
N VAL E 349 32.59 -22.26 -31.15
CA VAL E 349 32.11 -22.85 -29.91
C VAL E 349 32.93 -24.05 -29.58
N VAL E 350 33.22 -24.89 -30.56
CA VAL E 350 33.99 -26.09 -30.30
C VAL E 350 35.38 -25.77 -29.81
N LYS E 351 36.07 -24.82 -30.43
CA LYS E 351 37.41 -24.53 -29.97
C LYS E 351 37.43 -24.19 -28.50
N GLN E 352 36.50 -23.36 -28.06
CA GLN E 352 36.42 -22.96 -26.67
C GLN E 352 35.91 -24.07 -25.76
N LEU E 353 34.99 -24.88 -26.24
CA LEU E 353 34.38 -25.95 -25.46
C LEU E 353 35.44 -26.98 -25.10
N ARG E 354 36.36 -27.23 -26.02
CA ARG E 354 37.44 -28.18 -25.80
C ARG E 354 38.34 -27.81 -24.64
N LYS E 355 38.39 -26.55 -24.25
CA LYS E 355 39.30 -26.18 -23.17
C LYS E 355 38.96 -26.86 -21.86
N HIS E 356 37.73 -27.37 -21.74
CA HIS E 356 37.33 -28.02 -20.52
C HIS E 356 37.41 -29.54 -20.61
N PHE E 357 37.83 -30.06 -21.76
CA PHE E 357 37.90 -31.51 -21.98
C PHE E 357 39.30 -32.00 -22.40
N GLY E 358 40.04 -31.16 -23.11
CA GLY E 358 41.36 -31.52 -23.62
C GLY E 358 41.50 -31.32 -25.12
N ASN E 359 42.73 -31.20 -25.60
CA ASN E 359 42.98 -30.95 -27.02
C ASN E 359 42.91 -32.19 -27.88
N ASN E 360 42.65 -33.31 -27.24
CA ASN E 360 42.51 -34.57 -27.92
C ASN E 360 41.07 -35.07 -27.83
N THR E 361 40.16 -34.18 -27.44
CA THR E 361 38.75 -34.55 -27.34
C THR E 361 37.98 -34.15 -28.60
N ILE E 362 37.22 -35.10 -29.10
CA ILE E 362 36.40 -34.93 -30.28
C ILE E 362 35.02 -34.47 -29.86
N ILE E 363 34.52 -33.44 -30.53
CA ILE E 363 33.20 -32.95 -30.18
C ILE E 363 32.15 -33.18 -31.24
N ARG E 364 31.10 -33.89 -30.84
CA ARG E 364 29.98 -34.25 -31.70
C ARG E 364 28.69 -33.62 -31.23
N PHE E 365 27.89 -33.09 -32.15
CA PHE E 365 26.62 -32.45 -31.77
C PHE E 365 25.38 -33.30 -31.99
N ALA E 366 25.60 -34.50 -32.47
CA ALA E 366 24.57 -35.51 -32.65
C ALA E 366 23.25 -34.98 -33.27
N ASN E 367 22.13 -34.96 -32.49
CA ASN E 367 20.76 -34.63 -32.86
C ASN E 367 19.99 -34.32 -31.56
N SER E 368 18.72 -33.88 -31.67
CA SER E 368 17.79 -33.64 -30.56
C SER E 368 17.48 -34.97 -29.82
N SER E 369 17.31 -34.90 -28.50
CA SER E 369 17.14 -36.10 -27.67
C SER E 369 15.83 -36.89 -27.76
N GLY E 370 14.74 -36.28 -28.21
CA GLY E 370 13.46 -36.99 -28.30
C GLY E 370 12.49 -36.64 -27.16
N GLY E 371 11.19 -36.73 -27.42
CA GLY E 371 10.18 -36.36 -26.43
C GLY E 371 9.10 -35.49 -27.09
N ASP E 372 8.35 -34.77 -26.26
CA ASP E 372 7.25 -33.91 -26.69
C ASP E 372 7.82 -32.74 -27.50
N LEU E 373 7.04 -32.14 -28.41
CA LEU E 373 7.60 -31.07 -29.25
C LEU E 373 8.17 -29.92 -28.47
N GLU E 374 7.56 -29.58 -27.35
CA GLU E 374 8.00 -28.43 -26.57
C GLU E 374 9.44 -28.53 -26.09
N VAL E 375 10.00 -29.75 -26.02
CA VAL E 375 11.36 -29.97 -25.57
C VAL E 375 12.27 -30.61 -26.62
N THR E 376 11.78 -30.82 -27.86
CA THR E 376 12.60 -31.46 -28.88
C THR E 376 12.86 -30.55 -30.05
N THR E 377 12.00 -29.56 -30.20
CA THR E 377 12.06 -28.62 -31.30
C THR E 377 12.42 -27.26 -30.81
N HIS E 378 12.63 -26.36 -31.75
CA HIS E 378 12.90 -24.98 -31.43
C HIS E 378 11.61 -24.24 -31.30
N SER E 379 11.26 -23.91 -30.07
CA SER E 379 10.03 -23.21 -29.81
C SER E 379 10.33 -21.76 -30.06
N PHE E 380 9.61 -21.21 -31.01
CA PHE E 380 9.79 -19.86 -31.51
C PHE E 380 8.48 -19.08 -31.58
N ASN E 381 8.44 -17.99 -30.86
CA ASN E 381 7.25 -17.14 -30.78
C ASN E 381 7.45 -15.89 -31.61
N CYS E 382 6.78 -15.75 -32.78
CA CYS E 382 7.01 -14.60 -33.67
C CYS E 382 5.82 -14.31 -34.56
N GLY E 383 5.46 -13.04 -34.60
CA GLY E 383 4.40 -12.56 -35.49
C GLY E 383 3.04 -12.82 -34.92
N GLY E 384 2.99 -13.42 -33.74
CA GLY E 384 1.78 -13.83 -33.08
C GLY E 384 1.51 -15.32 -33.31
N GLU E 385 2.42 -16.00 -34.01
CA GLU E 385 2.32 -17.43 -34.26
C GLU E 385 3.30 -18.23 -33.42
N PHE E 386 2.96 -19.48 -33.21
CA PHE E 386 3.82 -20.36 -32.45
C PHE E 386 4.39 -21.47 -33.30
N PHE E 387 5.69 -21.38 -33.53
CA PHE E 387 6.43 -22.28 -34.38
C PHE E 387 7.20 -23.32 -33.58
N TYR E 388 7.27 -24.52 -34.12
CA TYR E 388 8.01 -25.66 -33.57
C TYR E 388 8.92 -26.23 -34.67
N CYS E 389 10.17 -25.71 -34.79
CA CYS E 389 11.06 -25.98 -35.92
C CYS E 389 12.04 -27.13 -35.66
N ASN E 390 12.38 -27.86 -36.73
CA ASN E 390 13.26 -29.02 -36.70
C ASN E 390 14.75 -28.63 -36.84
N THR E 391 15.49 -28.66 -35.71
CA THR E 391 16.87 -28.22 -35.59
C THR E 391 17.87 -29.30 -35.90
N SER E 392 17.40 -30.46 -36.35
CA SER E 392 18.34 -31.52 -36.70
C SER E 392 19.12 -31.10 -37.92
N GLY E 393 18.63 -30.09 -38.65
CA GLY E 393 19.38 -29.65 -39.82
C GLY E 393 20.58 -28.77 -39.44
N LEU E 394 20.69 -28.38 -38.17
CA LEU E 394 21.79 -27.52 -37.72
C LEU E 394 22.82 -28.31 -36.96
N PHE E 395 22.36 -29.07 -35.99
CA PHE E 395 23.28 -29.78 -35.12
C PHE E 395 23.66 -31.14 -35.68
N ASN E 396 24.43 -31.16 -36.78
CA ASN E 396 24.80 -32.37 -37.52
C ASN E 396 26.27 -32.33 -37.97
N SER E 397 27.21 -32.42 -37.01
CA SER E 397 28.66 -32.41 -37.27
C SER E 397 29.47 -33.08 -36.18
N THR E 398 30.68 -33.51 -36.58
CA THR E 398 31.70 -34.05 -35.68
C THR E 398 33.00 -33.30 -35.95
N TRP E 399 33.59 -32.76 -34.90
CA TRP E 399 34.80 -31.96 -34.98
C TRP E 399 36.03 -32.67 -34.43
N ILE E 400 36.96 -33.00 -35.33
CA ILE E 400 38.16 -33.76 -34.94
C ILE E 400 39.46 -32.98 -35.21
N SER E 401 40.34 -32.87 -34.16
CA SER E 401 41.68 -32.22 -34.13
C SER E 401 41.60 -30.73 -33.74
N ASP E 415 25.24 -20.53 -49.39
CA ASP E 415 23.97 -21.25 -49.32
C ASP E 415 23.32 -21.05 -47.94
N SER E 416 22.10 -21.63 -47.76
CA SER E 416 21.32 -21.57 -46.51
C SER E 416 20.92 -22.94 -46.08
N ILE E 417 20.68 -23.08 -44.78
CA ILE E 417 20.16 -24.33 -44.25
C ILE E 417 18.69 -24.12 -43.97
N THR E 418 17.84 -24.96 -44.55
CA THR E 418 16.41 -24.83 -44.34
C THR E 418 15.95 -25.82 -43.31
N LEU E 419 15.24 -25.31 -42.34
CA LEU E 419 14.67 -26.09 -41.27
C LEU E 419 13.15 -26.15 -41.46
N PRO E 420 12.55 -27.30 -41.78
CA PRO E 420 11.12 -27.47 -41.93
C PRO E 420 10.57 -27.12 -40.57
N CYS E 421 9.36 -26.52 -40.49
CA CYS E 421 8.78 -26.10 -39.22
C CYS E 421 7.25 -26.28 -39.17
N ARG E 422 6.74 -26.66 -37.98
CA ARG E 422 5.30 -26.86 -37.75
C ARG E 422 4.67 -25.70 -36.98
N ILE E 423 3.36 -25.53 -37.11
CA ILE E 423 2.61 -24.48 -36.40
C ILE E 423 1.47 -25.01 -35.53
N LYS E 424 1.35 -24.50 -34.30
CA LYS E 424 0.25 -24.89 -33.40
C LYS E 424 -0.56 -23.68 -32.98
N GLN E 425 -1.87 -23.84 -32.77
CA GLN E 425 -2.68 -22.76 -32.26
C GLN E 425 -3.00 -22.90 -30.77
N ILE E 426 -2.97 -24.12 -30.21
CA ILE E 426 -3.31 -24.25 -28.80
C ILE E 426 -2.03 -24.42 -27.98
N ILE E 427 -1.73 -23.41 -27.19
CA ILE E 427 -0.46 -23.32 -26.50
C ILE E 427 -0.48 -23.41 -24.97
N ASN E 428 0.28 -24.36 -24.43
CA ASN E 428 0.43 -24.47 -22.97
C ASN E 428 1.73 -23.75 -22.64
N MET E 429 1.66 -22.44 -22.46
CA MET E 429 2.89 -21.66 -22.42
C MET E 429 3.88 -21.96 -21.32
N TRP E 430 3.43 -22.30 -20.13
CA TRP E 430 4.41 -22.47 -19.07
C TRP E 430 4.69 -23.90 -18.66
N GLN E 431 4.42 -24.86 -19.55
CA GLN E 431 4.71 -26.27 -19.25
C GLN E 431 4.08 -26.72 -17.95
N ARG E 432 2.83 -26.35 -17.77
CA ARG E 432 2.05 -26.68 -16.61
C ARG E 432 0.67 -27.04 -17.05
N ILE E 433 -0.06 -27.75 -16.21
CA ILE E 433 -1.44 -27.97 -16.54
C ILE E 433 -2.19 -26.83 -15.91
N GLY E 434 -2.89 -26.09 -16.75
CA GLY E 434 -3.59 -24.90 -16.35
C GLY E 434 -4.24 -24.37 -17.60
N GLN E 435 -4.75 -23.16 -17.55
CA GLN E 435 -5.44 -22.63 -18.71
C GLN E 435 -4.56 -22.60 -19.93
N ALA E 436 -5.11 -23.05 -21.06
CA ALA E 436 -4.39 -23.05 -22.32
C ALA E 436 -4.79 -21.84 -23.12
N MET E 437 -3.88 -21.34 -23.94
CA MET E 437 -4.22 -20.20 -24.75
C MET E 437 -4.48 -20.57 -26.19
N TYR E 438 -5.50 -19.99 -26.78
CA TYR E 438 -5.73 -20.18 -28.19
C TYR E 438 -5.26 -18.97 -28.94
N ALA E 439 -4.37 -19.20 -29.89
CA ALA E 439 -3.84 -18.13 -30.67
C ALA E 439 -4.78 -17.88 -31.83
N PRO E 440 -5.36 -16.69 -32.00
CA PRO E 440 -6.29 -16.44 -33.04
C PRO E 440 -5.46 -16.42 -34.30
N PRO E 441 -6.02 -16.71 -35.46
CA PRO E 441 -5.40 -16.62 -36.75
C PRO E 441 -5.02 -15.21 -37.06
N ILE E 442 -3.96 -15.06 -37.85
CA ILE E 442 -3.49 -13.78 -38.32
C ILE E 442 -3.52 -13.78 -39.83
N GLN E 443 -4.11 -12.73 -40.40
CA GLN E 443 -4.26 -12.63 -41.83
C GLN E 443 -2.98 -12.21 -42.52
N GLY E 444 -2.86 -12.58 -43.78
CA GLY E 444 -1.71 -12.20 -44.56
C GLY E 444 -0.57 -13.15 -44.34
N VAL E 445 0.65 -12.66 -44.54
CA VAL E 445 1.84 -13.48 -44.48
C VAL E 445 2.82 -12.94 -43.47
N ILE E 446 3.29 -13.82 -42.62
CA ILE E 446 4.26 -13.50 -41.58
C ILE E 446 5.67 -13.69 -42.08
N ARG E 447 6.47 -12.68 -41.82
CA ARG E 447 7.89 -12.69 -42.13
C ARG E 447 8.62 -12.23 -40.87
N CYS E 448 9.55 -13.05 -40.36
CA CYS E 448 10.33 -12.81 -39.14
C CYS E 448 11.82 -12.81 -39.42
N VAL E 449 12.50 -11.86 -38.82
CA VAL E 449 13.95 -11.79 -38.90
C VAL E 449 14.47 -11.70 -37.48
N SER E 450 15.42 -12.54 -37.13
CA SER E 450 15.94 -12.49 -35.76
C SER E 450 17.41 -12.90 -35.67
N ASN E 451 18.04 -12.57 -34.52
CA ASN E 451 19.44 -12.89 -34.21
C ASN E 451 19.54 -14.06 -33.22
N ILE E 452 20.33 -15.11 -33.57
CA ILE E 452 20.64 -16.18 -32.61
C ILE E 452 21.84 -15.63 -31.88
N THR E 453 21.73 -15.50 -30.58
CA THR E 453 22.78 -14.94 -29.77
C THR E 453 23.42 -16.01 -28.92
N GLY E 454 22.81 -17.17 -28.90
CA GLY E 454 23.39 -18.24 -28.13
C GLY E 454 22.58 -19.50 -28.23
N LEU E 455 22.99 -20.50 -27.49
CA LEU E 455 22.29 -21.76 -27.53
C LEU E 455 22.43 -22.54 -26.25
N ILE E 456 21.57 -23.51 -26.08
CA ILE E 456 21.66 -24.37 -24.93
C ILE E 456 22.07 -25.74 -25.34
N LEU E 457 23.09 -26.27 -24.68
CA LEU E 457 23.55 -27.62 -24.92
C LEU E 457 23.50 -28.46 -23.66
N THR E 458 23.29 -29.75 -23.82
CA THR E 458 23.43 -30.67 -22.69
C THR E 458 24.46 -31.68 -23.14
N ARG E 459 25.06 -32.40 -22.21
CA ARG E 459 26.07 -33.37 -22.60
C ARG E 459 25.69 -34.77 -22.10
N ASP E 460 25.88 -35.81 -22.94
CA ASP E 460 25.59 -37.23 -22.63
C ASP E 460 26.44 -37.69 -21.44
N SER E 466 35.45 -43.27 -25.29
CA SER E 466 35.73 -42.24 -24.28
C SER E 466 36.50 -40.99 -24.84
N THR E 467 36.78 -40.94 -26.16
CA THR E 467 37.50 -39.85 -26.85
C THR E 467 36.56 -38.82 -27.44
N THR E 468 35.28 -39.15 -27.48
CA THR E 468 34.30 -38.27 -28.07
C THR E 468 33.22 -37.90 -27.08
N GLU E 469 32.98 -36.61 -26.97
CA GLU E 469 31.92 -36.07 -26.13
C GLU E 469 30.75 -35.74 -27.02
N THR E 470 29.55 -36.02 -26.54
CA THR E 470 28.36 -35.71 -27.32
C THR E 470 27.49 -34.68 -26.66
N PHE E 471 27.17 -33.67 -27.44
CA PHE E 471 26.33 -32.57 -27.01
C PHE E 471 25.06 -32.56 -27.79
N ARG E 472 23.97 -32.17 -27.16
CA ARG E 472 22.68 -32.12 -27.84
C ARG E 472 21.98 -30.81 -27.49
N PRO E 473 21.12 -30.26 -28.33
CA PRO E 473 20.34 -29.07 -28.04
C PRO E 473 19.61 -29.10 -26.71
N GLY E 474 19.07 -30.23 -26.31
CA GLY E 474 18.45 -30.22 -24.99
C GLY E 474 17.47 -29.07 -24.85
N GLY E 475 17.67 -28.32 -23.77
CA GLY E 475 16.89 -27.15 -23.44
C GLY E 475 15.53 -27.49 -22.91
N GLY E 476 14.63 -26.52 -22.95
CA GLY E 476 13.26 -26.66 -22.47
C GLY E 476 13.04 -26.09 -21.08
N ASP E 477 14.10 -25.81 -20.37
CA ASP E 477 13.93 -25.29 -19.02
C ASP E 477 13.52 -23.84 -18.97
N MET E 478 12.67 -23.54 -18.00
CA MET E 478 12.30 -22.18 -17.70
C MET E 478 13.26 -21.72 -16.64
N ARG E 479 13.26 -20.43 -16.30
CA ARG E 479 14.24 -19.92 -15.34
C ARG E 479 15.61 -20.22 -15.91
N ASP E 480 15.67 -20.00 -17.20
CA ASP E 480 16.79 -20.16 -18.06
C ASP E 480 16.53 -19.10 -19.07
N ASN E 481 17.39 -18.93 -20.04
CA ASN E 481 17.29 -17.88 -21.07
C ASN E 481 17.54 -16.51 -20.49
N TRP E 482 16.70 -16.09 -19.55
CA TRP E 482 16.82 -14.82 -18.84
C TRP E 482 18.02 -14.88 -17.95
N ARG E 483 18.39 -16.10 -17.60
CA ARG E 483 19.54 -16.37 -16.80
C ARG E 483 20.81 -15.93 -17.53
N SER E 484 20.76 -15.84 -18.86
CA SER E 484 21.91 -15.45 -19.65
C SER E 484 22.01 -13.93 -19.79
N GLU E 485 21.00 -13.21 -19.29
CA GLU E 485 21.00 -11.76 -19.34
C GLU E 485 21.27 -11.19 -17.94
N LEU E 486 20.81 -11.90 -16.92
CA LEU E 486 20.95 -11.44 -15.54
C LEU E 486 22.21 -11.94 -14.83
N TYR E 487 23.06 -12.67 -15.51
CA TYR E 487 24.26 -13.23 -14.90
C TYR E 487 25.24 -12.17 -14.44
N LYS E 488 25.12 -10.98 -15.00
CA LYS E 488 26.02 -9.89 -14.69
C LYS E 488 25.62 -9.12 -13.47
N TYR E 489 24.44 -9.36 -12.90
CA TYR E 489 24.00 -8.48 -11.82
C TYR E 489 23.80 -9.10 -10.47
N LYS E 490 24.12 -8.32 -9.43
CA LYS E 490 23.88 -8.70 -8.05
C LYS E 490 23.21 -7.57 -7.29
N VAL E 491 22.29 -7.89 -6.40
CA VAL E 491 21.65 -6.85 -5.61
C VAL E 491 22.25 -6.75 -4.21
N VAL E 492 22.66 -5.55 -3.81
CA VAL E 492 23.23 -5.39 -2.49
C VAL E 492 22.50 -4.30 -1.71
N LYS E 493 22.62 -4.38 -0.38
CA LYS E 493 22.02 -3.45 0.56
C LYS E 493 23.04 -2.52 1.18
N ILE E 494 22.78 -1.23 1.11
CA ILE E 494 23.70 -0.25 1.63
C ILE E 494 23.49 -0.10 3.12
N GLU E 495 24.59 -0.10 3.87
CA GLU E 495 24.56 0.05 5.34
C GLU E 495 25.41 1.23 5.81
N PRO E 496 24.86 2.46 5.84
CA PRO E 496 25.50 3.72 6.12
C PRO E 496 26.14 3.91 7.48
N LEU E 497 25.77 3.14 8.51
CA LEU E 497 26.38 3.38 9.80
C LEU E 497 27.51 2.45 10.13
N GLY E 498 28.47 2.99 10.84
CA GLY E 498 29.58 2.21 11.35
C GLY E 498 30.39 3.04 12.31
N VAL E 499 31.29 2.40 13.01
CA VAL E 499 32.09 3.11 13.99
C VAL E 499 33.54 2.78 13.83
N ALA E 500 34.41 3.62 14.38
CA ALA E 500 35.84 3.39 14.41
C ALA E 500 36.45 4.22 15.54
N PRO E 501 37.58 3.83 16.13
CA PRO E 501 38.33 4.59 17.10
C PRO E 501 39.09 5.74 16.49
N THR E 502 39.25 6.80 17.27
CA THR E 502 40.07 7.97 16.94
C THR E 502 40.54 8.66 18.23
N ARG E 503 41.02 9.89 18.13
CA ARG E 503 41.55 10.61 19.29
C ARG E 503 40.76 11.84 19.83
N CYS E 504 39.45 11.94 19.51
CA CYS E 504 38.56 13.02 19.92
C CYS E 504 37.70 12.63 21.13
N LYS E 505 37.20 13.65 21.83
CA LYS E 505 36.19 13.49 22.89
C LYS E 505 35.28 14.73 22.85
N ARG E 506 34.08 14.69 23.50
CA ARG E 506 33.16 15.84 23.53
C ARG E 506 33.69 16.94 24.48
N LEU F 9 33.82 11.48 -6.88
CA LEU F 9 33.91 10.14 -7.46
C LEU F 9 32.55 9.53 -7.85
N GLY F 10 31.45 9.93 -7.15
CA GLY F 10 30.08 9.44 -7.33
C GLY F 10 29.70 8.48 -6.21
N PHE F 11 28.47 7.98 -6.25
CA PHE F 11 27.94 7.13 -5.21
C PHE F 11 28.76 5.87 -5.08
N LEU F 12 29.24 5.60 -3.86
CA LEU F 12 30.10 4.47 -3.53
C LEU F 12 31.41 4.51 -4.25
N GLY F 13 31.77 5.66 -4.81
CA GLY F 13 33.02 5.79 -5.53
C GLY F 13 34.21 5.51 -4.65
N ALA F 14 34.06 5.81 -3.37
CA ALA F 14 35.10 5.64 -2.39
C ALA F 14 35.09 4.25 -1.75
N ALA F 15 34.25 3.34 -2.21
CA ALA F 15 34.16 2.04 -1.56
C ALA F 15 35.49 1.31 -1.49
N GLY F 16 36.35 1.45 -2.48
CA GLY F 16 37.64 0.77 -2.42
C GLY F 16 38.77 1.65 -1.86
N SER F 17 38.41 2.84 -1.39
CA SER F 17 39.39 3.78 -0.93
C SER F 17 39.71 3.66 0.55
N THR F 18 40.84 4.26 0.91
CA THR F 18 41.30 4.34 2.29
C THR F 18 40.22 4.94 3.18
N MET F 19 40.02 4.33 4.37
CA MET F 19 38.99 4.78 5.30
C MET F 19 39.05 6.25 5.62
N GLY F 20 40.24 6.79 5.83
CA GLY F 20 40.37 8.19 6.12
C GLY F 20 39.89 9.05 4.96
N ALA F 21 40.39 8.78 3.76
CA ALA F 21 40.03 9.57 2.58
C ALA F 21 38.54 9.54 2.30
N ALA F 22 37.93 8.39 2.54
CA ALA F 22 36.53 8.14 2.26
C ALA F 22 35.61 8.95 3.16
N SER F 23 36.10 9.55 4.23
CA SER F 23 35.22 10.30 5.10
C SER F 23 34.69 11.56 4.39
N MET F 24 35.36 12.00 3.33
CA MET F 24 34.89 13.21 2.68
C MET F 24 33.78 12.95 1.65
N THR F 25 33.35 11.70 1.52
CA THR F 25 32.28 11.38 0.58
C THR F 25 31.04 10.98 1.35
N LEU F 26 31.03 11.17 2.66
CA LEU F 26 29.86 10.73 3.43
C LEU F 26 28.59 11.44 2.96
N THR F 27 28.71 12.67 2.48
CA THR F 27 27.58 13.42 1.98
C THR F 27 26.97 12.71 0.79
N VAL F 28 27.82 12.17 -0.09
CA VAL F 28 27.37 11.58 -1.33
C VAL F 28 26.53 10.36 -1.08
N GLN F 29 26.95 9.52 -0.15
CA GLN F 29 26.11 8.36 0.08
C GLN F 29 24.86 8.73 0.83
N ALA F 30 24.93 9.62 1.81
CA ALA F 30 23.73 9.94 2.58
C ALA F 30 22.64 10.52 1.70
N ARG F 31 23.05 11.32 0.73
CA ARG F 31 22.19 12.02 -0.19
C ARG F 31 21.31 11.12 -1.04
N ASN F 32 21.75 9.88 -1.27
CA ASN F 32 21.06 8.94 -2.12
C ASN F 32 20.33 7.81 -1.39
N LEU F 33 20.17 7.93 -0.07
CA LEU F 33 19.51 6.85 0.66
C LEU F 33 18.01 6.92 0.70
N LEU F 34 17.43 8.10 0.53
CA LEU F 34 15.99 8.24 0.65
C LEU F 34 15.33 8.46 -0.70
N SER F 35 14.40 7.56 -1.08
CA SER F 35 13.60 7.49 -2.33
C SER F 35 14.07 8.42 -3.47
N LEU F 57 -3.52 -1.85 -9.25
CA LEU F 57 -3.25 -3.12 -8.54
C LEU F 57 -2.67 -4.22 -9.46
N THR F 58 -1.82 -3.82 -10.44
CA THR F 58 -1.14 -4.72 -11.38
C THR F 58 0.25 -5.11 -10.88
N VAL F 59 0.92 -5.92 -11.67
CA VAL F 59 2.20 -6.49 -11.32
C VAL F 59 3.26 -5.44 -11.09
N TRP F 60 3.27 -4.43 -11.91
CA TRP F 60 4.26 -3.38 -11.80
C TRP F 60 3.73 -2.20 -11.02
N GLY F 61 2.56 -2.38 -10.44
CA GLY F 61 1.84 -1.37 -9.70
C GLY F 61 2.10 -1.53 -8.22
N ILE F 62 1.60 -2.63 -7.68
CA ILE F 62 1.67 -2.84 -6.24
C ILE F 62 3.10 -2.88 -5.70
N LYS F 63 4.06 -3.30 -6.52
CA LYS F 63 5.45 -3.33 -6.11
C LYS F 63 5.99 -1.96 -5.76
N GLN F 64 5.34 -0.90 -6.23
CA GLN F 64 5.85 0.41 -5.92
C GLN F 64 5.45 0.84 -4.51
N LEU F 65 4.40 0.26 -3.93
CA LEU F 65 4.13 0.63 -2.55
C LEU F 65 5.11 -0.15 -1.72
N GLN F 66 5.45 -1.35 -2.16
CA GLN F 66 6.40 -2.09 -1.35
C GLN F 66 7.77 -1.41 -1.42
N ALA F 67 8.15 -0.92 -2.60
CA ALA F 67 9.44 -0.27 -2.76
C ALA F 67 9.55 1.01 -1.95
N ARG F 68 8.48 1.80 -1.92
CA ARG F 68 8.56 3.05 -1.20
C ARG F 68 8.46 2.88 0.29
N VAL F 69 7.64 1.95 0.77
CA VAL F 69 7.54 1.78 2.19
C VAL F 69 8.86 1.27 2.72
N LEU F 70 9.48 0.33 2.01
CA LEU F 70 10.76 -0.17 2.47
C LEU F 70 11.82 0.92 2.53
N ALA F 71 11.90 1.75 1.49
CA ALA F 71 12.93 2.78 1.53
C ALA F 71 12.74 3.71 2.72
N VAL F 72 11.49 4.05 3.03
CA VAL F 72 11.27 4.92 4.16
C VAL F 72 11.60 4.29 5.47
N GLU F 73 11.20 3.04 5.70
CA GLU F 73 11.52 2.48 6.99
C GLU F 73 13.00 2.34 7.22
N ARG F 74 13.76 1.98 6.20
CA ARG F 74 15.17 1.83 6.47
C ARG F 74 15.82 3.17 6.76
N TYR F 75 15.42 4.21 6.04
CA TYR F 75 15.97 5.53 6.28
C TYR F 75 15.74 5.95 7.70
N LEU F 76 14.50 5.80 8.15
CA LEU F 76 14.17 6.25 9.48
C LEU F 76 14.85 5.48 10.57
N ARG F 77 15.08 4.17 10.40
CA ARG F 77 15.71 3.46 11.49
C ARG F 77 17.12 3.99 11.71
N ASP F 78 17.85 4.31 10.64
CA ASP F 78 19.19 4.83 10.85
C ASP F 78 19.14 6.20 11.52
N GLN F 79 18.17 7.02 11.15
CA GLN F 79 18.09 8.33 11.78
C GLN F 79 17.73 8.21 13.24
N GLN F 80 16.90 7.23 13.57
CA GLN F 80 16.50 7.04 14.94
C GLN F 80 17.70 6.70 15.82
N LEU F 81 18.59 5.84 15.33
CA LEU F 81 19.75 5.50 16.15
C LEU F 81 20.66 6.68 16.35
N LEU F 82 20.85 7.49 15.32
CA LEU F 82 21.71 8.65 15.48
C LEU F 82 21.09 9.61 16.47
N GLY F 83 19.77 9.74 16.45
CA GLY F 83 19.11 10.61 17.40
C GLY F 83 19.34 10.16 18.83
N ILE F 84 19.13 8.87 19.08
CA ILE F 84 19.29 8.32 20.42
C ILE F 84 20.69 8.46 20.96
N TRP F 85 21.70 8.29 20.13
CA TRP F 85 23.10 8.40 20.54
C TRP F 85 23.60 9.84 20.67
N GLY F 86 22.75 10.83 20.34
CA GLY F 86 23.15 12.25 20.37
C GLY F 86 23.92 12.76 19.14
N CYS F 87 23.74 12.12 17.96
CA CYS F 87 24.40 12.39 16.69
C CYS F 87 23.44 13.00 15.66
N SER F 88 22.32 13.50 16.12
CA SER F 88 21.37 14.04 15.16
C SER F 88 21.97 15.20 14.40
N GLY F 89 21.77 15.21 13.09
CA GLY F 89 22.22 16.31 12.26
C GLY F 89 23.69 16.25 11.84
N LYS F 90 24.41 15.17 12.12
CA LYS F 90 25.82 15.14 11.74
C LYS F 90 26.21 13.93 10.92
N LEU F 91 27.14 14.09 9.97
CA LEU F 91 27.63 12.91 9.26
C LEU F 91 28.72 12.28 10.11
N ILE F 92 29.43 13.11 10.87
CA ILE F 92 30.47 12.61 11.77
C ILE F 92 30.19 13.13 13.18
N CYS F 93 30.10 12.25 14.20
CA CYS F 93 29.88 12.63 15.61
C CYS F 93 30.84 11.88 16.52
N CYS F 94 31.32 12.61 17.50
CA CYS F 94 32.28 12.06 18.42
C CYS F 94 31.62 11.86 19.77
N THR F 95 31.81 10.70 20.40
CA THR F 95 31.24 10.50 21.71
C THR F 95 32.28 10.13 22.75
N ASN F 96 31.84 9.93 23.99
CA ASN F 96 32.75 9.68 25.10
C ASN F 96 32.93 8.22 25.50
N VAL F 97 32.46 7.31 24.69
CA VAL F 97 32.63 5.90 24.96
C VAL F 97 34.08 5.53 24.65
N PRO F 98 34.83 4.90 25.57
CA PRO F 98 36.20 4.49 25.38
C PRO F 98 36.28 3.33 24.41
N TRP F 99 37.40 3.17 23.74
CA TRP F 99 37.59 2.03 22.87
C TRP F 99 38.18 0.90 23.68
N ASN F 100 37.56 -0.26 23.59
CA ASN F 100 38.04 -1.45 24.24
C ASN F 100 38.91 -2.16 23.24
N SER F 101 40.19 -2.25 23.51
CA SER F 101 41.11 -2.80 22.53
C SER F 101 40.80 -4.23 22.12
N SER F 102 40.04 -4.96 22.94
CA SER F 102 39.73 -6.34 22.63
C SER F 102 38.86 -6.46 21.38
N TRP F 103 38.22 -5.36 20.98
CA TRP F 103 37.39 -5.36 19.78
C TRP F 103 38.26 -5.40 18.52
N SER F 104 39.46 -4.83 18.58
CA SER F 104 40.41 -4.80 17.48
C SER F 104 41.75 -4.29 18.00
N ASN F 105 42.73 -5.17 18.03
CA ASN F 105 44.05 -4.80 18.56
C ASN F 105 44.94 -4.19 17.50
N ARG F 106 44.55 -3.01 17.06
CA ARG F 106 45.24 -2.27 16.02
C ARG F 106 45.43 -0.83 16.41
N ASN F 107 46.43 -0.18 15.83
CA ASN F 107 46.58 1.23 16.11
C ASN F 107 45.78 2.04 15.10
N LEU F 108 45.81 3.36 15.27
CA LEU F 108 45.03 4.22 14.41
C LEU F 108 45.67 4.42 13.07
N SER F 109 46.98 4.35 13.01
CA SER F 109 47.64 4.59 11.73
C SER F 109 47.26 3.49 10.77
N GLU F 110 47.20 2.26 11.26
CA GLU F 110 46.88 1.16 10.38
C GLU F 110 45.44 1.20 9.91
N ILE F 111 44.47 1.50 10.78
CA ILE F 111 43.15 1.41 10.21
C ILE F 111 42.81 2.61 9.35
N TRP F 112 43.26 3.81 9.71
CA TRP F 112 42.85 4.93 8.90
C TRP F 112 43.59 5.08 7.58
N ASP F 113 44.86 4.68 7.51
CA ASP F 113 45.65 4.79 6.29
C ASP F 113 45.78 3.52 5.43
N ASN F 114 45.70 2.31 6.01
CA ASN F 114 45.95 1.09 5.22
C ASN F 114 44.79 0.11 5.20
N MET F 115 43.56 0.61 5.28
CA MET F 115 42.40 -0.26 5.27
C MET F 115 41.23 0.45 4.61
N THR F 116 40.29 -0.31 4.01
CA THR F 116 39.07 0.26 3.44
C THR F 116 37.90 0.01 4.40
N TRP F 117 36.76 0.68 4.17
CA TRP F 117 35.62 0.50 5.07
C TRP F 117 34.99 -0.86 5.00
N LEU F 118 35.07 -1.51 3.85
CA LEU F 118 34.49 -2.84 3.74
C LEU F 118 35.27 -3.80 4.63
N GLN F 119 36.58 -3.63 4.68
CA GLN F 119 37.41 -4.51 5.47
C GLN F 119 37.20 -4.30 6.95
N TRP F 120 37.11 -3.03 7.33
CA TRP F 120 36.91 -2.68 8.72
C TRP F 120 35.57 -3.20 9.20
N ASP F 121 34.54 -3.06 8.37
CA ASP F 121 33.24 -3.51 8.78
C ASP F 121 33.27 -5.00 9.04
N LYS F 122 33.98 -5.77 8.23
CA LYS F 122 34.01 -7.19 8.53
C LYS F 122 34.73 -7.47 9.84
N GLU F 123 35.86 -6.80 10.08
CA GLU F 123 36.66 -7.07 11.27
C GLU F 123 35.95 -6.90 12.59
N ILE F 124 35.12 -5.87 12.72
CA ILE F 124 34.44 -5.66 14.00
C ILE F 124 32.93 -5.84 13.92
N SER F 125 32.46 -6.61 12.93
CA SER F 125 31.02 -6.76 12.77
C SER F 125 30.33 -7.41 13.95
N ASN F 126 31.03 -8.25 14.67
CA ASN F 126 30.42 -8.99 15.74
C ASN F 126 30.38 -8.26 17.06
N TYR F 127 30.78 -7.00 17.07
CA TYR F 127 30.70 -6.21 18.29
C TYR F 127 29.70 -5.09 18.09
N THR F 128 28.97 -5.08 16.98
CA THR F 128 28.11 -3.95 16.68
C THR F 128 27.11 -3.65 17.78
N GLN F 129 26.51 -4.69 18.31
CA GLN F 129 25.49 -4.60 19.34
C GLN F 129 26.04 -4.14 20.69
N ILE F 130 27.35 -4.25 20.87
CA ILE F 130 27.97 -3.85 22.11
C ILE F 130 28.15 -2.38 22.04
N ILE F 131 28.67 -1.94 20.91
CA ILE F 131 28.95 -0.55 20.77
C ILE F 131 27.66 0.20 20.84
N TYR F 132 26.62 -0.27 20.16
CA TYR F 132 25.40 0.48 20.17
C TYR F 132 24.80 0.57 21.57
N GLY F 133 24.83 -0.51 22.35
CA GLY F 133 24.28 -0.39 23.70
C GLY F 133 25.05 0.64 24.52
N LEU F 134 26.36 0.66 24.37
CA LEU F 134 27.14 1.63 25.12
C LEU F 134 26.86 3.05 24.70
N LEU F 135 26.67 3.26 23.39
CA LEU F 135 26.45 4.60 22.90
C LEU F 135 25.14 5.17 23.39
N GLU F 136 24.08 4.35 23.45
CA GLU F 136 22.82 4.92 23.90
C GLU F 136 22.77 5.14 25.41
N GLU F 137 23.41 4.27 26.19
CA GLU F 137 23.32 4.48 27.63
C GLU F 137 24.07 5.72 28.00
N SER F 138 25.17 5.95 27.30
CA SER F 138 26.02 7.08 27.57
C SER F 138 25.37 8.39 27.21
N GLN F 139 24.28 8.37 26.43
CA GLN F 139 23.63 9.61 26.10
C GLN F 139 22.66 9.95 27.19
N ASN F 140 21.91 8.96 27.68
CA ASN F 140 20.92 9.26 28.71
C ASN F 140 21.61 9.72 30.00
N GLN F 141 22.80 9.19 30.24
CA GLN F 141 23.57 9.54 31.43
C GLN F 141 23.98 11.00 31.41
N GLN F 142 24.00 11.62 30.24
CA GLN F 142 24.37 13.01 30.16
C GLN F 142 23.17 13.92 30.05
N GLU F 143 21.97 13.35 30.00
CA GLU F 143 20.79 14.18 29.89
C GLU F 143 20.37 14.53 31.28
N LYS F 144 20.58 13.60 32.19
CA LYS F 144 20.24 13.83 33.58
C LYS F 144 21.16 14.91 34.15
N ASN F 145 22.30 15.13 33.52
CA ASN F 145 23.26 16.07 34.03
C ASN F 145 22.88 17.50 33.69
N GLU F 146 21.84 17.67 32.89
CA GLU F 146 21.36 18.98 32.51
C GLU F 146 20.26 19.42 33.47
N GLN F 147 19.96 18.57 34.45
CA GLN F 147 18.94 18.85 35.46
C GLN F 147 19.37 20.02 36.31
N ASP F 148 20.66 20.27 36.29
CA ASP F 148 21.29 21.33 37.05
C ASP F 148 21.43 22.68 36.31
N LEU F 149 20.89 22.81 35.07
CA LEU F 149 20.96 24.03 34.24
C LEU F 149 19.58 24.41 33.71
N LEU G 22 52.62 -12.25 -40.01
CA LEU G 22 51.83 -11.37 -40.85
C LEU G 22 52.83 -10.48 -41.63
N VAL G 23 52.32 -9.58 -42.50
CA VAL G 23 53.15 -8.63 -43.29
C VAL G 23 52.65 -7.21 -43.07
N GLU G 24 53.51 -6.22 -43.35
CA GLU G 24 53.13 -4.82 -43.15
C GLU G 24 53.57 -3.94 -44.31
N SER G 25 52.87 -2.82 -44.51
CA SER G 25 53.24 -1.86 -45.53
C SER G 25 52.86 -0.42 -45.17
N GLY G 26 53.42 0.53 -45.91
CA GLY G 26 53.16 1.94 -45.67
C GLY G 26 54.35 2.57 -44.99
N GLY G 27 54.26 3.85 -44.68
CA GLY G 27 55.37 4.57 -44.08
C GLY G 27 55.90 5.59 -45.07
N GLY G 28 57.01 6.23 -44.73
CA GLY G 28 57.57 7.28 -45.57
C GLY G 28 57.79 8.57 -44.80
N LEU G 29 58.33 9.58 -45.51
CA LEU G 29 58.61 10.89 -44.94
C LEU G 29 57.52 11.91 -45.23
N VAL G 30 57.01 12.50 -44.16
CA VAL G 30 55.99 13.53 -44.25
C VAL G 30 56.44 14.73 -43.44
N GLN G 31 55.79 15.86 -43.63
CA GLN G 31 56.14 17.03 -42.84
C GLN G 31 55.14 17.21 -41.70
N PRO G 32 55.47 17.92 -40.62
CA PRO G 32 54.56 18.18 -39.53
C PRO G 32 53.26 18.77 -40.03
N GLY G 33 52.16 18.26 -39.46
CA GLY G 33 50.80 18.65 -39.80
C GLY G 33 50.17 17.63 -40.75
N ALA G 34 51.01 16.76 -41.30
CA ALA G 34 50.61 15.71 -42.22
C ALA G 34 49.91 14.55 -41.55
N SER G 35 49.17 13.81 -42.36
CA SER G 35 48.59 12.56 -41.91
C SER G 35 49.28 11.43 -42.65
N LEU G 36 49.31 10.25 -42.05
CA LEU G 36 49.88 9.07 -42.69
C LEU G 36 49.11 7.84 -42.26
N THR G 37 48.79 6.97 -43.20
CA THR G 37 48.09 5.74 -42.83
C THR G 37 48.96 4.53 -43.07
N LEU G 38 49.04 3.68 -42.06
CA LEU G 38 49.77 2.44 -42.14
C LEU G 38 48.81 1.28 -42.31
N THR G 39 49.22 0.27 -43.05
CA THR G 39 48.39 -0.90 -43.28
C THR G 39 49.12 -2.20 -42.92
N CYS G 40 48.44 -3.13 -42.23
CA CYS G 40 48.96 -4.46 -41.89
C CYS G 40 47.97 -5.51 -42.36
N THR G 41 48.51 -6.60 -42.91
CA THR G 41 47.61 -7.64 -43.40
C THR G 41 47.97 -9.03 -42.95
N ALA G 42 46.95 -9.87 -42.91
CA ALA G 42 47.09 -11.26 -42.59
C ALA G 42 47.82 -11.98 -43.70
N SER G 43 48.60 -12.98 -43.34
CA SER G 43 49.27 -13.82 -44.31
C SER G 43 49.28 -15.24 -43.77
N GLY G 44 48.58 -16.13 -44.44
CA GLY G 44 48.48 -17.52 -43.97
C GLY G 44 47.34 -17.69 -42.97
N PHE G 45 46.58 -16.63 -42.75
CA PHE G 45 45.48 -16.64 -41.81
C PHE G 45 44.46 -15.60 -42.23
N SER G 46 43.34 -15.59 -41.53
CA SER G 46 42.29 -14.62 -41.79
C SER G 46 41.83 -14.13 -40.44
N PHE G 47 41.07 -13.04 -40.44
CA PHE G 47 40.61 -12.49 -39.19
C PHE G 47 39.38 -13.17 -38.66
N SER G 48 39.63 -14.34 -38.09
CA SER G 48 38.64 -15.13 -37.43
C SER G 48 38.37 -14.36 -36.16
N SER G 49 37.32 -14.67 -35.44
CA SER G 49 36.99 -13.88 -34.26
C SER G 49 38.05 -13.75 -33.19
N ASP G 50 38.73 -14.82 -32.88
CA ASP G 50 39.59 -14.80 -31.73
C ASP G 50 40.99 -14.20 -31.83
N TYR G 51 41.07 -12.96 -32.31
CA TYR G 51 42.34 -12.22 -32.37
C TYR G 51 42.22 -10.71 -32.14
N TYR G 52 43.30 -10.13 -31.60
CA TYR G 52 43.43 -8.67 -31.52
C TYR G 52 44.51 -8.20 -32.43
N MET G 53 44.23 -7.14 -33.15
CA MET G 53 45.27 -6.55 -33.95
C MET G 53 45.70 -5.29 -33.21
N CYS G 54 46.98 -5.23 -32.76
CA CYS G 54 47.50 -4.14 -31.95
C CYS G 54 48.66 -3.44 -32.63
N TRP G 55 48.73 -2.14 -32.38
CA TRP G 55 49.82 -1.32 -32.88
C TRP G 55 50.61 -0.76 -31.71
N VAL G 56 51.90 -0.83 -31.87
CA VAL G 56 52.84 -0.31 -30.89
C VAL G 56 53.84 0.57 -31.60
N ARG G 57 54.56 1.37 -30.84
CA ARG G 57 55.56 2.25 -31.39
C ARG G 57 56.88 2.18 -30.66
N GLN G 58 57.97 2.36 -31.39
CA GLN G 58 59.25 2.46 -30.75
C GLN G 58 60.17 3.48 -31.41
N ALA G 59 60.37 4.60 -30.73
CA ALA G 59 61.24 5.64 -31.25
C ALA G 59 62.65 5.05 -31.25
N PRO G 60 63.58 5.50 -32.11
CA PRO G 60 64.94 4.97 -32.21
C PRO G 60 65.71 4.82 -30.89
N GLY G 61 65.50 5.71 -29.92
CA GLY G 61 66.20 5.64 -28.64
C GLY G 61 65.33 5.18 -27.46
N LYS G 62 64.13 4.68 -27.75
CA LYS G 62 63.18 4.34 -26.70
C LYS G 62 62.80 2.86 -26.62
N GLY G 63 62.04 2.53 -25.59
CA GLY G 63 61.52 1.19 -25.36
C GLY G 63 60.17 1.09 -26.05
N LEU G 64 59.36 0.13 -25.66
CA LEU G 64 58.10 -0.05 -26.35
C LEU G 64 57.01 0.83 -25.78
N GLU G 65 56.17 1.36 -26.66
CA GLU G 65 55.01 2.15 -26.29
C GLU G 65 53.76 1.52 -26.90
N TRP G 66 52.64 1.57 -26.21
CA TRP G 66 51.43 1.03 -26.79
C TRP G 66 50.55 2.12 -27.38
N ILE G 67 49.94 1.88 -28.55
CA ILE G 67 49.04 2.88 -29.14
C ILE G 67 47.58 2.49 -29.05
N ALA G 68 47.24 1.35 -29.68
CA ALA G 68 45.85 0.92 -29.77
C ALA G 68 45.72 -0.57 -30.10
N CYS G 69 44.56 -1.18 -29.74
CA CYS G 69 44.17 -2.55 -30.09
C CYS G 69 42.74 -2.58 -30.57
N ILE G 70 42.49 -3.40 -31.58
CA ILE G 70 41.12 -3.63 -32.02
C ILE G 70 40.81 -5.12 -32.04
N TRP G 71 39.69 -5.46 -31.47
CA TRP G 71 39.19 -6.81 -31.41
C TRP G 71 38.42 -7.11 -32.66
N THR G 72 38.77 -8.22 -33.32
CA THR G 72 38.13 -8.52 -34.58
C THR G 72 36.63 -8.67 -34.50
N ALA G 73 36.12 -9.46 -33.58
CA ALA G 73 34.68 -9.54 -33.55
C ALA G 73 34.15 -8.22 -33.08
N ASN G 74 33.15 -7.72 -33.76
CA ASN G 74 32.45 -6.50 -33.42
C ASN G 74 33.29 -5.23 -33.53
N SER G 75 34.49 -5.30 -34.12
CA SER G 75 35.30 -4.09 -34.34
C SER G 75 35.42 -3.22 -33.09
N ILE G 76 35.87 -3.78 -31.97
CA ILE G 76 35.93 -3.01 -30.72
C ILE G 76 37.32 -2.54 -30.41
N SER G 77 37.50 -1.23 -30.30
CA SER G 77 38.81 -0.69 -30.09
C SER G 77 39.07 -0.07 -28.72
N TYR G 78 40.35 -0.08 -28.36
CA TYR G 78 40.86 0.54 -27.16
C TYR G 78 42.04 1.43 -27.55
N TYR G 79 42.17 2.59 -26.90
CA TYR G 79 43.28 3.50 -27.21
C TYR G 79 44.03 3.98 -26.01
N ALA G 80 45.32 4.28 -26.20
CA ALA G 80 46.13 4.92 -25.19
C ALA G 80 45.66 6.33 -24.97
N ARG G 81 45.69 6.83 -23.75
CA ARG G 81 45.22 8.21 -23.60
C ARG G 81 46.03 9.20 -24.43
N TRP G 82 47.34 9.01 -24.51
CA TRP G 82 48.19 9.95 -25.24
C TRP G 82 47.87 9.98 -26.72
N ALA G 83 47.28 8.91 -27.23
CA ALA G 83 46.98 8.73 -28.63
C ALA G 83 45.56 9.18 -28.98
N LYS G 84 44.77 9.54 -27.96
CA LYS G 84 43.37 9.82 -28.22
C LYS G 84 43.18 11.04 -29.08
N GLY G 85 42.37 10.89 -30.11
CA GLY G 85 42.03 11.98 -31.01
C GLY G 85 43.03 12.10 -32.15
N ARG G 86 44.12 11.34 -32.10
CA ARG G 86 45.14 11.43 -33.13
C ARG G 86 45.27 10.13 -33.90
N PHE G 87 45.12 9.01 -33.19
CA PHE G 87 45.27 7.69 -33.79
C PHE G 87 43.98 6.91 -33.89
N THR G 88 43.55 6.57 -35.11
CA THR G 88 42.33 5.78 -35.29
C THR G 88 42.64 4.39 -35.80
N ILE G 89 42.12 3.38 -35.10
CA ILE G 89 42.40 2.01 -35.51
C ILE G 89 41.12 1.39 -36.06
N SER G 90 41.21 0.71 -37.19
CA SER G 90 40.02 0.08 -37.76
C SER G 90 40.28 -1.16 -38.62
N LYS G 91 39.23 -1.99 -38.74
CA LYS G 91 39.28 -3.19 -39.58
C LYS G 91 38.62 -2.85 -40.90
N THR G 92 39.29 -3.13 -42.02
CA THR G 92 38.72 -2.78 -43.31
C THR G 92 38.31 -4.00 -44.12
N SER G 93 38.89 -5.16 -43.81
CA SER G 93 38.56 -6.38 -44.54
C SER G 93 38.85 -7.57 -43.65
N SER G 94 38.60 -8.76 -44.17
CA SER G 94 38.85 -10.00 -43.44
C SER G 94 40.34 -10.27 -43.24
N THR G 95 41.19 -9.56 -43.99
CA THR G 95 42.63 -9.70 -43.83
C THR G 95 43.34 -8.40 -43.49
N THR G 96 42.69 -7.26 -43.63
CA THR G 96 43.37 -5.97 -43.46
C THR G 96 42.89 -5.08 -42.31
N VAL G 97 43.88 -4.61 -41.55
CA VAL G 97 43.71 -3.69 -40.43
C VAL G 97 44.57 -2.46 -40.68
N THR G 98 44.04 -1.27 -40.41
CA THR G 98 44.81 -0.06 -40.63
C THR G 98 44.87 0.85 -39.42
N LEU G 99 45.87 1.73 -39.44
CA LEU G 99 46.04 2.76 -38.44
C LEU G 99 46.17 4.10 -39.13
N GLN G 100 45.24 4.99 -38.84
CA GLN G 100 45.28 6.31 -39.45
C GLN G 100 45.80 7.32 -38.46
N MET G 101 46.93 7.93 -38.76
CA MET G 101 47.49 8.89 -37.84
C MET G 101 47.31 10.29 -38.37
N THR G 102 46.85 11.21 -37.53
CA THR G 102 46.74 12.58 -38.00
C THR G 102 47.51 13.53 -37.12
N SER G 103 47.58 14.78 -37.57
CA SER G 103 48.26 15.84 -36.86
C SER G 103 49.66 15.40 -36.44
N LEU G 104 50.41 14.80 -37.36
CA LEU G 104 51.74 14.29 -37.05
C LEU G 104 52.75 15.36 -36.75
N THR G 105 53.64 15.06 -35.82
CA THR G 105 54.73 15.97 -35.50
C THR G 105 56.07 15.26 -35.48
N ALA G 106 57.15 16.01 -35.32
CA ALA G 106 58.50 15.43 -35.34
C ALA G 106 58.70 14.34 -34.28
N ALA G 107 58.03 14.49 -33.15
CA ALA G 107 58.11 13.58 -32.03
C ALA G 107 57.54 12.21 -32.34
N ASP G 108 56.80 12.07 -33.44
CA ASP G 108 56.17 10.82 -33.79
C ASP G 108 57.08 9.99 -34.70
N THR G 109 58.30 10.47 -34.96
CA THR G 109 59.19 9.66 -35.78
C THR G 109 59.51 8.42 -34.98
N ALA G 110 59.25 7.26 -35.58
CA ALA G 110 59.43 6.00 -34.89
C ALA G 110 59.28 4.81 -35.80
N THR G 111 59.69 3.65 -35.31
CA THR G 111 59.37 2.42 -35.99
C THR G 111 57.98 2.02 -35.51
N TYR G 112 57.11 1.69 -36.43
CA TYR G 112 55.78 1.26 -36.05
C TYR G 112 55.68 -0.23 -36.29
N PHE G 113 55.00 -0.92 -35.39
CA PHE G 113 54.82 -2.36 -35.54
C PHE G 113 53.35 -2.78 -35.35
N CYS G 114 52.95 -3.87 -36.02
CA CYS G 114 51.69 -4.58 -35.84
C CYS G 114 51.99 -5.95 -35.30
N ALA G 115 51.11 -6.40 -34.43
CA ALA G 115 51.23 -7.74 -33.96
C ALA G 115 49.89 -8.29 -33.58
N ARG G 116 49.78 -9.60 -33.64
CA ARG G 116 48.55 -10.28 -33.32
C ARG G 116 48.59 -11.00 -31.97
N GLY G 117 47.59 -10.68 -31.16
CA GLY G 117 47.41 -11.26 -29.83
C GLY G 117 46.05 -11.91 -29.70
N GLY G 118 45.62 -12.16 -28.48
CA GLY G 118 44.35 -12.82 -28.22
C GLY G 118 43.99 -12.57 -26.77
N SER G 119 42.82 -13.00 -26.35
CA SER G 119 42.43 -12.67 -25.00
C SER G 119 43.30 -13.32 -23.96
N GLY G 120 43.68 -12.51 -22.98
CA GLY G 120 44.46 -12.98 -21.86
C GLY G 120 45.95 -13.10 -22.12
N ASP G 121 46.43 -12.68 -23.30
CA ASP G 121 47.86 -12.84 -23.58
C ASP G 121 48.43 -11.66 -24.34
N GLY G 122 49.72 -11.72 -24.61
CA GLY G 122 50.42 -10.67 -25.31
C GLY G 122 50.40 -10.94 -26.78
N GLN G 123 51.05 -10.11 -27.56
CA GLN G 123 51.05 -10.38 -28.97
C GLN G 123 52.09 -11.46 -29.21
N SER G 124 51.72 -12.51 -29.92
CA SER G 124 52.67 -13.59 -30.18
C SER G 124 53.21 -13.55 -31.58
N LEU G 125 52.47 -12.93 -32.49
CA LEU G 125 52.91 -12.84 -33.87
C LEU G 125 53.25 -11.41 -34.24
N TRP G 126 54.52 -11.15 -34.50
CA TRP G 126 54.92 -9.78 -34.81
C TRP G 126 55.43 -9.66 -36.22
N GLY G 127 55.07 -8.59 -36.90
CA GLY G 127 55.59 -8.37 -38.23
C GLY G 127 56.85 -7.50 -38.16
N PRO G 128 57.66 -7.44 -39.23
CA PRO G 128 58.74 -6.49 -39.37
C PRO G 128 58.02 -5.17 -39.36
N GLY G 129 58.60 -4.11 -38.82
CA GLY G 129 57.84 -2.86 -38.79
C GLY G 129 58.05 -1.98 -40.01
N THR G 130 57.46 -0.79 -39.93
CA THR G 130 57.52 0.24 -40.96
C THR G 130 58.20 1.46 -40.39
N LEU G 131 58.68 2.35 -41.23
CA LEU G 131 59.35 3.54 -40.70
C LEU G 131 58.63 4.81 -41.07
N VAL G 132 58.28 5.57 -40.05
CA VAL G 132 57.59 6.83 -40.26
C VAL G 132 58.46 7.96 -39.76
N THR G 133 58.75 8.89 -40.66
CA THR G 133 59.57 10.05 -40.32
C THR G 133 58.71 11.27 -40.64
N VAL G 134 58.64 12.26 -39.71
CA VAL G 134 57.79 13.44 -39.91
C VAL G 134 58.70 14.67 -40.15
N ASP H 26 46.23 5.57 -14.52
CA ASP H 26 45.43 4.36 -14.64
C ASP H 26 46.31 3.10 -14.51
N ILE H 27 47.35 3.01 -15.37
CA ILE H 27 48.31 1.90 -15.44
C ILE H 27 49.70 2.30 -15.01
N VAL H 28 50.19 1.66 -13.97
CA VAL H 28 51.53 1.92 -13.50
C VAL H 28 52.37 0.68 -13.61
N MET H 29 53.48 0.80 -14.32
CA MET H 29 54.39 -0.33 -14.50
C MET H 29 55.85 0.11 -14.47
N THR H 30 56.58 -0.31 -13.45
CA THR H 30 57.98 0.09 -13.36
C THR H 30 58.93 -1.09 -13.28
N GLN H 31 59.90 -1.12 -14.18
CA GLN H 31 60.91 -2.16 -14.16
C GLN H 31 62.05 -1.56 -13.39
N THR H 32 62.54 -2.24 -12.36
CA THR H 32 63.53 -1.58 -11.51
C THR H 32 65.04 -1.93 -11.60
N PRO H 33 65.50 -3.17 -11.88
CA PRO H 33 66.90 -3.55 -11.87
C PRO H 33 67.59 -3.16 -13.15
N ALA H 34 67.69 -1.87 -13.38
CA ALA H 34 68.22 -1.36 -14.62
C ALA H 34 69.68 -1.73 -14.84
N SER H 35 70.02 -1.91 -16.11
CA SER H 35 71.39 -2.19 -16.58
C SER H 35 72.12 -3.36 -15.94
N VAL H 36 71.43 -4.48 -15.78
CA VAL H 36 72.03 -5.69 -15.23
C VAL H 36 72.52 -6.61 -16.34
N GLU H 37 73.76 -7.07 -16.19
CA GLU H 37 74.42 -7.97 -17.14
C GLU H 37 75.23 -9.01 -16.38
N ALA H 38 75.49 -10.15 -17.02
CA ALA H 38 76.31 -11.19 -16.41
C ALA H 38 77.13 -11.96 -17.45
N ALA H 39 78.23 -12.52 -16.99
CA ALA H 39 79.10 -13.34 -17.81
C ALA H 39 78.42 -14.64 -18.17
N VAL H 40 78.82 -15.22 -19.29
CA VAL H 40 78.23 -16.48 -19.69
C VAL H 40 78.42 -17.50 -18.58
N GLY H 41 77.35 -18.21 -18.26
CA GLY H 41 77.34 -19.20 -17.19
C GLY H 41 76.80 -18.63 -15.86
N GLY H 42 76.70 -17.31 -15.75
CA GLY H 42 76.18 -16.68 -14.55
C GLY H 42 74.70 -16.52 -14.76
N THR H 43 73.97 -15.90 -13.83
CA THR H 43 72.53 -15.75 -13.98
C THR H 43 72.09 -14.31 -13.78
N VAL H 44 70.90 -14.01 -14.28
CA VAL H 44 70.30 -12.68 -14.13
C VAL H 44 68.83 -12.76 -13.77
N ALA H 45 68.27 -11.67 -13.27
CA ALA H 45 66.84 -11.57 -13.07
C ALA H 45 66.40 -10.13 -13.26
N ILE H 46 65.21 -9.95 -13.81
CA ILE H 46 64.59 -8.66 -14.05
C ILE H 46 63.21 -8.61 -13.39
N LYS H 47 62.92 -7.55 -12.65
CA LYS H 47 61.63 -7.49 -11.99
C LYS H 47 60.88 -6.17 -12.21
N CYS H 48 59.52 -6.26 -12.22
CA CYS H 48 58.56 -5.17 -12.37
C CYS H 48 57.57 -5.11 -11.21
N GLN H 49 57.18 -3.88 -10.90
CA GLN H 49 56.18 -3.59 -9.89
C GLN H 49 55.02 -2.78 -10.47
N ALA H 50 53.86 -2.89 -9.84
CA ALA H 50 52.69 -2.14 -10.28
C ALA H 50 51.92 -1.54 -9.10
N SER H 51 51.17 -0.49 -9.35
CA SER H 51 50.34 0.12 -8.30
C SER H 51 48.93 -0.47 -8.30
N GLN H 52 48.66 -1.33 -9.27
CA GLN H 52 47.40 -1.99 -9.42
C GLN H 52 47.70 -3.46 -9.57
N SER H 53 46.86 -4.33 -9.03
CA SER H 53 47.09 -5.74 -9.22
C SER H 53 46.83 -6.14 -10.67
N ILE H 54 47.67 -7.00 -11.19
CA ILE H 54 47.58 -7.56 -12.52
C ILE H 54 47.83 -9.06 -12.42
N ARG H 55 47.22 -9.67 -11.41
CA ARG H 55 47.50 -11.05 -11.08
C ARG H 55 47.42 -11.93 -12.31
N SER H 56 48.44 -12.75 -12.51
CA SER H 56 48.54 -13.69 -13.61
C SER H 56 48.35 -13.10 -15.02
N TYR H 57 48.52 -11.79 -15.20
CA TYR H 57 48.38 -11.18 -16.52
C TYR H 57 49.58 -10.40 -16.99
N LEU H 58 50.75 -10.80 -16.53
CA LEU H 58 51.97 -10.16 -16.99
C LEU H 58 52.65 -10.93 -18.09
N ALA H 59 52.99 -10.25 -19.18
CA ALA H 59 53.73 -10.91 -20.24
C ALA H 59 55.14 -10.34 -20.32
N TRP H 60 56.10 -11.21 -20.62
CA TRP H 60 57.47 -10.77 -20.81
C TRP H 60 57.92 -10.96 -22.24
N TYR H 61 58.66 -9.97 -22.72
CA TYR H 61 59.23 -9.98 -24.06
C TYR H 61 60.72 -9.80 -24.12
N GLN H 62 61.33 -10.37 -25.15
CA GLN H 62 62.76 -10.24 -25.45
C GLN H 62 63.01 -9.49 -26.76
N GLN H 63 63.68 -8.34 -26.70
CA GLN H 63 63.92 -7.64 -27.96
C GLN H 63 65.39 -7.51 -28.32
N LYS H 64 65.79 -8.25 -29.33
CA LYS H 64 67.17 -8.20 -29.78
C LYS H 64 67.20 -7.01 -30.74
N PRO H 65 68.32 -6.29 -30.90
CA PRO H 65 68.41 -5.16 -31.79
C PRO H 65 67.99 -5.51 -33.20
N GLY H 66 67.15 -4.65 -33.78
CA GLY H 66 66.66 -4.80 -35.15
C GLY H 66 65.44 -5.71 -35.29
N GLN H 67 65.03 -6.33 -34.20
CA GLN H 67 63.93 -7.27 -34.24
C GLN H 67 62.68 -6.73 -33.54
N PRO H 68 61.48 -7.23 -33.87
CA PRO H 68 60.29 -6.99 -33.12
C PRO H 68 60.47 -7.82 -31.87
N PRO H 69 59.86 -7.49 -30.75
CA PRO H 69 59.89 -8.28 -29.53
C PRO H 69 59.37 -9.70 -29.67
N LYS H 70 60.06 -10.64 -29.06
CA LYS H 70 59.63 -12.04 -29.03
C LYS H 70 58.90 -12.31 -27.73
N LEU H 71 57.76 -12.96 -27.79
CA LEU H 71 57.08 -13.27 -26.54
C LEU H 71 57.79 -14.41 -25.86
N LEU H 72 58.11 -14.22 -24.58
CA LEU H 72 58.77 -15.25 -23.79
C LEU H 72 57.83 -15.95 -22.84
N ILE H 73 57.25 -15.14 -21.96
CA ILE H 73 56.44 -15.67 -20.88
C ILE H 73 55.10 -15.03 -20.84
N TYR H 74 54.05 -15.82 -20.67
CA TYR H 74 52.73 -15.24 -20.59
C TYR H 74 52.02 -15.68 -19.34
N GLU H 75 51.07 -14.87 -18.91
CA GLU H 75 50.31 -15.18 -17.71
C GLU H 75 51.25 -15.44 -16.52
N ALA H 76 52.26 -14.59 -16.36
CA ALA H 76 53.28 -14.61 -15.30
C ALA H 76 54.31 -15.75 -15.42
N SER H 77 53.88 -17.00 -15.54
CA SER H 77 54.80 -18.14 -15.57
C SER H 77 54.83 -19.10 -16.78
N LYS H 78 53.94 -18.99 -17.75
CA LYS H 78 53.90 -19.98 -18.82
C LYS H 78 54.84 -19.65 -19.97
N LEU H 79 55.60 -20.63 -20.47
CA LEU H 79 56.46 -20.25 -21.58
C LEU H 79 55.72 -20.35 -22.89
N ALA H 80 56.02 -19.42 -23.78
CA ALA H 80 55.50 -19.40 -25.12
C ALA H 80 56.20 -20.46 -25.94
N SER H 81 55.54 -20.97 -26.97
CA SER H 81 56.19 -21.94 -27.80
C SER H 81 57.41 -21.31 -28.44
N GLY H 82 58.49 -22.07 -28.52
CA GLY H 82 59.73 -21.58 -29.14
C GLY H 82 60.68 -20.95 -28.14
N VAL H 83 60.26 -20.85 -26.88
CA VAL H 83 61.06 -20.26 -25.83
C VAL H 83 61.94 -21.31 -25.12
N PRO H 84 63.26 -21.12 -25.07
CA PRO H 84 64.23 -21.99 -24.42
C PRO H 84 63.92 -22.16 -22.95
N SER H 85 64.28 -23.33 -22.42
CA SER H 85 64.06 -23.72 -21.03
C SER H 85 64.80 -22.87 -20.01
N ARG H 86 65.76 -22.06 -20.45
CA ARG H 86 66.48 -21.21 -19.52
C ARG H 86 65.59 -20.08 -19.03
N PHE H 87 64.49 -19.83 -19.72
CA PHE H 87 63.61 -18.75 -19.32
C PHE H 87 62.58 -19.25 -18.34
N SER H 88 62.35 -18.48 -17.30
CA SER H 88 61.32 -18.78 -16.33
C SER H 88 60.89 -17.52 -15.63
N GLY H 89 60.01 -17.66 -14.67
CA GLY H 89 59.53 -16.50 -13.93
C GLY H 89 58.26 -16.80 -13.17
N SER H 90 57.91 -15.90 -12.28
CA SER H 90 56.73 -16.01 -11.43
C SER H 90 56.33 -14.68 -10.83
N GLY H 91 55.14 -14.65 -10.24
CA GLY H 91 54.69 -13.46 -9.54
C GLY H 91 53.20 -13.44 -9.40
N SER H 92 52.71 -12.43 -8.69
CA SER H 92 51.29 -12.26 -8.44
C SER H 92 51.02 -10.84 -8.01
N GLY H 93 49.76 -10.45 -7.97
CA GLY H 93 49.48 -9.14 -7.40
C GLY H 93 50.18 -8.04 -8.17
N THR H 94 51.02 -7.31 -7.45
CA THR H 94 51.79 -6.19 -7.92
C THR H 94 53.30 -6.43 -7.98
N GLN H 95 53.75 -7.66 -7.77
CA GLN H 95 55.19 -7.96 -7.77
C GLN H 95 55.58 -9.17 -8.65
N PHE H 96 56.34 -8.92 -9.75
CA PHE H 96 56.71 -10.01 -10.67
C PHE H 96 58.18 -10.06 -11.10
N THR H 97 58.72 -11.28 -11.30
CA THR H 97 60.11 -11.48 -11.77
C THR H 97 60.33 -12.46 -12.93
N LEU H 98 61.21 -12.04 -13.86
CA LEU H 98 61.75 -12.81 -15.00
C LEU H 98 63.10 -13.33 -14.62
N THR H 99 63.34 -14.61 -14.80
CA THR H 99 64.66 -15.11 -14.47
C THR H 99 65.28 -15.87 -15.61
N ILE H 100 66.61 -15.82 -15.66
CA ILE H 100 67.37 -16.58 -16.62
C ILE H 100 68.23 -17.55 -15.82
N SER H 101 68.11 -18.85 -16.12
CA SER H 101 68.80 -19.94 -15.40
C SER H 101 70.30 -19.96 -15.63
N GLY H 102 70.72 -19.23 -16.63
CA GLY H 102 72.10 -19.09 -17.01
C GLY H 102 72.20 -18.38 -18.33
N VAL H 103 73.20 -17.52 -18.44
CA VAL H 103 73.46 -16.75 -19.65
C VAL H 103 74.17 -17.62 -20.66
N GLU H 104 73.64 -17.63 -21.90
CA GLU H 104 74.17 -18.45 -23.01
C GLU H 104 74.70 -17.62 -24.18
N CYS H 105 74.91 -16.33 -23.95
CA CYS H 105 75.38 -15.35 -24.94
C CYS H 105 74.39 -15.11 -26.09
N ASP H 106 73.10 -15.31 -25.82
CA ASP H 106 72.05 -15.06 -26.78
C ASP H 106 70.96 -14.33 -26.04
N ASP H 107 71.44 -13.55 -25.07
CA ASP H 107 70.64 -12.78 -24.16
C ASP H 107 70.85 -11.29 -24.41
N ALA H 108 71.37 -10.96 -25.59
CA ALA H 108 71.67 -9.57 -25.94
C ALA H 108 70.40 -8.86 -26.37
N ALA H 109 69.57 -8.58 -25.38
CA ALA H 109 68.25 -8.03 -25.59
C ALA H 109 67.79 -7.23 -24.41
N THR H 110 66.86 -6.32 -24.64
CA THR H 110 66.23 -5.70 -23.49
C THR H 110 64.98 -6.48 -23.24
N TYR H 111 64.47 -6.39 -22.03
CA TYR H 111 63.25 -7.10 -21.74
C TYR H 111 62.19 -6.13 -21.33
N TYR H 112 60.97 -6.50 -21.66
CA TYR H 112 59.83 -5.65 -21.35
C TYR H 112 58.71 -6.39 -20.62
N CYS H 113 57.98 -5.63 -19.78
CA CYS H 113 56.79 -6.04 -19.04
C CYS H 113 55.55 -5.47 -19.70
N GLN H 114 54.60 -6.35 -20.01
CA GLN H 114 53.35 -5.91 -20.61
C GLN H 114 52.15 -6.34 -19.78
N ARG H 115 51.24 -5.41 -19.60
CA ARG H 115 50.01 -5.66 -18.87
C ARG H 115 48.91 -6.19 -19.77
N ASN H 116 48.30 -7.31 -19.41
CA ASN H 116 47.24 -7.88 -20.24
C ASN H 116 45.87 -7.81 -19.60
N TYR H 117 45.68 -6.86 -18.69
CA TYR H 117 44.38 -6.66 -18.07
C TYR H 117 44.03 -5.21 -17.76
N ASP H 118 42.89 -4.79 -18.28
CA ASP H 118 42.36 -3.46 -18.11
C ASP H 118 41.28 -3.43 -17.02
N SER H 119 41.62 -2.83 -15.89
CA SER H 119 40.78 -2.80 -14.71
C SER H 119 39.53 -1.95 -14.85
N TYR H 120 39.46 -1.13 -15.90
CA TYR H 120 38.32 -0.26 -16.10
C TYR H 120 37.37 -0.85 -17.12
N SER H 121 37.89 -1.44 -18.19
CA SER H 121 36.99 -1.96 -19.21
C SER H 121 36.57 -3.41 -18.97
N GLY H 122 37.38 -4.18 -18.23
CA GLY H 122 37.09 -5.59 -17.99
C GLY H 122 37.72 -6.50 -19.05
N ALA H 123 38.31 -5.89 -20.07
CA ALA H 123 38.92 -6.60 -21.18
C ALA H 123 40.33 -7.04 -20.85
N TYR H 124 40.79 -8.07 -21.54
CA TYR H 124 42.13 -8.58 -21.33
C TYR H 124 42.96 -8.53 -22.57
N TYR H 125 43.48 -7.36 -22.89
CA TYR H 125 44.19 -7.15 -24.11
C TYR H 125 45.52 -6.52 -23.73
N PRO H 126 46.54 -6.63 -24.56
CA PRO H 126 47.91 -6.20 -24.32
C PRO H 126 48.24 -4.72 -24.40
N ASN H 127 47.67 -3.99 -23.44
CA ASN H 127 47.78 -2.54 -23.24
C ASN H 127 48.72 -2.02 -22.16
N GLY H 128 49.84 -1.46 -22.57
CA GLY H 128 50.76 -0.86 -21.61
C GLY H 128 52.03 -1.62 -21.34
N PHE H 129 53.15 -0.88 -21.40
CA PHE H 129 54.45 -1.45 -21.16
C PHE H 129 55.24 -0.68 -20.13
N GLY H 130 56.12 -1.40 -19.45
CA GLY H 130 57.16 -0.84 -18.61
C GLY H 130 58.40 -1.59 -19.08
N GLY H 131 59.63 -1.13 -18.82
CA GLY H 131 60.73 -1.95 -19.30
C GLY H 131 61.97 -1.21 -19.79
N GLY H 132 62.86 -1.98 -20.46
CA GLY H 132 64.13 -1.48 -21.01
C GLY H 132 65.41 -2.07 -20.42
N THR H 133 65.31 -2.97 -19.46
CA THR H 133 66.48 -3.59 -18.84
C THR H 133 67.07 -4.79 -19.60
N GLU H 134 68.42 -4.82 -19.76
CA GLU H 134 69.22 -5.89 -20.35
C GLU H 134 69.51 -6.94 -19.26
N TRP I 40 26.27 35.00 4.63
CA TRP I 40 25.31 35.74 3.81
C TRP I 40 24.04 34.92 3.48
N VAL I 41 24.17 33.60 3.15
CA VAL I 41 23.02 32.77 2.79
C VAL I 41 22.27 32.22 4.01
N THR I 42 20.98 32.52 4.05
CA THR I 42 20.10 32.03 5.10
C THR I 42 19.06 31.14 4.48
N VAL I 43 18.87 30.01 5.11
CA VAL I 43 17.92 29.04 4.62
C VAL I 43 16.69 29.09 5.49
N TYR I 44 15.54 29.20 4.85
CA TYR I 44 14.29 29.27 5.56
C TYR I 44 13.44 28.05 5.27
N TYR I 45 12.76 27.54 6.29
CA TYR I 45 11.85 26.44 6.16
C TYR I 45 10.47 26.79 6.65
N GLY I 46 9.46 26.52 5.83
CA GLY I 46 8.09 26.85 6.15
C GLY I 46 7.65 28.08 5.34
N VAL I 47 8.36 28.36 4.27
CA VAL I 47 8.08 29.49 3.42
C VAL I 47 6.78 29.27 2.64
N PRO I 48 5.81 30.21 2.66
CA PRO I 48 4.49 30.08 2.05
C PRO I 48 4.43 30.24 0.55
N VAL I 49 5.05 29.32 -0.18
CA VAL I 49 5.03 29.34 -1.64
C VAL I 49 4.59 28.02 -2.23
N TRP I 50 4.17 28.06 -3.50
CA TRP I 50 3.72 26.86 -4.19
C TRP I 50 3.90 26.86 -5.71
N LYS I 51 3.83 25.65 -6.26
CA LYS I 51 3.87 25.41 -7.70
C LYS I 51 2.63 24.65 -8.14
N ASP I 52 2.24 24.78 -9.41
CA ASP I 52 1.12 23.98 -9.90
C ASP I 52 1.48 22.51 -9.85
N ALA I 53 0.55 21.64 -9.48
CA ALA I 53 0.91 20.23 -9.46
C ALA I 53 -0.26 19.31 -9.60
N GLU I 54 0.01 18.08 -10.00
CA GLU I 54 -1.05 17.10 -10.07
C GLU I 54 -0.77 15.96 -9.12
N THR I 55 -1.72 15.68 -8.25
CA THR I 55 -1.59 14.60 -7.31
C THR I 55 -2.87 13.83 -7.27
N THR I 56 -2.90 12.78 -6.49
CA THR I 56 -4.07 11.96 -6.33
C THR I 56 -4.93 12.49 -5.23
N LEU I 57 -6.20 12.71 -5.51
CA LEU I 57 -7.11 13.19 -4.49
C LEU I 57 -7.90 12.05 -3.92
N PHE I 58 -8.31 12.17 -2.67
CA PHE I 58 -9.11 11.13 -2.02
C PHE I 58 -10.39 11.82 -1.59
N CYS I 59 -11.49 11.07 -1.30
CA CYS I 59 -12.74 11.69 -0.89
C CYS I 59 -12.97 11.63 0.60
N ALA I 60 -13.88 12.50 1.00
CA ALA I 60 -14.49 12.51 2.32
C ALA I 60 -15.99 12.69 2.14
N SER I 61 -16.79 12.09 3.01
CA SER I 61 -18.25 12.24 2.95
C SER I 61 -18.93 11.95 4.29
N ASP I 62 -19.99 12.74 4.63
CA ASP I 62 -20.82 12.64 5.86
C ASP I 62 -20.11 13.18 7.12
N LYS I 70 -25.57 2.92 3.29
CA LYS I 70 -26.41 1.76 3.00
C LYS I 70 -26.02 1.09 1.65
N HIS I 71 -24.69 0.95 1.40
CA HIS I 71 -24.08 0.27 0.23
C HIS I 71 -24.58 0.76 -1.12
N ASN I 72 -24.56 2.06 -1.33
CA ASN I 72 -25.05 2.61 -2.57
C ASN I 72 -24.02 2.48 -3.67
N VAL I 73 -24.38 2.93 -4.86
CA VAL I 73 -23.51 2.73 -6.00
C VAL I 73 -22.14 3.38 -5.92
N TRP I 74 -21.92 4.44 -5.12
CA TRP I 74 -20.58 5.03 -5.09
C TRP I 74 -19.75 4.64 -3.89
N ALA I 75 -20.19 3.62 -3.16
CA ALA I 75 -19.43 3.13 -2.02
C ALA I 75 -19.04 4.26 -1.10
N THR I 76 -19.99 5.10 -0.75
CA THR I 76 -19.68 6.24 0.07
C THR I 76 -19.33 5.83 1.49
N HIS I 77 -19.71 4.63 1.90
CA HIS I 77 -19.37 4.16 3.24
C HIS I 77 -17.88 3.87 3.35
N ALA I 78 -17.20 3.73 2.21
CA ALA I 78 -15.76 3.50 2.17
C ALA I 78 -14.91 4.81 2.16
N CYS I 79 -15.57 5.98 2.09
CA CYS I 79 -15.02 7.32 1.98
C CYS I 79 -14.73 7.82 3.42
N VAL I 80 -13.70 8.63 3.64
CA VAL I 80 -13.44 8.97 5.04
C VAL I 80 -14.48 10.01 5.52
N PRO I 81 -14.70 10.19 6.82
CA PRO I 81 -15.57 11.23 7.38
C PRO I 81 -15.06 12.60 7.03
N THR I 82 -15.96 13.57 6.93
CA THR I 82 -15.53 14.93 6.64
C THR I 82 -15.05 15.62 7.87
N ASP I 83 -14.36 16.72 7.65
CA ASP I 83 -13.90 17.60 8.72
C ASP I 83 -15.07 18.57 8.92
N PRO I 84 -15.81 18.54 10.03
CA PRO I 84 -16.98 19.38 10.23
C PRO I 84 -16.49 20.80 10.37
N ASN I 85 -17.25 21.76 9.86
CA ASN I 85 -16.85 23.16 9.98
C ASN I 85 -15.38 23.39 9.65
N PRO I 86 -14.93 23.06 8.42
CA PRO I 86 -13.56 23.18 8.01
C PRO I 86 -13.26 24.67 7.93
N GLN I 87 -12.01 25.05 8.14
CA GLN I 87 -11.69 26.46 8.07
C GLN I 87 -11.20 26.90 6.70
N GLU I 88 -11.86 27.89 6.14
CA GLU I 88 -11.46 28.49 4.89
C GLU I 88 -10.57 29.69 5.17
N ILE I 89 -9.41 29.76 4.53
CA ILE I 89 -8.50 30.86 4.80
C ILE I 89 -8.30 31.81 3.64
N HIS I 90 -8.75 33.05 3.79
CA HIS I 90 -8.63 34.01 2.69
C HIS I 90 -7.20 34.46 2.53
N LEU I 91 -6.72 34.57 1.28
CA LEU I 91 -5.36 35.02 1.07
C LEU I 91 -5.34 36.44 0.57
N GLU I 92 -4.78 37.33 1.35
CA GLU I 92 -4.74 38.73 0.96
C GLU I 92 -3.54 38.98 0.07
N ASN I 93 -3.66 39.96 -0.86
CA ASN I 93 -2.61 40.43 -1.78
C ASN I 93 -2.00 39.31 -2.66
N VAL I 94 -2.82 38.37 -3.19
CA VAL I 94 -2.35 37.31 -4.09
C VAL I 94 -3.19 37.29 -5.32
N THR I 95 -2.64 36.74 -6.38
CA THR I 95 -3.37 36.49 -7.59
C THR I 95 -2.96 35.11 -8.00
N GLU I 96 -3.74 34.51 -8.87
CA GLU I 96 -3.43 33.21 -9.41
C GLU I 96 -4.14 33.06 -10.73
N GLU I 97 -3.63 32.20 -11.61
CA GLU I 97 -4.35 31.92 -12.86
C GLU I 97 -4.94 30.53 -12.86
N PHE I 98 -6.14 30.46 -13.41
CA PHE I 98 -6.91 29.24 -13.50
C PHE I 98 -7.28 28.90 -14.93
N ASN I 99 -7.52 27.62 -15.19
CA ASN I 99 -8.00 27.21 -16.50
C ASN I 99 -8.89 26.00 -16.34
N MET I 100 -10.19 26.21 -16.36
CA MET I 100 -11.15 25.14 -16.11
C MET I 100 -11.19 24.10 -17.21
N TRP I 101 -10.60 24.39 -18.35
CA TRP I 101 -10.64 23.47 -19.46
C TRP I 101 -9.46 22.52 -19.43
N LYS I 102 -8.51 22.77 -18.53
CA LYS I 102 -7.28 22.00 -18.41
C LYS I 102 -7.12 21.46 -17.00
N ASN I 103 -8.21 21.47 -16.26
CA ASN I 103 -8.24 21.09 -14.85
C ASN I 103 -8.30 19.59 -14.66
N ASN I 104 -7.25 18.99 -14.13
CA ASN I 104 -7.16 17.54 -14.02
C ASN I 104 -8.06 16.95 -12.93
N MET I 105 -8.74 17.80 -12.19
CA MET I 105 -9.65 17.31 -11.19
C MET I 105 -10.84 16.70 -11.91
N VAL I 106 -11.10 17.17 -13.15
CA VAL I 106 -12.22 16.65 -13.90
C VAL I 106 -11.91 15.25 -14.30
N GLU I 107 -10.68 15.00 -14.75
CA GLU I 107 -10.32 13.68 -15.17
C GLU I 107 -10.37 12.70 -14.02
N GLN I 108 -9.97 13.11 -12.81
CA GLN I 108 -10.10 12.14 -11.75
C GLN I 108 -11.56 11.90 -11.44
N MET I 109 -12.41 12.93 -11.42
CA MET I 109 -13.77 12.60 -11.08
C MET I 109 -14.36 11.67 -12.13
N HIS I 110 -13.97 11.84 -13.38
CA HIS I 110 -14.46 10.99 -14.45
C HIS I 110 -14.10 9.54 -14.23
N THR I 111 -12.83 9.25 -13.91
CA THR I 111 -12.50 7.85 -13.77
C THR I 111 -12.94 7.28 -12.43
N ASP I 112 -13.16 8.12 -11.43
CA ASP I 112 -13.62 7.56 -10.16
C ASP I 112 -15.04 7.12 -10.31
N ILE I 113 -15.87 7.92 -10.97
CA ILE I 113 -17.25 7.55 -11.08
C ILE I 113 -17.40 6.32 -11.94
N ILE I 114 -16.66 6.23 -13.05
CA ILE I 114 -16.80 5.04 -13.87
C ILE I 114 -16.34 3.80 -13.12
N SER I 115 -15.20 3.88 -12.44
CA SER I 115 -14.72 2.71 -11.76
C SER I 115 -15.73 2.24 -10.72
N LEU I 116 -16.31 3.17 -9.97
CA LEU I 116 -17.28 2.79 -8.96
C LEU I 116 -18.51 2.16 -9.56
N TRP I 117 -18.97 2.69 -10.68
CA TRP I 117 -20.14 2.13 -11.33
C TRP I 117 -19.89 0.67 -11.65
N ASP I 118 -18.75 0.40 -12.28
CA ASP I 118 -18.45 -0.98 -12.65
C ASP I 118 -18.21 -1.89 -11.49
N GLN I 119 -17.59 -1.40 -10.42
CA GLN I 119 -17.39 -2.30 -9.30
C GLN I 119 -18.71 -2.66 -8.66
N SER I 120 -19.61 -1.70 -8.52
CA SER I 120 -20.88 -1.93 -7.86
C SER I 120 -21.77 -2.89 -8.60
N LEU I 121 -21.68 -2.92 -9.92
CA LEU I 121 -22.49 -3.84 -10.70
C LEU I 121 -21.83 -5.17 -10.91
N LYS I 122 -20.62 -5.37 -10.40
CA LYS I 122 -19.94 -6.61 -10.64
C LYS I 122 -20.58 -7.81 -9.95
N PRO I 123 -20.79 -7.85 -8.63
CA PRO I 123 -21.36 -9.01 -7.95
C PRO I 123 -22.88 -9.06 -8.06
N CYS I 124 -23.43 -9.10 -9.29
CA CYS I 124 -24.86 -9.10 -9.58
C CYS I 124 -25.18 -10.19 -10.60
N VAL I 125 -26.40 -10.69 -10.55
CA VAL I 125 -26.82 -11.73 -11.47
C VAL I 125 -26.78 -11.30 -12.92
N LYS I 126 -26.25 -12.18 -13.76
CA LYS I 126 -26.18 -11.94 -15.19
C LYS I 126 -27.47 -12.39 -15.80
N LEU I 127 -27.90 -11.75 -16.86
CA LEU I 127 -29.14 -12.14 -17.49
C LEU I 127 -28.94 -12.86 -18.80
N THR I 128 -27.76 -13.39 -19.04
CA THR I 128 -27.49 -14.10 -20.29
C THR I 128 -28.63 -15.05 -20.71
N PRO I 129 -29.22 -15.91 -19.84
CA PRO I 129 -30.27 -16.86 -20.17
C PRO I 129 -31.53 -16.23 -20.75
N LEU I 130 -31.68 -14.91 -20.58
CA LEU I 130 -32.82 -14.14 -21.08
C LEU I 130 -32.76 -13.79 -22.57
N CYS I 131 -31.57 -13.89 -23.23
CA CYS I 131 -31.40 -13.53 -24.64
C CYS I 131 -31.87 -14.71 -25.50
N VAL I 132 -33.17 -14.79 -25.64
CA VAL I 132 -33.89 -15.85 -26.33
C VAL I 132 -34.86 -15.29 -27.31
N THR I 133 -35.38 -16.13 -28.18
CA THR I 133 -36.39 -15.62 -29.06
C THR I 133 -37.61 -15.31 -28.23
N LEU I 134 -38.14 -14.10 -28.33
CA LEU I 134 -39.33 -13.72 -27.59
C LEU I 134 -40.52 -13.76 -28.51
N GLN I 135 -41.67 -14.17 -28.02
CA GLN I 135 -42.90 -14.11 -28.82
C GLN I 135 -43.78 -13.03 -28.22
N CYS I 136 -43.98 -11.89 -28.94
CA CYS I 136 -44.64 -10.71 -28.36
C CYS I 136 -45.87 -10.26 -29.14
N THR I 137 -46.80 -9.68 -28.37
CA THR I 137 -48.01 -9.00 -28.81
C THR I 137 -48.06 -7.62 -28.14
N ASN I 138 -48.91 -6.70 -28.63
CA ASN I 138 -49.08 -5.34 -28.08
C ASN I 138 -49.92 -5.34 -26.80
N VAL I 139 -49.63 -4.39 -25.87
CA VAL I 139 -50.46 -4.15 -24.67
C VAL I 139 -51.53 -3.17 -25.06
N THR I 140 -52.78 -3.61 -25.04
CA THR I 140 -53.88 -2.76 -25.48
C THR I 140 -55.05 -2.60 -24.51
N ASN I 141 -55.10 -3.39 -23.44
CA ASN I 141 -56.31 -3.42 -22.60
C ASN I 141 -56.74 -2.14 -21.87
N ASN I 142 -55.79 -1.38 -21.35
CA ASN I 142 -56.15 -0.16 -20.62
C ASN I 142 -55.21 0.97 -20.95
N ILE I 143 -55.24 1.45 -22.18
CA ILE I 143 -54.24 2.44 -22.53
C ILE I 143 -54.80 3.69 -23.13
N THR I 144 -54.02 4.75 -23.08
CA THR I 144 -54.35 5.93 -23.84
C THR I 144 -53.73 5.80 -25.22
N ASP I 145 -54.10 6.68 -26.14
CA ASP I 145 -53.54 6.55 -27.49
C ASP I 145 -52.06 6.82 -27.60
N ASP I 146 -51.55 7.68 -26.73
CA ASP I 146 -50.15 8.06 -26.74
C ASP I 146 -49.25 6.90 -26.34
N MET I 147 -49.82 5.88 -25.70
CA MET I 147 -49.09 4.72 -25.27
C MET I 147 -49.33 3.52 -26.16
N ARG I 148 -50.00 3.71 -27.29
CA ARG I 148 -50.28 2.58 -28.12
C ARG I 148 -49.02 2.21 -28.83
N GLY I 149 -48.61 0.98 -28.64
CA GLY I 149 -47.38 0.49 -29.24
C GLY I 149 -46.15 0.70 -28.34
N GLU I 150 -46.31 1.38 -27.21
CA GLU I 150 -45.18 1.59 -26.32
C GLU I 150 -44.83 0.40 -25.47
N LEU I 151 -45.81 -0.40 -25.10
CA LEU I 151 -45.50 -1.55 -24.29
C LEU I 151 -45.83 -2.81 -25.03
N LYS I 152 -44.96 -3.80 -24.86
CA LYS I 152 -45.19 -5.10 -25.44
C LYS I 152 -45.22 -6.18 -24.37
N ASN I 153 -46.09 -7.19 -24.57
CA ASN I 153 -46.31 -8.36 -23.73
C ASN I 153 -45.59 -9.56 -24.36
N CYS I 154 -44.44 -9.98 -23.77
CA CYS I 154 -43.55 -11.00 -24.34
C CYS I 154 -43.49 -12.29 -23.53
N SER I 155 -43.69 -13.41 -24.22
CA SER I 155 -43.62 -14.73 -23.62
C SER I 155 -42.36 -15.43 -24.07
N PHE I 156 -41.76 -16.20 -23.18
CA PHE I 156 -40.57 -16.93 -23.53
C PHE I 156 -40.29 -18.18 -22.69
N ASN I 157 -39.44 -19.10 -23.23
CA ASN I 157 -38.99 -20.34 -22.59
C ASN I 157 -37.66 -20.12 -21.86
N MET I 158 -37.71 -20.08 -20.50
CA MET I 158 -36.57 -19.79 -19.61
C MET I 158 -36.23 -20.89 -18.62
N THR I 159 -34.94 -21.04 -18.36
CA THR I 159 -34.36 -22.03 -17.47
C THR I 159 -34.81 -21.89 -16.02
N THR I 160 -35.17 -23.01 -15.41
CA THR I 160 -35.57 -23.08 -14.00
C THR I 160 -34.36 -23.38 -13.14
N GLU I 161 -34.48 -23.42 -11.82
CA GLU I 161 -33.27 -23.70 -11.07
C GLU I 161 -32.68 -25.06 -11.45
N LEU I 162 -33.51 -26.01 -11.84
CA LEU I 162 -32.94 -27.27 -12.26
C LEU I 162 -32.51 -27.13 -13.70
N ARG I 163 -31.33 -27.64 -14.00
CA ARG I 163 -30.77 -27.57 -15.35
C ARG I 163 -31.62 -28.23 -16.42
N ASP I 164 -32.33 -29.28 -16.07
CA ASP I 164 -33.12 -30.04 -17.01
C ASP I 164 -34.59 -29.64 -17.13
N LYS I 165 -35.00 -28.52 -16.54
CA LYS I 165 -36.39 -28.09 -16.65
C LYS I 165 -36.50 -26.66 -17.16
N LYS I 166 -37.59 -26.38 -17.85
CA LYS I 166 -37.85 -25.05 -18.38
C LYS I 166 -39.25 -24.62 -18.02
N GLN I 167 -39.46 -23.31 -17.96
CA GLN I 167 -40.76 -22.77 -17.66
C GLN I 167 -41.17 -21.70 -18.66
N LYS I 168 -42.48 -21.58 -18.83
CA LYS I 168 -43.02 -20.54 -19.69
C LYS I 168 -43.40 -19.36 -18.85
N VAL I 169 -42.75 -18.24 -19.11
CA VAL I 169 -42.98 -17.05 -18.34
C VAL I 169 -43.24 -15.91 -19.27
N TYR I 170 -43.77 -14.84 -18.75
CA TYR I 170 -43.94 -13.67 -19.58
C TYR I 170 -43.71 -12.43 -18.78
N SER I 171 -43.38 -11.37 -19.47
CA SER I 171 -43.16 -10.08 -18.85
C SER I 171 -43.42 -8.94 -19.80
N LEU I 172 -43.53 -7.75 -19.25
CA LEU I 172 -43.71 -6.61 -20.13
C LEU I 172 -42.38 -5.93 -20.36
N PHE I 173 -42.21 -5.40 -21.56
CA PHE I 173 -41.04 -4.62 -21.92
C PHE I 173 -41.43 -3.34 -22.62
N TYR I 174 -40.58 -2.35 -22.50
CA TYR I 174 -40.77 -1.10 -23.21
C TYR I 174 -40.28 -1.27 -24.62
N ARG I 175 -40.95 -0.62 -25.56
CA ARG I 175 -40.62 -0.69 -26.96
C ARG I 175 -39.17 -0.45 -27.31
N LEU I 176 -38.52 0.45 -26.61
CA LEU I 176 -37.15 0.81 -26.95
C LEU I 176 -36.11 -0.25 -26.64
N ASP I 177 -36.48 -1.25 -25.84
CA ASP I 177 -35.55 -2.30 -25.47
C ASP I 177 -35.73 -3.55 -26.32
N VAL I 178 -36.71 -3.54 -27.24
CA VAL I 178 -37.02 -4.75 -27.99
C VAL I 178 -36.90 -4.56 -29.51
N VAL I 179 -36.17 -5.46 -30.14
CA VAL I 179 -35.90 -5.40 -31.59
C VAL I 179 -36.58 -6.51 -32.37
N GLN I 180 -37.29 -6.15 -33.42
CA GLN I 180 -37.97 -7.17 -34.21
C GLN I 180 -37.00 -7.95 -35.08
N ILE I 181 -37.17 -9.28 -35.12
CA ILE I 181 -36.30 -10.16 -35.90
C ILE I 181 -36.68 -10.28 -37.39
N ASN I 182 -37.97 -10.56 -37.69
CA ASN I 182 -38.50 -10.79 -39.03
C ASN I 182 -39.38 -9.59 -39.41
N ASN I 193 -47.17 -14.43 -32.54
CA ASN I 193 -47.40 -13.26 -33.37
C ASN I 193 -46.09 -12.88 -34.10
N LYS I 194 -45.22 -12.02 -33.50
CA LYS I 194 -43.93 -11.61 -34.09
C LYS I 194 -42.79 -11.99 -33.17
N GLU I 195 -41.63 -12.29 -33.75
CA GLU I 195 -40.48 -12.69 -32.96
C GLU I 195 -39.54 -11.52 -32.70
N TYR I 196 -39.05 -11.43 -31.46
CA TYR I 196 -38.18 -10.36 -30.99
C TYR I 196 -36.92 -10.77 -30.20
N ARG I 197 -35.96 -9.85 -30.15
CA ARG I 197 -34.74 -9.98 -29.35
C ARG I 197 -34.56 -8.78 -28.47
N LEU I 198 -33.78 -8.92 -27.41
CA LEU I 198 -33.49 -7.71 -26.66
C LEU I 198 -32.44 -6.95 -27.45
N ILE I 199 -32.46 -5.63 -27.31
CA ILE I 199 -31.55 -4.76 -28.04
C ILE I 199 -30.08 -5.07 -27.93
N ASN I 200 -29.60 -5.60 -26.82
CA ASN I 200 -28.17 -5.87 -26.77
C ASN I 200 -27.70 -7.30 -27.09
N CYS I 201 -28.58 -8.20 -27.59
CA CYS I 201 -28.18 -9.59 -27.87
C CYS I 201 -27.00 -9.73 -28.83
N ASN I 202 -26.90 -8.91 -29.85
CA ASN I 202 -25.74 -9.13 -30.72
C ASN I 202 -24.54 -8.20 -30.40
N THR I 203 -24.58 -7.42 -29.30
CA THR I 203 -23.55 -6.44 -28.91
C THR I 203 -22.89 -6.68 -27.56
N SER I 204 -23.65 -6.97 -26.52
CA SER I 204 -23.01 -7.10 -25.22
C SER I 204 -23.75 -7.95 -24.22
N ALA I 205 -23.12 -8.13 -23.07
CA ALA I 205 -23.72 -8.86 -21.97
C ALA I 205 -24.66 -7.95 -21.24
N ILE I 206 -25.71 -8.52 -20.66
CA ILE I 206 -26.61 -7.71 -19.87
C ILE I 206 -26.55 -8.16 -18.43
N THR I 207 -26.26 -7.23 -17.52
CA THR I 207 -26.18 -7.52 -16.10
C THR I 207 -27.29 -6.81 -15.36
N GLN I 208 -28.01 -7.50 -14.50
CA GLN I 208 -29.08 -6.85 -13.76
C GLN I 208 -28.50 -6.09 -12.62
N ALA I 209 -28.91 -4.85 -12.44
CA ALA I 209 -28.39 -4.12 -11.31
C ALA I 209 -28.94 -4.76 -10.06
N CYS I 210 -28.15 -4.81 -8.97
CA CYS I 210 -28.58 -5.33 -7.68
C CYS I 210 -29.66 -4.39 -7.09
N PRO I 211 -30.83 -4.91 -6.68
CA PRO I 211 -32.00 -4.17 -6.21
C PRO I 211 -31.77 -3.42 -4.91
N LYS I 212 -30.72 -3.78 -4.20
CA LYS I 212 -30.42 -3.14 -2.93
C LYS I 212 -29.48 -1.96 -3.06
N VAL I 213 -28.99 -1.70 -4.26
CA VAL I 213 -28.03 -0.61 -4.42
C VAL I 213 -28.68 0.59 -5.05
N SER I 214 -28.80 1.66 -4.30
CA SER I 214 -29.44 2.85 -4.82
C SER I 214 -28.54 3.70 -5.70
N PHE I 215 -29.18 4.56 -6.50
CA PHE I 215 -28.46 5.47 -7.40
C PHE I 215 -28.58 6.97 -7.15
N GLU I 216 -29.38 7.42 -6.19
CA GLU I 216 -29.54 8.86 -6.03
C GLU I 216 -28.19 9.45 -5.67
N PRO I 217 -27.85 10.67 -6.09
CA PRO I 217 -26.60 11.32 -5.81
C PRO I 217 -26.41 11.60 -4.35
N ILE I 218 -25.18 11.46 -3.92
CA ILE I 218 -24.73 11.72 -2.57
C ILE I 218 -23.54 12.61 -2.68
N PRO I 219 -23.46 13.76 -2.02
CA PRO I 219 -22.32 14.64 -2.13
C PRO I 219 -21.02 13.96 -1.77
N ILE I 220 -20.01 14.16 -2.61
CA ILE I 220 -18.66 13.64 -2.40
C ILE I 220 -17.72 14.82 -2.33
N HIS I 221 -16.87 14.91 -1.32
CA HIS I 221 -15.95 16.02 -1.17
C HIS I 221 -14.56 15.59 -1.63
N TYR I 222 -13.84 16.38 -2.43
CA TYR I 222 -12.47 15.97 -2.79
C TYR I 222 -11.43 16.66 -1.92
N CYS I 223 -10.56 15.87 -1.25
CA CYS I 223 -9.56 16.32 -0.29
C CYS I 223 -8.14 16.12 -0.82
N ALA I 224 -7.28 17.11 -0.54
CA ALA I 224 -5.89 17.01 -0.91
C ALA I 224 -5.10 16.33 0.22
N PRO I 225 -4.04 15.57 -0.08
CA PRO I 225 -3.14 14.96 0.86
C PRO I 225 -2.28 16.03 1.49
N ALA I 226 -1.72 15.76 2.66
CA ALA I 226 -0.88 16.76 3.28
C ALA I 226 0.27 17.11 2.37
N GLY I 227 0.59 18.39 2.36
CA GLY I 227 1.67 18.92 1.54
C GLY I 227 1.11 19.60 0.31
N PHE I 228 -0.15 19.35 0.06
CA PHE I 228 -0.90 19.93 -1.04
C PHE I 228 -2.04 20.74 -0.50
N ALA I 229 -2.51 21.66 -1.30
CA ALA I 229 -3.61 22.50 -0.90
C ALA I 229 -4.49 22.81 -2.08
N ILE I 230 -5.74 23.16 -1.82
CA ILE I 230 -6.62 23.49 -2.92
C ILE I 230 -6.96 24.96 -2.92
N LEU I 231 -6.74 25.61 -4.03
CA LEU I 231 -7.05 27.01 -4.12
C LEU I 231 -8.38 27.18 -4.78
N LYS I 232 -9.29 27.81 -4.05
CA LYS I 232 -10.65 28.06 -4.49
C LYS I 232 -10.75 29.51 -4.88
N CYS I 233 -11.26 29.85 -6.10
CA CYS I 233 -11.40 31.26 -6.47
C CYS I 233 -12.86 31.70 -6.39
N LYS I 234 -13.06 32.83 -5.73
CA LYS I 234 -14.34 33.43 -5.52
C LYS I 234 -14.69 34.53 -6.49
N ASP I 235 -13.84 34.82 -7.44
CA ASP I 235 -14.13 35.95 -8.30
C ASP I 235 -15.41 35.63 -9.02
N LYS I 236 -16.43 36.45 -8.78
CA LYS I 236 -17.73 36.10 -9.26
C LYS I 236 -17.96 36.49 -10.70
N LYS I 237 -16.95 37.10 -11.31
CA LYS I 237 -16.98 37.41 -12.74
C LYS I 237 -16.04 36.51 -13.52
N PHE I 238 -15.49 35.49 -12.88
CA PHE I 238 -14.56 34.60 -13.55
C PHE I 238 -15.22 33.79 -14.66
N ASN I 239 -14.62 33.84 -15.88
CA ASN I 239 -15.11 33.21 -17.12
C ASN I 239 -14.47 31.82 -17.43
N GLY I 240 -13.72 31.24 -16.47
CA GLY I 240 -13.07 29.93 -16.59
C GLY I 240 -11.58 30.01 -16.89
N THR I 241 -11.07 31.14 -17.38
CA THR I 241 -9.63 31.20 -17.63
C THR I 241 -8.95 32.48 -17.16
N GLY I 242 -7.66 32.41 -16.91
CA GLY I 242 -6.85 33.58 -16.64
C GLY I 242 -6.87 33.96 -15.16
N PRO I 243 -6.38 35.16 -14.83
CA PRO I 243 -6.24 35.68 -13.50
C PRO I 243 -7.58 35.67 -12.82
N CYS I 244 -7.61 35.29 -11.52
CA CYS I 244 -8.81 35.19 -10.70
C CYS I 244 -8.40 35.59 -9.25
N PRO I 245 -8.30 36.90 -8.94
CA PRO I 245 -7.79 37.49 -7.69
C PRO I 245 -8.38 37.10 -6.32
N SER I 246 -9.64 36.74 -6.22
CA SER I 246 -10.18 36.45 -4.88
C SER I 246 -9.95 35.02 -4.46
N VAL I 247 -8.72 34.73 -4.14
CA VAL I 247 -8.32 33.37 -3.83
C VAL I 247 -8.31 33.07 -2.35
N SER I 248 -8.81 31.89 -2.00
CA SER I 248 -8.77 31.43 -0.62
C SER I 248 -8.32 29.98 -0.63
N THR I 249 -7.81 29.52 0.49
CA THR I 249 -7.34 28.15 0.56
C THR I 249 -8.18 27.25 1.43
N VAL I 250 -8.45 26.07 0.91
CA VAL I 250 -9.15 25.07 1.66
C VAL I 250 -8.34 23.80 1.60
N GLN I 251 -8.56 22.90 2.54
CA GLN I 251 -7.88 21.61 2.44
C GLN I 251 -8.68 20.58 1.61
N CYS I 252 -10.02 20.69 1.62
CA CYS I 252 -10.96 19.78 1.00
C CYS I 252 -12.14 20.64 0.53
N THR I 253 -12.67 20.31 -0.64
CA THR I 253 -13.75 21.06 -1.28
C THR I 253 -15.08 20.70 -0.66
N HIS I 254 -16.11 21.45 -1.03
CA HIS I 254 -17.47 21.14 -0.61
C HIS I 254 -17.90 19.93 -1.38
N GLY I 255 -19.07 19.40 -1.06
CA GLY I 255 -19.49 18.21 -1.77
C GLY I 255 -20.04 18.53 -3.14
N ILE I 256 -19.82 17.62 -4.06
CA ILE I 256 -20.33 17.68 -5.41
C ILE I 256 -21.21 16.49 -5.64
N LYS I 257 -22.40 16.71 -6.14
CA LYS I 257 -23.26 15.58 -6.41
C LYS I 257 -22.94 14.99 -7.79
N PRO I 258 -22.63 13.69 -7.92
CA PRO I 258 -22.28 13.02 -9.15
C PRO I 258 -23.51 12.71 -9.98
N VAL I 259 -24.18 13.75 -10.41
CA VAL I 259 -25.39 13.63 -11.21
C VAL I 259 -25.00 13.43 -12.64
N VAL I 260 -25.63 12.48 -13.31
CA VAL I 260 -25.35 12.26 -14.72
C VAL I 260 -26.54 12.66 -15.54
N SER I 261 -26.35 13.61 -16.45
CA SER I 261 -27.45 14.09 -17.27
C SER I 261 -26.96 14.70 -18.56
N THR I 262 -27.90 14.94 -19.46
CA THR I 262 -27.58 15.65 -20.69
C THR I 262 -28.51 16.84 -20.86
N GLN I 263 -28.06 17.82 -21.63
CA GLN I 263 -28.79 19.06 -22.00
C GLN I 263 -29.04 19.98 -20.81
N LEU I 264 -29.77 19.50 -19.84
CA LEU I 264 -30.02 20.30 -18.66
C LEU I 264 -29.17 19.77 -17.54
N LEU I 265 -28.60 20.70 -16.79
CA LEU I 265 -27.77 20.40 -15.66
C LEU I 265 -28.64 20.47 -14.44
N LEU I 266 -28.75 19.36 -13.73
CA LEU I 266 -29.62 19.34 -12.58
C LEU I 266 -28.85 19.28 -11.26
N ASN I 267 -29.42 19.89 -10.21
CA ASN I 267 -29.01 19.91 -8.81
C ASN I 267 -27.53 20.34 -8.59
N GLY I 268 -27.04 21.35 -9.35
CA GLY I 268 -25.67 21.87 -9.22
C GLY I 268 -25.64 23.15 -8.40
N SER I 269 -24.52 23.84 -8.49
CA SER I 269 -24.33 25.08 -7.78
C SER I 269 -24.90 26.22 -8.59
N LEU I 270 -25.26 27.30 -7.92
CA LEU I 270 -25.74 28.47 -8.63
C LEU I 270 -24.74 29.58 -8.70
N ALA I 271 -24.89 30.38 -9.73
CA ALA I 271 -24.15 31.61 -9.96
C ALA I 271 -24.79 32.66 -9.09
N GLU I 272 -24.16 33.81 -8.91
CA GLU I 272 -24.79 34.83 -8.09
C GLU I 272 -24.91 36.18 -8.77
N GLU I 273 -23.76 36.81 -9.04
CA GLU I 273 -23.69 38.16 -9.59
C GLU I 273 -24.37 38.28 -10.94
N GLU I 274 -24.26 37.26 -11.75
CA GLU I 274 -24.92 37.27 -13.03
C GLU I 274 -25.05 35.84 -13.51
N VAL I 275 -25.70 35.65 -14.64
CA VAL I 275 -25.70 34.35 -15.27
C VAL I 275 -24.35 34.22 -15.90
N MET I 276 -23.68 33.12 -15.69
CA MET I 276 -22.35 33.02 -16.25
C MET I 276 -22.33 32.18 -17.48
N ILE I 277 -21.65 32.66 -18.49
CA ILE I 277 -21.53 31.90 -19.71
C ILE I 277 -20.08 31.59 -19.93
N ARG I 278 -19.75 30.32 -20.01
CA ARG I 278 -18.34 29.98 -20.15
C ARG I 278 -18.11 29.02 -21.29
N SER I 279 -17.00 29.19 -21.98
CA SER I 279 -16.64 28.26 -23.04
C SER I 279 -15.15 28.28 -23.19
N GLU I 280 -14.60 27.24 -23.82
CA GLU I 280 -13.17 27.21 -24.11
C GLU I 280 -12.82 28.27 -25.13
N ASN I 281 -13.69 28.42 -26.12
CA ASN I 281 -13.51 29.38 -27.18
C ASN I 281 -14.86 29.78 -27.76
N ILE I 282 -15.27 31.00 -27.50
CA ILE I 282 -16.58 31.48 -27.90
C ILE I 282 -16.80 31.43 -29.39
N THR I 283 -15.76 31.71 -30.16
CA THR I 283 -15.91 31.79 -31.60
C THR I 283 -15.69 30.47 -32.29
N ASN I 284 -15.44 29.41 -31.53
CA ASN I 284 -15.21 28.10 -32.12
C ASN I 284 -16.51 27.30 -32.04
N ASN I 285 -17.16 27.06 -33.16
CA ASN I 285 -18.47 26.41 -33.13
C ASN I 285 -18.40 24.92 -32.82
N ALA I 286 -17.20 24.38 -32.65
CA ALA I 286 -17.04 22.99 -32.27
C ALA I 286 -17.04 22.82 -30.76
N LYS I 287 -17.11 23.91 -30.01
CA LYS I 287 -17.06 23.83 -28.56
C LYS I 287 -18.41 24.02 -27.89
N ASN I 288 -18.54 23.49 -26.68
CA ASN I 288 -19.79 23.65 -25.94
C ASN I 288 -19.76 24.92 -25.12
N ILE I 289 -20.93 25.46 -24.86
CA ILE I 289 -21.11 26.61 -24.01
C ILE I 289 -21.84 26.18 -22.74
N LEU I 290 -21.26 26.44 -21.60
CA LEU I 290 -21.90 26.07 -20.36
C LEU I 290 -22.55 27.29 -19.75
N VAL I 291 -23.85 27.20 -19.50
CA VAL I 291 -24.54 28.33 -18.94
C VAL I 291 -24.99 28.02 -17.53
N GLN I 292 -24.57 28.86 -16.59
CA GLN I 292 -24.90 28.66 -15.19
C GLN I 292 -25.87 29.70 -14.68
N PHE I 293 -27.03 29.23 -14.24
CA PHE I 293 -28.09 30.10 -13.79
C PHE I 293 -27.80 30.61 -12.41
N ASN I 294 -28.32 31.80 -12.07
CA ASN I 294 -28.17 32.25 -10.70
C ASN I 294 -29.44 32.02 -9.89
N THR I 295 -30.42 31.39 -10.50
CA THR I 295 -31.67 31.03 -9.86
C THR I 295 -32.01 29.64 -10.37
N PRO I 296 -32.64 28.77 -9.59
CA PRO I 296 -33.08 27.47 -10.02
C PRO I 296 -34.36 27.56 -10.83
N VAL I 297 -34.58 26.59 -11.71
CA VAL I 297 -35.88 26.45 -12.36
C VAL I 297 -36.46 25.11 -11.93
N GLN I 298 -37.62 25.10 -11.33
CA GLN I 298 -38.12 23.83 -10.82
C GLN I 298 -38.88 22.99 -11.81
N ILE I 299 -38.57 21.68 -11.82
CA ILE I 299 -39.29 20.71 -12.63
C ILE I 299 -39.82 19.56 -11.74
N ASN I 300 -40.93 18.93 -12.19
CA ASN I 300 -41.64 17.80 -11.56
C ASN I 300 -41.91 16.70 -12.61
N CYS I 301 -41.34 15.48 -12.41
CA CYS I 301 -41.46 14.35 -13.35
C CYS I 301 -42.21 13.20 -12.71
N THR I 302 -42.94 12.45 -13.54
CA THR I 302 -43.68 11.30 -13.01
C THR I 302 -43.73 10.07 -13.93
N ARG I 303 -43.85 8.88 -13.29
CA ARG I 303 -43.95 7.60 -14.00
C ARG I 303 -45.04 7.55 -15.09
N PRO I 304 -46.33 7.87 -14.82
CA PRO I 304 -47.12 7.98 -13.60
C PRO I 304 -47.83 6.66 -13.26
N ASN I 305 -47.60 5.62 -14.05
CA ASN I 305 -48.31 4.35 -13.94
C ASN I 305 -47.94 3.61 -12.66
N ASN I 306 -48.89 2.86 -12.06
CA ASN I 306 -48.69 2.04 -10.85
C ASN I 306 -48.24 0.63 -11.25
N ASN I 307 -46.91 0.36 -11.15
CA ASN I 307 -46.28 -0.91 -11.59
C ASN I 307 -46.18 -1.95 -10.49
N THR I 308 -46.12 -3.21 -10.92
CA THR I 308 -45.91 -4.33 -10.01
C THR I 308 -44.68 -5.07 -10.46
N ARG I 309 -44.12 -5.89 -9.59
CA ARG I 309 -42.91 -6.62 -9.95
C ARG I 309 -42.98 -8.07 -9.51
N LYS I 310 -42.40 -8.96 -10.30
CA LYS I 310 -42.33 -10.37 -9.89
C LYS I 310 -40.96 -10.96 -10.11
N SER I 311 -40.60 -11.94 -9.28
CA SER I 311 -39.30 -12.59 -9.42
C SER I 311 -39.40 -13.91 -10.14
N ILE I 312 -38.45 -14.15 -11.04
CA ILE I 312 -38.35 -15.41 -11.75
C ILE I 312 -37.01 -16.06 -11.43
N ARG I 313 -37.01 -17.29 -10.93
CA ARG I 313 -35.72 -17.92 -10.68
C ARG I 313 -35.18 -18.34 -12.01
N ILE I 314 -33.90 -18.07 -12.25
CA ILE I 314 -33.31 -18.42 -13.54
C ILE I 314 -32.11 -19.34 -13.41
N GLY I 315 -31.94 -19.86 -12.23
CA GLY I 315 -30.82 -20.75 -11.91
C GLY I 315 -30.70 -20.74 -10.39
N PRO I 316 -29.97 -21.66 -9.79
CA PRO I 316 -29.84 -21.72 -8.37
C PRO I 316 -29.30 -20.44 -7.81
N GLY I 317 -30.01 -19.87 -6.86
CA GLY I 317 -29.55 -18.67 -6.18
C GLY I 317 -29.71 -17.38 -6.98
N GLN I 318 -30.34 -17.44 -8.14
CA GLN I 318 -30.43 -16.24 -8.94
C GLN I 318 -31.81 -15.94 -9.45
N ALA I 319 -32.15 -14.65 -9.53
CA ALA I 319 -33.45 -14.29 -10.06
C ALA I 319 -33.42 -13.00 -10.83
N PHE I 320 -34.31 -13.00 -11.79
CA PHE I 320 -34.59 -11.91 -12.68
C PHE I 320 -35.84 -11.19 -12.25
N TYR I 321 -35.79 -9.87 -12.27
CA TYR I 321 -36.98 -9.13 -11.92
C TYR I 321 -37.69 -8.68 -13.15
N ALA I 322 -38.90 -9.17 -13.31
CA ALA I 322 -39.69 -8.91 -14.47
C ALA I 322 -40.72 -7.86 -14.19
N THR I 323 -41.03 -7.06 -15.21
CA THR I 323 -42.11 -6.11 -15.09
C THR I 323 -43.38 -6.91 -15.07
N GLY I 324 -44.23 -6.66 -14.09
CA GLY I 324 -45.47 -7.39 -13.93
C GLY I 324 -46.58 -6.63 -14.62
N ASP I 325 -47.81 -6.82 -14.19
CA ASP I 325 -48.89 -6.14 -14.87
C ASP I 325 -48.99 -4.72 -14.29
N ILE I 326 -49.92 -3.93 -14.82
CA ILE I 326 -50.11 -2.55 -14.40
C ILE I 326 -51.47 -2.32 -13.80
N ILE I 327 -51.49 -1.65 -12.67
CA ILE I 327 -52.73 -1.38 -11.98
C ILE I 327 -53.28 -0.06 -12.43
N GLY I 328 -54.49 -0.07 -12.96
CA GLY I 328 -55.11 1.14 -13.45
C GLY I 328 -54.67 1.41 -14.88
N ASP I 329 -54.99 2.59 -15.37
CA ASP I 329 -54.71 2.95 -16.76
C ASP I 329 -53.26 3.22 -17.02
N ILE I 330 -52.86 3.01 -18.27
CA ILE I 330 -51.52 3.27 -18.71
C ILE I 330 -51.43 4.61 -19.46
N ARG I 331 -50.64 5.50 -18.90
CA ARG I 331 -50.46 6.85 -19.38
C ARG I 331 -49.00 7.12 -19.68
N GLN I 332 -48.71 8.14 -20.47
CA GLN I 332 -47.35 8.46 -20.82
C GLN I 332 -46.59 9.21 -19.74
N ALA I 333 -45.33 8.83 -19.56
CA ALA I 333 -44.43 9.50 -18.61
C ALA I 333 -44.20 10.90 -19.07
N HIS I 334 -44.06 11.81 -18.12
CA HIS I 334 -43.83 13.20 -18.52
C HIS I 334 -43.19 14.03 -17.42
N CYS I 335 -42.62 15.20 -17.82
CA CYS I 335 -42.05 16.22 -16.92
C CYS I 335 -42.68 17.58 -17.17
N ASN I 336 -42.95 18.29 -16.08
CA ASN I 336 -43.47 19.65 -16.13
C ASN I 336 -42.43 20.63 -15.61
N VAL I 337 -42.31 21.80 -16.26
CA VAL I 337 -41.46 22.93 -15.82
C VAL I 337 -42.33 24.14 -15.66
N SER I 338 -42.12 24.91 -14.61
CA SER I 338 -42.98 26.08 -14.50
C SER I 338 -42.77 26.96 -15.73
N LYS I 339 -43.84 27.42 -16.39
CA LYS I 339 -43.64 28.18 -17.61
C LYS I 339 -43.09 29.55 -17.40
N ALA I 340 -43.63 30.28 -16.44
CA ALA I 340 -43.16 31.64 -16.25
C ALA I 340 -41.69 31.66 -15.85
N THR I 341 -41.29 30.70 -15.04
CA THR I 341 -39.92 30.68 -14.59
C THR I 341 -39.02 30.41 -15.77
N TRP I 342 -39.37 29.43 -16.60
CA TRP I 342 -38.53 29.16 -17.76
C TRP I 342 -38.40 30.38 -18.69
N ASN I 343 -39.54 31.08 -18.95
CA ASN I 343 -39.65 32.25 -19.83
C ASN I 343 -38.71 33.38 -19.41
N GLU I 344 -38.67 33.70 -18.09
CA GLU I 344 -37.81 34.74 -17.51
C GLU I 344 -36.35 34.32 -17.48
N THR I 345 -36.09 33.06 -17.14
CA THR I 345 -34.73 32.58 -17.05
C THR I 345 -34.07 32.60 -18.40
N LEU I 346 -34.79 32.19 -19.42
CA LEU I 346 -34.20 32.15 -20.73
C LEU I 346 -33.87 33.57 -21.16
N GLY I 347 -34.75 34.54 -20.85
CA GLY I 347 -34.46 35.91 -21.24
C GLY I 347 -33.17 36.42 -20.60
N LYS I 348 -32.92 36.04 -19.34
CA LYS I 348 -31.68 36.45 -18.68
C LYS I 348 -30.46 35.90 -19.41
N VAL I 349 -30.56 34.64 -19.85
CA VAL I 349 -29.43 34.04 -20.55
C VAL I 349 -29.17 34.81 -21.81
N VAL I 350 -30.21 35.16 -22.54
CA VAL I 350 -30.02 35.88 -23.78
C VAL I 350 -29.38 37.23 -23.57
N LYS I 351 -29.83 37.98 -22.58
CA LYS I 351 -29.23 39.29 -22.39
C LYS I 351 -27.73 39.19 -22.21
N GLN I 352 -27.30 38.24 -21.39
CA GLN I 352 -25.88 38.05 -21.15
C GLN I 352 -25.14 37.44 -22.33
N LEU I 353 -25.78 36.54 -23.06
CA LEU I 353 -25.18 35.84 -24.18
C LEU I 353 -24.84 36.84 -25.27
N ARG I 354 -25.70 37.84 -25.46
CA ARG I 354 -25.50 38.88 -26.46
C ARG I 354 -24.24 39.68 -26.24
N LYS I 355 -23.70 39.72 -25.04
CA LYS I 355 -22.52 40.54 -24.81
C LYS I 355 -21.33 40.07 -25.62
N HIS I 356 -21.37 38.83 -26.09
CA HIS I 356 -20.26 38.31 -26.86
C HIS I 356 -20.51 38.35 -28.36
N PHE I 357 -21.68 38.87 -28.77
CA PHE I 357 -22.04 38.93 -30.19
C PHE I 357 -22.39 40.34 -30.68
N GLY I 358 -22.95 41.17 -29.79
CA GLY I 358 -23.37 42.51 -30.14
C GLY I 358 -24.83 42.78 -29.79
N ASN I 359 -25.18 44.05 -29.65
CA ASN I 359 -26.55 44.44 -29.26
C ASN I 359 -27.54 44.40 -30.40
N ASN I 360 -27.05 44.07 -31.58
CA ASN I 360 -27.88 43.96 -32.74
C ASN I 360 -27.96 42.50 -33.20
N THR I 361 -27.56 41.58 -32.33
CA THR I 361 -27.61 40.16 -32.66
C THR I 361 -28.88 39.52 -32.11
N ILE I 362 -29.54 38.79 -32.98
CA ILE I 362 -30.76 38.06 -32.65
C ILE I 362 -30.41 36.68 -32.20
N ILE I 363 -31.00 36.25 -31.09
CA ILE I 363 -30.72 34.92 -30.60
C ILE I 363 -31.88 33.97 -30.69
N ARG I 364 -31.65 32.86 -31.38
CA ARG I 364 -32.64 31.82 -31.62
C ARG I 364 -32.19 30.50 -31.01
N PHE I 365 -33.13 29.80 -30.35
CA PHE I 365 -32.79 28.51 -29.71
C PHE I 365 -33.20 27.28 -30.50
N ALA I 366 -33.78 27.51 -31.64
CA ALA I 366 -34.16 26.48 -32.60
C ALA I 366 -34.83 25.23 -31.95
N ASN I 367 -34.14 24.05 -31.99
CA ASN I 367 -34.60 22.73 -31.57
C ASN I 367 -33.34 21.85 -31.38
N SER I 368 -33.50 20.61 -30.90
CA SER I 368 -32.45 19.58 -30.74
C SER I 368 -31.90 19.19 -32.13
N SER I 369 -30.60 18.90 -32.19
CA SER I 369 -29.92 18.63 -33.47
C SER I 369 -30.20 17.31 -34.20
N GLY I 370 -30.67 16.29 -33.52
CA GLY I 370 -30.94 15.00 -34.17
C GLY I 370 -29.86 13.96 -33.92
N GLY I 371 -30.23 12.67 -33.94
CA GLY I 371 -29.30 11.59 -33.64
C GLY I 371 -29.95 10.59 -32.68
N ASP I 372 -29.12 9.79 -32.02
CA ASP I 372 -29.54 8.76 -31.07
C ASP I 372 -30.17 9.42 -29.84
N LEU I 373 -31.07 8.73 -29.13
CA LEU I 373 -31.73 9.39 -28.00
C LEU I 373 -30.78 9.91 -26.95
N GLU I 374 -29.70 9.22 -26.71
CA GLU I 374 -28.75 9.61 -25.68
C GLU I 374 -28.16 11.01 -25.88
N VAL I 375 -28.19 11.52 -27.10
CA VAL I 375 -27.66 12.84 -27.41
C VAL I 375 -28.68 13.82 -27.98
N THR I 376 -29.97 13.43 -28.03
CA THR I 376 -30.99 14.33 -28.59
C THR I 376 -32.02 14.70 -27.56
N THR I 377 -32.14 13.89 -26.54
CA THR I 377 -33.13 14.07 -25.49
C THR I 377 -32.45 14.40 -24.20
N HIS I 378 -33.28 14.72 -23.21
CA HIS I 378 -32.78 14.99 -21.88
C HIS I 378 -32.68 13.72 -21.12
N SER I 379 -31.45 13.26 -20.91
CA SER I 379 -31.22 12.04 -20.20
C SER I 379 -31.29 12.39 -18.74
N PHE I 380 -32.23 11.78 -18.08
CA PHE I 380 -32.56 12.02 -16.69
C PHE I 380 -32.65 10.75 -15.86
N ASN I 381 -31.83 10.67 -14.84
CA ASN I 381 -31.76 9.50 -13.97
C ASN I 381 -32.42 9.80 -12.65
N CYS I 382 -33.63 9.24 -12.37
CA CYS I 382 -34.35 9.57 -11.14
C CYS I 382 -35.31 8.46 -10.71
N GLY I 383 -35.25 8.13 -9.44
CA GLY I 383 -36.16 7.17 -8.82
C GLY I 383 -35.74 5.76 -9.10
N GLY I 384 -34.64 5.60 -9.83
CA GLY I 384 -34.13 4.32 -10.27
C GLY I 384 -34.53 4.04 -11.71
N GLU I 385 -35.23 4.98 -12.34
CA GLU I 385 -35.65 4.88 -13.73
C GLU I 385 -34.82 5.76 -14.64
N PHE I 386 -34.78 5.39 -15.90
CA PHE I 386 -34.05 6.15 -16.88
C PHE I 386 -34.97 6.75 -17.91
N PHE I 387 -35.07 8.07 -17.84
CA PHE I 387 -35.95 8.87 -18.67
C PHE I 387 -35.21 9.54 -19.82
N TYR I 388 -35.87 9.63 -20.96
CA TYR I 388 -35.39 10.29 -22.17
C TYR I 388 -36.46 11.28 -22.65
N CYS I 389 -36.42 12.55 -22.16
CA CYS I 389 -37.50 13.54 -22.34
C CYS I 389 -37.27 14.46 -23.54
N ASN I 390 -38.39 14.86 -24.15
CA ASN I 390 -38.41 15.72 -25.34
C ASN I 390 -38.38 17.23 -25.00
N THR I 391 -37.21 17.86 -25.16
CA THR I 391 -36.92 19.23 -24.78
C THR I 391 -37.27 20.24 -25.85
N SER I 392 -37.87 19.77 -26.95
CA SER I 392 -38.27 20.71 -27.98
C SER I 392 -39.36 21.61 -27.47
N GLY I 393 -40.01 21.22 -26.38
CA GLY I 393 -41.06 22.07 -25.84
C GLY I 393 -40.49 23.25 -25.04
N LEU I 394 -39.18 23.26 -24.79
CA LEU I 394 -38.54 24.33 -24.03
C LEU I 394 -37.79 25.28 -24.93
N PHE I 395 -36.96 24.72 -25.77
CA PHE I 395 -36.09 25.55 -26.60
C PHE I 395 -36.76 25.94 -27.90
N ASN I 396 -37.79 26.80 -27.82
CA ASN I 396 -38.63 27.21 -28.96
C ASN I 396 -38.95 28.71 -28.92
N SER I 397 -37.92 29.57 -29.15
CA SER I 397 -38.06 31.03 -29.14
C SER I 397 -36.99 31.73 -29.97
N THR I 398 -37.33 32.96 -30.38
CA THR I 398 -36.40 33.87 -31.05
C THR I 398 -36.48 35.21 -30.31
N TRP I 399 -35.33 35.72 -29.91
CA TRP I 399 -35.23 36.95 -29.15
C TRP I 399 -34.66 38.11 -29.95
N ILE I 400 -35.50 39.11 -30.22
CA ILE I 400 -35.10 40.26 -31.05
C ILE I 400 -35.17 41.59 -30.29
N SER I 401 -34.05 42.37 -30.31
CA SER I 401 -33.83 43.72 -29.71
C SER I 401 -33.29 43.65 -28.27
N ASP I 415 -49.05 28.95 -15.94
CA ASP I 415 -49.17 27.66 -16.61
C ASP I 415 -47.83 26.89 -16.55
N SER I 416 -47.81 25.66 -17.11
CA SER I 416 -46.64 24.77 -17.15
C SER I 416 -46.39 24.30 -18.55
N ILE I 417 -45.15 23.95 -18.82
CA ILE I 417 -44.80 23.35 -20.10
C ILE I 417 -44.63 21.87 -19.87
N THR I 418 -45.36 21.06 -20.62
CA THR I 418 -45.26 19.62 -20.47
C THR I 418 -44.39 19.04 -21.55
N LEU I 419 -43.42 18.26 -21.12
CA LEU I 419 -42.50 17.59 -21.99
C LEU I 419 -42.82 16.09 -21.99
N PRO I 420 -43.32 15.50 -23.08
CA PRO I 420 -43.60 14.08 -23.18
C PRO I 420 -42.27 13.42 -22.96
N CYS I 421 -42.22 12.22 -22.33
CA CYS I 421 -40.96 11.54 -22.03
C CYS I 421 -41.05 10.01 -22.16
N ARG I 422 -39.97 9.39 -22.65
CA ARG I 422 -39.88 7.94 -22.83
C ARG I 422 -39.05 7.26 -21.73
N ILE I 423 -39.27 5.97 -21.51
CA ILE I 423 -38.50 5.19 -20.53
C ILE I 423 -37.80 3.96 -21.10
N LYS I 424 -36.53 3.76 -20.73
CA LYS I 424 -35.79 2.57 -21.17
C LYS I 424 -35.31 1.75 -19.99
N GLN I 425 -35.22 0.43 -20.13
CA GLN I 425 -34.66 -0.40 -19.08
C GLN I 425 -33.22 -0.85 -19.37
N ILE I 426 -32.81 -0.90 -20.64
CA ILE I 426 -31.45 -1.36 -20.91
C ILE I 426 -30.55 -0.16 -21.21
N ILE I 427 -29.63 0.09 -20.30
CA ILE I 427 -28.83 1.30 -20.33
C ILE I 427 -27.33 1.15 -20.58
N ASN I 428 -26.83 1.83 -21.60
CA ASN I 428 -25.39 1.85 -21.88
C ASN I 428 -24.88 3.14 -21.24
N MET I 429 -24.55 3.07 -19.95
CA MET I 429 -24.33 4.32 -19.22
C MET I 429 -23.19 5.21 -19.68
N TRP I 430 -22.09 4.64 -20.12
CA TRP I 430 -20.97 5.52 -20.44
C TRP I 430 -20.70 5.73 -21.91
N GLN I 431 -21.71 5.51 -22.76
CA GLN I 431 -21.54 5.74 -24.20
C GLN I 431 -20.36 5.00 -24.76
N ARG I 432 -20.25 3.75 -24.37
CA ARG I 432 -19.20 2.86 -24.81
C ARG I 432 -19.78 1.51 -25.08
N ILE I 433 -19.09 0.70 -25.84
CA ILE I 433 -19.56 -0.66 -25.98
C ILE I 433 -18.88 -1.42 -24.88
N GLY I 434 -19.68 -2.03 -24.05
CA GLY I 434 -19.21 -2.74 -22.88
C GLY I 434 -20.44 -3.26 -22.20
N GLN I 435 -20.31 -3.74 -20.99
CA GLN I 435 -21.45 -4.33 -20.31
C GLN I 435 -22.59 -3.33 -20.18
N ALA I 436 -23.79 -3.80 -20.49
CA ALA I 436 -24.99 -2.98 -20.37
C ALA I 436 -25.69 -3.27 -19.07
N MET I 437 -26.36 -2.28 -18.52
CA MET I 437 -27.08 -2.52 -17.29
C MET I 437 -28.57 -2.67 -17.50
N TYR I 438 -29.17 -3.62 -16.82
CA TYR I 438 -30.60 -3.73 -16.86
C TYR I 438 -31.19 -3.17 -15.59
N ALA I 439 -32.06 -2.21 -15.74
CA ALA I 439 -32.68 -1.58 -14.61
C ALA I 439 -33.88 -2.41 -14.21
N PRO I 440 -33.96 -2.95 -13.00
CA PRO I 440 -35.05 -3.78 -12.59
C PRO I 440 -36.22 -2.85 -12.47
N PRO I 441 -37.45 -3.30 -12.62
CA PRO I 441 -38.67 -2.57 -12.41
C PRO I 441 -38.79 -2.13 -10.99
N ILE I 442 -39.46 -1.02 -10.80
CA ILE I 442 -39.75 -0.47 -9.49
C ILE I 442 -41.26 -0.36 -9.32
N GLN I 443 -41.75 -0.88 -8.21
CA GLN I 443 -43.17 -0.90 -7.94
C GLN I 443 -43.70 0.44 -7.49
N GLY I 444 -44.97 0.66 -7.73
CA GLY I 444 -45.61 1.88 -7.31
C GLY I 444 -45.41 2.97 -8.31
N VAL I 445 -45.44 4.21 -7.84
CA VAL I 445 -45.38 5.37 -8.70
C VAL I 445 -44.24 6.28 -8.29
N ILE I 446 -43.44 6.65 -9.28
CA ILE I 446 -42.31 7.54 -9.11
C ILE I 446 -42.71 8.97 -9.28
N ARG I 447 -42.27 9.79 -8.34
CA ARG I 447 -42.45 11.22 -8.35
C ARG I 447 -41.09 11.85 -8.06
N CYS I 448 -40.60 12.71 -8.97
CA CYS I 448 -39.30 13.39 -8.88
C CYS I 448 -39.46 14.89 -8.90
N VAL I 449 -38.70 15.54 -8.05
CA VAL I 449 -38.65 17.00 -8.02
C VAL I 449 -37.20 17.39 -8.09
N SER I 450 -36.86 18.29 -8.99
CA SER I 450 -35.45 18.68 -9.11
C SER I 450 -35.28 20.13 -9.58
N ASN I 451 -34.06 20.67 -9.39
CA ASN I 451 -33.66 22.03 -9.78
C ASN I 451 -32.80 22.02 -11.05
N ILE I 452 -33.20 22.81 -12.09
CA ILE I 452 -32.34 23.01 -13.26
C ILE I 452 -31.46 24.16 -12.83
N THR I 453 -30.15 23.93 -12.85
CA THR I 453 -29.21 24.92 -12.41
C THR I 453 -28.43 25.47 -13.58
N GLY I 454 -28.59 24.82 -14.71
CA GLY I 454 -27.90 25.32 -15.88
C GLY I 454 -28.20 24.48 -17.09
N LEU I 455 -27.55 24.80 -18.17
CA LEU I 455 -27.78 24.08 -19.41
C LEU I 455 -26.59 24.10 -20.32
N ILE I 456 -26.59 23.20 -21.27
CA ILE I 456 -25.54 23.16 -22.25
C ILE I 456 -26.06 23.58 -23.59
N LEU I 457 -25.38 24.52 -24.21
CA LEU I 457 -25.73 24.98 -25.55
C LEU I 457 -24.58 24.80 -26.52
N THR I 458 -24.89 24.57 -27.77
CA THR I 458 -23.87 24.60 -28.81
C THR I 458 -24.33 25.63 -29.80
N ARG I 459 -23.44 26.13 -30.64
CA ARG I 459 -23.85 27.15 -31.59
C ARG I 459 -23.54 26.69 -33.02
N ASP I 460 -24.47 26.95 -33.98
CA ASP I 460 -24.34 26.59 -35.40
C ASP I 460 -23.13 27.31 -36.03
N SER I 466 -26.81 36.49 -41.44
CA SER I 466 -25.68 36.72 -40.54
C SER I 466 -26.02 37.56 -39.27
N THR I 467 -27.31 37.96 -39.08
CA THR I 467 -27.81 38.76 -37.95
C THR I 467 -28.36 37.89 -36.83
N THR I 468 -28.55 36.61 -37.12
CA THR I 468 -29.11 35.70 -36.14
C THR I 468 -28.18 34.55 -35.85
N GLU I 469 -27.95 34.33 -34.56
CA GLU I 469 -27.15 33.23 -34.09
C GLU I 469 -28.09 32.14 -33.62
N THR I 470 -27.75 30.89 -33.92
CA THR I 470 -28.59 29.79 -33.49
C THR I 470 -27.90 28.89 -32.50
N PHE I 471 -28.59 28.66 -31.40
CA PHE I 471 -28.11 27.81 -30.33
C PHE I 471 -28.99 26.61 -30.20
N ARG I 472 -28.41 25.48 -29.84
CA ARG I 472 -29.19 24.25 -29.68
C ARG I 472 -28.75 23.57 -28.40
N PRO I 473 -29.60 22.79 -27.73
CA PRO I 473 -29.25 22.02 -26.55
C PRO I 473 -27.99 21.17 -26.70
N GLY I 474 -27.77 20.57 -27.84
CA GLY I 474 -26.52 19.84 -27.95
C GLY I 474 -26.33 18.88 -26.80
N GLY I 475 -25.17 19.01 -26.17
CA GLY I 475 -24.77 18.22 -25.02
C GLY I 475 -24.39 16.82 -25.38
N GLY I 476 -24.41 15.95 -24.37
CA GLY I 476 -24.06 14.54 -24.52
C GLY I 476 -22.64 14.21 -24.09
N ASP I 477 -21.81 15.21 -23.93
CA ASP I 477 -20.44 14.93 -23.55
C ASP I 477 -20.26 14.55 -22.10
N MET I 478 -19.34 13.63 -21.88
CA MET I 478 -18.92 13.27 -20.55
C MET I 478 -17.74 14.14 -20.24
N ARG I 479 -17.26 14.16 -19.00
CA ARG I 479 -16.18 15.05 -18.61
C ARG I 479 -16.66 16.46 -18.90
N ASP I 480 -17.91 16.63 -18.54
CA ASP I 480 -18.69 17.82 -18.64
C ASP I 480 -19.60 17.67 -17.48
N ASN I 481 -20.47 18.62 -17.23
CA ASN I 481 -21.38 18.63 -16.08
C ASN I 481 -20.63 18.87 -14.78
N TRP I 482 -19.73 17.95 -14.44
CA TRP I 482 -18.87 18.04 -13.26
C TRP I 482 -17.90 19.17 -13.45
N ARG I 483 -17.65 19.46 -14.70
CA ARG I 483 -16.79 20.54 -15.11
C ARG I 483 -17.36 21.87 -14.64
N SER I 484 -18.68 21.95 -14.41
CA SER I 484 -19.32 23.17 -13.96
C SER I 484 -19.29 23.31 -12.44
N GLU I 485 -18.79 22.29 -11.75
CA GLU I 485 -18.68 22.32 -10.30
C GLU I 485 -17.21 22.48 -9.90
N LEU I 486 -16.32 21.92 -10.69
CA LEU I 486 -14.89 21.95 -10.39
C LEU I 486 -14.13 23.12 -10.99
N TYR I 487 -14.82 24.02 -11.68
CA TYR I 487 -14.17 25.15 -12.34
C TYR I 487 -13.52 26.11 -11.36
N LYS I 488 -13.96 26.07 -10.13
CA LYS I 488 -13.46 26.95 -9.10
C LYS I 488 -12.19 26.47 -8.45
N TYR I 489 -11.76 25.25 -8.72
CA TYR I 489 -10.63 24.73 -7.94
C TYR I 489 -9.37 24.40 -8.69
N LYS I 490 -8.24 24.65 -8.04
CA LYS I 490 -6.93 24.29 -8.56
C LYS I 490 -6.11 23.58 -7.50
N VAL I 491 -5.34 22.57 -7.88
CA VAL I 491 -4.48 21.90 -6.91
C VAL I 491 -3.05 22.37 -6.99
N VAL I 492 -2.48 22.77 -5.84
CA VAL I 492 -1.11 23.22 -5.84
C VAL I 492 -0.28 22.46 -4.82
N LYS I 493 1.04 22.46 -5.05
CA LYS I 493 2.01 21.81 -4.20
C LYS I 493 2.82 22.79 -3.38
N ILE I 494 2.87 22.57 -2.07
CA ILE I 494 3.58 23.46 -1.20
C ILE I 494 5.05 23.12 -1.19
N GLU I 495 5.89 24.15 -1.31
CA GLU I 495 7.35 24.00 -1.31
C GLU I 495 8.02 24.83 -0.22
N PRO I 496 8.13 24.31 1.01
CA PRO I 496 8.60 24.96 2.21
C PRO I 496 10.03 25.47 2.24
N LEU I 497 10.92 25.00 1.38
CA LEU I 497 12.29 25.49 1.45
C LEU I 497 12.61 26.57 0.46
N GLY I 498 13.45 27.48 0.89
CA GLY I 498 13.96 28.52 0.03
C GLY I 498 15.07 29.26 0.73
N VAL I 499 15.77 30.09 -0.02
CA VAL I 499 16.89 30.82 0.55
C VAL I 499 16.81 32.27 0.20
N ALA I 500 17.52 33.10 0.95
CA ALA I 500 17.64 34.52 0.67
C ALA I 500 18.90 35.05 1.35
N PRO I 501 19.55 36.12 0.86
CA PRO I 501 20.65 36.79 1.49
C PRO I 501 20.23 37.63 2.68
N THR I 502 21.13 37.75 3.65
CA THR I 502 21.01 38.61 4.81
C THR I 502 22.40 38.99 5.34
N ARG I 503 22.48 39.51 6.56
CA ARG I 503 23.75 39.96 7.13
C ARG I 503 24.34 39.15 8.32
N CYS I 504 23.93 37.87 8.50
CA CYS I 504 24.38 36.98 9.57
C CYS I 504 25.46 36.00 9.08
N LYS I 505 26.22 35.47 10.03
CA LYS I 505 27.18 34.38 9.78
C LYS I 505 27.20 33.50 11.05
N ARG I 506 27.73 32.25 10.98
CA ARG I 506 27.82 31.35 12.15
C ARG I 506 28.92 31.82 13.12
N LEU J 9 -2.74 34.54 11.06
CA LEU J 9 -3.44 34.66 9.77
C LEU J 9 -4.00 33.31 9.26
N GLY J 10 -3.36 32.17 9.61
CA GLY J 10 -3.71 30.81 9.19
C GLY J 10 -2.74 30.32 8.12
N PHE J 11 -2.94 29.09 7.67
CA PHE J 11 -2.04 28.44 6.74
C PHE J 11 -1.98 29.22 5.44
N LEU J 12 -0.77 29.59 5.03
CA LEU J 12 -0.49 30.38 3.84
C LEU J 12 -1.09 31.76 3.92
N GLY J 13 -1.49 32.19 5.10
CA GLY J 13 -2.08 33.50 5.28
C GLY J 13 -1.13 34.60 4.86
N ALA J 14 0.15 34.35 5.03
CA ALA J 14 1.19 35.30 4.71
C ALA J 14 1.67 35.20 3.27
N ALA J 15 1.04 34.38 2.45
CA ALA J 15 1.53 34.20 1.09
C ALA J 15 1.64 35.50 0.31
N GLY J 16 0.75 36.45 0.53
CA GLY J 16 0.83 37.72 -0.20
C GLY J 16 1.58 38.80 0.59
N SER J 17 2.15 38.45 1.72
CA SER J 17 2.79 39.41 2.58
C SER J 17 4.27 39.59 2.29
N THR J 18 4.79 40.69 2.81
CA THR J 18 6.19 41.04 2.73
C THR J 18 7.06 39.89 3.26
N MET J 19 8.15 39.57 2.54
CA MET J 19 9.03 38.48 2.92
C MET J 19 9.52 38.55 4.34
N GLY J 20 9.88 39.74 4.82
CA GLY J 20 10.33 39.87 6.18
C GLY J 20 9.24 39.51 7.16
N ALA J 21 8.07 40.11 7.00
CA ALA J 21 6.95 39.87 7.93
C ALA J 21 6.55 38.41 7.98
N ALA J 22 6.61 37.75 6.84
CA ALA J 22 6.19 36.38 6.66
C ALA J 22 7.08 35.40 7.41
N SER J 23 8.25 35.82 7.86
CA SER J 23 9.12 34.88 8.55
C SER J 23 8.52 34.44 9.89
N MET J 24 7.57 35.20 10.42
CA MET J 24 7.02 34.82 11.71
C MET J 24 5.88 33.80 11.59
N THR J 25 5.57 33.35 10.38
CA THR J 25 4.52 32.36 10.20
C THR J 25 5.12 31.06 9.76
N LEU J 26 6.45 30.92 9.82
CA LEU J 26 7.07 29.70 9.33
C LEU J 26 6.58 28.48 10.11
N THR J 27 6.25 28.68 11.39
CA THR J 27 5.74 27.61 12.22
C THR J 27 4.43 27.09 11.67
N VAL J 28 3.58 27.99 11.20
CA VAL J 28 2.24 27.64 10.77
C VAL J 28 2.28 26.76 9.55
N GLN J 29 3.15 27.07 8.59
CA GLN J 29 3.17 26.20 7.45
C GLN J 29 3.85 24.89 7.78
N ALA J 30 4.93 24.90 8.56
CA ALA J 30 5.63 23.64 8.83
C ALA J 30 4.73 22.65 9.54
N ARG J 31 3.89 23.15 10.42
CA ARG J 31 2.99 22.39 11.26
C ARG J 31 1.97 21.57 10.47
N ASN J 32 1.65 22.00 9.25
CA ASN J 32 0.63 21.37 8.42
C ASN J 32 1.18 20.55 7.25
N LEU J 33 2.48 20.28 7.23
CA LEU J 33 3.04 19.54 6.10
C LEU J 33 2.96 18.03 6.21
N LEU J 34 2.87 17.50 7.42
CA LEU J 34 2.88 16.06 7.60
C LEU J 34 1.51 15.52 7.98
N SER J 35 0.97 14.61 7.16
CA SER J 35 -0.35 13.93 7.24
C SER J 35 -1.34 14.51 8.28
N LEU J 57 -9.65 -2.75 -0.74
CA LEU J 57 -9.07 -2.56 -2.07
C LEU J 57 -10.06 -1.94 -3.09
N THR J 58 -10.90 -1.00 -2.63
CA THR J 58 -11.88 -0.26 -3.44
C THR J 58 -11.32 1.08 -3.93
N VAL J 59 -12.13 1.79 -4.66
CA VAL J 59 -11.73 3.02 -5.32
C VAL J 59 -11.31 4.08 -4.33
N TRP J 60 -12.02 4.18 -3.22
CA TRP J 60 -11.71 5.19 -2.24
C TRP J 60 -10.84 4.62 -1.14
N GLY J 61 -10.38 3.39 -1.33
CA GLY J 61 -9.60 2.65 -0.38
C GLY J 61 -8.13 2.76 -0.71
N ILE J 62 -7.75 2.20 -1.85
CA ILE J 62 -6.35 2.13 -2.22
C ILE J 62 -5.70 3.52 -2.35
N LYS J 63 -6.48 4.53 -2.71
CA LYS J 63 -5.96 5.87 -2.83
C LYS J 63 -5.42 6.41 -1.52
N GLN J 64 -5.82 5.84 -0.40
CA GLN J 64 -5.34 6.34 0.85
C GLN J 64 -3.93 5.84 1.15
N LEU J 65 -3.48 4.72 0.53
CA LEU J 65 -2.12 4.36 0.76
C LEU J 65 -1.30 5.23 -0.13
N GLN J 66 -1.84 5.59 -1.29
CA GLN J 66 -1.03 6.44 -2.14
C GLN J 66 -0.91 7.82 -1.50
N ALA J 67 -1.99 8.33 -0.90
CA ALA J 67 -1.98 9.64 -0.28
C ALA J 67 -1.02 9.71 0.90
N ARG J 68 -0.99 8.66 1.72
CA ARG J 68 -0.14 8.70 2.88
C ARG J 68 1.31 8.47 2.56
N VAL J 69 1.61 7.59 1.61
CA VAL J 69 3.00 7.36 1.29
C VAL J 69 3.57 8.62 0.69
N LEU J 70 2.82 9.28 -0.20
CA LEU J 70 3.33 10.50 -0.79
C LEU J 70 3.60 11.57 0.26
N ALA J 71 2.67 11.76 1.20
CA ALA J 71 2.90 12.81 2.18
C ALA J 71 4.18 12.54 2.98
N VAL J 72 4.41 11.28 3.32
CA VAL J 72 5.60 10.97 4.08
C VAL J 72 6.86 11.18 3.30
N GLU J 73 6.91 10.73 2.06
CA GLU J 73 8.16 10.92 1.34
C GLU J 73 8.50 12.37 1.14
N ARG J 74 7.51 13.22 0.85
CA ARG J 74 7.88 14.59 0.63
C ARG J 74 8.37 15.24 1.92
N TYR J 75 7.74 14.93 3.03
CA TYR J 75 8.17 15.49 4.30
C TYR J 75 9.60 15.14 4.59
N LEU J 76 9.92 13.87 4.43
CA LEU J 76 11.26 13.43 4.75
C LEU J 76 12.31 14.00 3.83
N ARG J 77 12.03 14.21 2.54
CA ARG J 77 13.08 14.73 1.70
C ARG J 77 13.47 16.13 2.16
N ASP J 78 12.50 16.95 2.57
CA ASP J 78 12.88 18.28 3.02
C ASP J 78 13.69 18.21 4.30
N GLN J 79 13.33 17.29 5.20
CA GLN J 79 14.09 17.19 6.43
C GLN J 79 15.49 16.70 6.17
N GLN J 80 15.65 15.82 5.19
CA GLN J 80 16.96 15.30 4.87
C GLN J 80 17.88 16.41 4.40
N LEU J 81 17.39 17.32 3.56
CA LEU J 81 18.25 18.40 3.10
C LEU J 81 18.66 19.31 4.22
N LEU J 82 17.74 19.61 5.13
CA LEU J 82 18.10 20.48 6.24
C LEU J 82 19.13 19.80 7.11
N GLY J 83 19.01 18.49 7.27
CA GLY J 83 19.99 17.77 8.07
C GLY J 83 21.38 17.88 7.45
N ILE J 84 21.47 17.61 6.16
CA ILE J 84 22.75 17.64 5.45
C ILE J 84 23.41 18.99 5.50
N TRP J 85 22.65 20.06 5.38
CA TRP J 85 23.20 21.42 5.40
C TRP J 85 23.53 21.93 6.81
N GLY J 86 23.24 21.14 7.85
CA GLY J 86 23.45 21.57 9.24
C GLY J 86 22.35 22.46 9.86
N CYS J 87 21.11 22.36 9.36
CA CYS J 87 19.93 23.14 9.74
C CYS J 87 18.90 22.28 10.48
N SER J 88 19.31 21.14 10.97
CA SER J 88 18.34 20.30 11.64
C SER J 88 17.77 20.97 12.86
N GLY J 89 16.45 20.89 13.01
CA GLY J 89 15.79 21.45 14.17
C GLY J 89 15.48 22.94 14.12
N LYS J 90 15.70 23.60 12.99
CA LYS J 90 15.44 25.05 12.95
C LYS J 90 14.53 25.48 11.82
N LEU J 91 13.69 26.49 12.05
CA LEU J 91 12.90 27.02 10.94
C LEU J 91 13.77 28.01 10.19
N ILE J 92 14.67 28.67 10.91
CA ILE J 92 15.58 29.61 10.28
C ILE J 92 17.01 29.23 10.66
N CYS J 93 17.92 29.03 9.67
CA CYS J 93 19.34 28.69 9.92
C CYS J 93 20.24 29.56 9.04
N CYS J 94 21.34 29.97 9.64
CA CYS J 94 22.26 30.83 8.96
C CYS J 94 23.53 30.04 8.65
N THR J 95 24.04 30.16 7.42
CA THR J 95 25.27 29.47 7.10
C THR J 95 26.34 30.41 6.59
N ASN J 96 27.51 29.86 6.27
CA ASN J 96 28.65 30.67 5.87
C ASN J 96 28.91 30.78 4.38
N VAL J 97 27.96 30.36 3.58
CA VAL J 97 28.10 30.47 2.14
C VAL J 97 27.87 31.93 1.76
N PRO J 98 28.77 32.58 1.01
CA PRO J 98 28.66 33.96 0.57
C PRO J 98 27.58 34.09 -0.47
N TRP J 99 26.99 35.26 -0.59
CA TRP J 99 26.02 35.50 -1.65
C TRP J 99 26.74 35.99 -2.88
N ASN J 100 26.48 35.36 -4.00
CA ASN J 100 27.04 35.75 -5.27
C ASN J 100 26.04 36.68 -5.89
N SER J 101 26.40 37.94 -6.05
CA SER J 101 25.45 38.93 -6.52
C SER J 101 24.87 38.62 -7.89
N SER J 102 25.53 37.78 -8.68
CA SER J 102 25.05 37.46 -10.01
C SER J 102 23.73 36.70 -9.97
N TRP J 103 23.39 36.13 -8.81
CA TRP J 103 22.14 35.40 -8.65
C TRP J 103 20.96 36.37 -8.59
N SER J 104 21.18 37.57 -8.06
CA SER J 104 20.17 38.62 -7.95
C SER J 104 20.85 39.92 -7.54
N ASN J 105 20.87 40.88 -8.45
CA ASN J 105 21.55 42.14 -8.18
C ASN J 105 20.64 43.14 -7.50
N ARG J 106 20.30 42.82 -6.26
CA ARG J 106 19.41 43.61 -5.44
C ARG J 106 19.97 43.80 -4.05
N ASN J 107 19.55 44.87 -3.38
CA ASN J 107 19.98 45.02 -2.01
C ASN J 107 19.01 44.34 -1.07
N LEU J 108 19.33 44.38 0.21
CA LEU J 108 18.51 43.69 1.19
C LEU J 108 17.25 44.45 1.51
N SER J 109 17.29 45.77 1.41
CA SER J 109 16.12 46.54 1.76
C SER J 109 15.01 46.22 0.78
N GLU J 110 15.35 46.09 -0.49
CA GLU J 110 14.33 45.81 -1.47
C GLU J 110 13.75 44.42 -1.35
N ILE J 111 14.56 43.40 -1.11
CA ILE J 111 13.88 42.12 -1.10
C ILE J 111 13.13 41.89 0.21
N TRP J 112 13.65 42.33 1.34
CA TRP J 112 12.94 42.02 2.55
C TRP J 112 11.71 42.88 2.83
N ASP J 113 11.71 44.14 2.38
CA ASP J 113 10.58 45.02 2.61
C ASP J 113 9.60 45.20 1.43
N ASN J 114 10.03 45.04 0.17
CA ASN J 114 9.15 45.33 -0.96
C ASN J 114 8.91 44.15 -1.90
N MET J 115 8.94 42.94 -1.38
CA MET J 115 8.75 41.76 -2.20
C MET J 115 8.06 40.68 -1.38
N THR J 116 7.30 39.78 -2.04
CA THR J 116 6.70 38.62 -1.38
C THR J 116 7.53 37.36 -1.69
N TRP J 117 7.28 36.27 -0.97
CA TRP J 117 8.06 35.05 -1.20
C TRP J 117 7.78 34.40 -2.53
N LEU J 118 6.59 34.56 -3.05
CA LEU J 118 6.28 33.96 -4.34
C LEU J 118 7.13 34.63 -5.42
N GLN J 119 7.31 35.94 -5.30
CA GLN J 119 8.06 36.69 -6.29
C GLN J 119 9.53 36.34 -6.22
N TRP J 120 10.04 36.25 -5.00
CA TRP J 120 11.43 35.94 -4.79
C TRP J 120 11.74 34.56 -5.33
N ASP J 121 10.85 33.60 -5.06
CA ASP J 121 11.10 32.26 -5.51
C ASP J 121 11.20 32.23 -7.02
N LYS J 122 10.36 32.99 -7.72
CA LYS J 122 10.51 32.97 -9.16
C LYS J 122 11.85 33.56 -9.60
N GLU J 123 12.24 34.68 -9.00
CA GLU J 123 13.46 35.37 -9.42
C GLU J 123 14.73 34.54 -9.37
N ILE J 124 14.90 33.74 -8.33
CA ILE J 124 16.13 32.95 -8.23
C ILE J 124 15.90 31.46 -8.37
N SER J 125 14.80 31.05 -9.00
CA SER J 125 14.50 29.63 -9.08
C SER J 125 15.54 28.82 -9.83
N ASN J 126 16.23 29.44 -10.77
CA ASN J 126 17.16 28.72 -11.60
C ASN J 126 18.54 28.59 -11.02
N TYR J 127 18.72 29.01 -9.78
CA TYR J 127 20.00 28.85 -9.12
C TYR J 127 19.85 27.89 -7.95
N THR J 128 18.69 27.27 -7.81
CA THR J 128 18.45 26.46 -6.62
C THR J 128 19.48 25.37 -6.41
N GLN J 129 19.84 24.70 -7.48
CA GLN J 129 20.79 23.60 -7.46
C GLN J 129 22.21 24.04 -7.17
N ILE J 130 22.49 25.34 -7.34
CA ILE J 130 23.82 25.85 -7.10
C ILE J 130 23.92 26.07 -5.64
N ILE J 131 22.89 26.70 -5.09
CA ILE J 131 22.93 27.02 -3.71
C ILE J 131 22.97 25.75 -2.92
N TYR J 132 22.17 24.76 -3.30
CA TYR J 132 22.16 23.56 -2.50
C TYR J 132 23.49 22.84 -2.54
N GLY J 133 24.16 22.78 -3.70
CA GLY J 133 25.46 22.12 -3.71
C GLY J 133 26.46 22.83 -2.80
N LEU J 134 26.42 24.16 -2.79
CA LEU J 134 27.33 24.90 -1.95
C LEU J 134 27.04 24.68 -0.48
N LEU J 135 25.75 24.62 -0.13
CA LEU J 135 25.39 24.46 1.26
C LEU J 135 25.83 23.13 1.81
N GLU J 136 25.71 22.05 1.04
CA GLU J 136 26.13 20.76 1.59
C GLU J 136 27.63 20.59 1.65
N GLU J 137 28.37 21.13 0.68
CA GLU J 137 29.81 20.94 0.73
C GLU J 137 30.36 21.68 1.92
N SER J 138 29.80 22.84 2.18
CA SER J 138 30.26 23.69 3.24
C SER J 138 29.99 23.11 4.61
N GLN J 139 29.13 22.09 4.71
CA GLN J 139 28.88 21.49 5.99
C GLN J 139 29.92 20.45 6.24
N ASN J 140 30.22 19.64 5.23
CA ASN J 140 31.20 18.56 5.45
C ASN J 140 32.59 19.14 5.75
N GLN J 141 32.87 20.30 5.16
CA GLN J 141 34.14 20.97 5.36
C GLN J 141 34.32 21.42 6.80
N GLN J 142 33.23 21.55 7.54
CA GLN J 142 33.33 21.96 8.92
C GLN J 142 33.22 20.79 9.87
N GLU J 143 33.01 19.58 9.35
CA GLU J 143 32.89 18.44 10.23
C GLU J 143 34.28 17.91 10.44
N LYS J 144 35.10 18.03 9.40
CA LYS J 144 36.47 17.57 9.50
C LYS J 144 37.23 18.46 10.48
N ASN J 145 36.72 19.66 10.72
CA ASN J 145 37.41 20.59 11.57
C ASN J 145 37.20 20.27 13.04
N GLU J 146 36.33 19.31 13.34
CA GLU J 146 36.07 18.89 14.69
C GLU J 146 36.97 17.73 15.06
N GLN J 147 37.83 17.31 14.13
CA GLN J 147 38.77 16.22 14.32
C GLN J 147 39.78 16.60 15.39
N ASP J 148 39.89 17.90 15.59
CA ASP J 148 40.81 18.49 16.54
C ASP J 148 40.24 18.72 17.97
N LEU J 149 38.97 18.29 18.25
CA LEU J 149 38.29 18.47 19.53
C LEU J 149 37.70 17.14 20.02
N LEU K 22 -36.57 55.59 -9.60
CA LEU K 22 -37.38 54.91 -8.61
C LEU K 22 -37.96 55.99 -7.68
N VAL K 23 -38.77 55.57 -6.66
CA VAL K 23 -39.37 56.49 -5.67
C VAL K 23 -39.05 56.01 -4.27
N GLU K 24 -39.14 56.91 -3.28
CA GLU K 24 -38.82 56.54 -1.91
C GLU K 24 -39.84 57.10 -0.92
N SER K 25 -39.97 56.45 0.23
CA SER K 25 -40.85 56.93 1.29
C SER K 25 -40.36 56.56 2.70
N GLY K 26 -40.95 57.20 3.70
CA GLY K 26 -40.58 56.95 5.09
C GLY K 26 -39.73 58.10 5.60
N GLY K 27 -39.29 58.00 6.84
CA GLY K 27 -38.53 59.08 7.46
C GLY K 27 -39.34 59.71 8.56
N GLY K 28 -38.85 60.81 9.12
CA GLY K 28 -39.52 61.46 10.24
C GLY K 28 -38.60 61.64 11.44
N LEU K 29 -39.14 62.26 12.49
CA LEU K 29 -38.42 62.52 13.73
C LEU K 29 -38.68 61.49 14.80
N VAL K 30 -37.61 60.90 15.29
CA VAL K 30 -37.66 59.92 16.36
C VAL K 30 -36.69 60.32 17.45
N GLN K 31 -36.81 59.72 18.61
CA GLN K 31 -35.87 60.02 19.68
C GLN K 31 -34.80 58.93 19.77
N PRO K 32 -33.63 59.19 20.36
CA PRO K 32 -32.60 58.19 20.52
C PRO K 32 -33.14 56.95 21.20
N GLY K 33 -32.73 55.80 20.68
CA GLY K 33 -33.13 54.48 21.13
C GLY K 33 -34.23 53.91 20.24
N ALA K 34 -34.80 54.77 19.41
CA ALA K 34 -35.86 54.43 18.48
C ALA K 34 -35.39 53.65 17.28
N SER K 35 -36.33 52.97 16.65
CA SER K 35 -36.07 52.31 15.39
C SER K 35 -36.87 53.05 14.32
N LEU K 36 -36.41 52.99 13.09
CA LEU K 36 -37.12 53.59 11.96
C LEU K 36 -36.88 52.76 10.71
N THR K 37 -37.94 52.50 9.95
CA THR K 37 -37.77 51.74 8.73
C THR K 37 -38.06 52.60 7.51
N LEU K 38 -37.16 52.58 6.57
CA LEU K 38 -37.31 53.28 5.31
C LEU K 38 -37.68 52.31 4.22
N THR K 39 -38.49 52.76 3.27
CA THR K 39 -38.92 51.92 2.16
C THR K 39 -38.64 52.60 0.81
N CYS K 40 -38.11 51.84 -0.17
CA CYS K 40 -37.88 52.29 -1.54
C CYS K 40 -38.55 51.33 -2.51
N THR K 41 -39.17 51.89 -3.55
CA THR K 41 -39.84 51.01 -4.49
C THR K 41 -39.51 51.29 -5.94
N ALA K 42 -39.64 50.25 -6.75
CA ALA K 42 -39.47 50.34 -8.17
C ALA K 42 -40.59 51.14 -8.78
N SER K 43 -40.28 51.87 -9.85
CA SER K 43 -41.27 52.59 -10.60
C SER K 43 -40.89 52.52 -12.06
N GLY K 44 -41.71 51.87 -12.86
CA GLY K 44 -41.41 51.69 -14.28
C GLY K 44 -40.53 50.47 -14.53
N PHE K 45 -40.27 49.71 -13.47
CA PHE K 45 -39.43 48.54 -13.55
C PHE K 45 -39.81 47.58 -12.43
N SER K 46 -39.22 46.41 -12.46
CA SER K 46 -39.45 45.41 -11.44
C SER K 46 -38.10 44.84 -11.07
N PHE K 47 -38.04 44.11 -9.97
CA PHE K 47 -36.78 43.55 -9.54
C PHE K 47 -36.43 42.27 -10.24
N SER K 48 -35.98 42.45 -11.46
CA SER K 48 -35.50 41.37 -12.28
C SER K 48 -34.17 41.02 -11.65
N SER K 49 -33.58 39.91 -12.00
CA SER K 49 -32.34 39.49 -11.33
C SER K 49 -31.19 40.46 -11.36
N ASP K 50 -30.94 41.08 -12.47
CA ASP K 50 -29.73 41.84 -12.60
C ASP K 50 -29.65 43.26 -12.04
N TYR K 51 -29.98 43.41 -10.76
CA TYR K 51 -29.85 44.69 -10.05
C TYR K 51 -29.47 44.59 -8.57
N TYR K 52 -28.77 45.63 -8.09
CA TYR K 52 -28.53 45.79 -6.65
C TYR K 52 -29.29 46.96 -6.12
N MET K 53 -29.91 46.77 -4.99
CA MET K 53 -30.55 47.88 -4.35
C MET K 53 -29.65 48.28 -3.19
N CYS K 54 -29.08 49.51 -3.22
CA CYS K 54 -28.12 49.99 -2.24
C CYS K 54 -28.63 51.22 -1.52
N TRP K 55 -28.23 51.29 -0.25
CA TRP K 55 -28.54 52.44 0.58
C TRP K 55 -27.25 53.13 0.99
N VAL K 56 -27.31 54.44 0.90
CA VAL K 56 -26.21 55.30 1.28
C VAL K 56 -26.73 56.38 2.20
N ARG K 57 -25.83 57.04 2.89
CA ARG K 57 -26.20 58.12 3.78
C ARG K 57 -25.36 59.36 3.60
N GLN K 58 -25.98 60.51 3.82
CA GLN K 58 -25.23 61.74 3.81
C GLN K 58 -25.69 62.73 4.86
N ALA K 59 -24.88 62.91 5.89
CA ALA K 59 -25.21 63.83 6.96
C ALA K 59 -25.16 65.22 6.33
N PRO K 60 -25.88 66.24 6.84
CA PRO K 60 -25.92 67.58 6.28
C PRO K 60 -24.56 68.23 5.96
N GLY K 61 -23.52 67.95 6.75
CA GLY K 61 -22.21 68.55 6.52
C GLY K 61 -21.17 67.57 5.97
N LYS K 62 -21.60 66.38 5.54
CA LYS K 62 -20.68 65.34 5.12
C LYS K 62 -20.80 64.92 3.65
N GLY K 63 -19.87 64.06 3.23
CA GLY K 63 -19.84 63.50 1.90
C GLY K 63 -20.64 62.21 1.92
N LEU K 64 -20.43 61.35 0.95
CA LEU K 64 -21.25 60.15 0.89
C LEU K 64 -20.67 59.03 1.73
N GLU K 65 -21.55 58.28 2.38
CA GLU K 65 -21.20 57.11 3.17
C GLU K 65 -21.97 55.91 2.64
N TRP K 66 -21.38 54.74 2.65
CA TRP K 66 -22.12 53.57 2.22
C TRP K 66 -22.66 52.77 3.40
N ILE K 67 -23.90 52.25 3.30
CA ILE K 67 -24.44 51.44 4.38
C ILE K 67 -24.52 49.97 4.03
N ALA K 68 -25.30 49.66 2.98
CA ALA K 68 -25.55 48.26 2.61
C ALA K 68 -26.05 48.13 1.17
N CYS K 69 -25.86 46.93 0.57
CA CYS K 69 -26.38 46.54 -0.75
C CYS K 69 -26.99 45.16 -0.69
N ILE K 70 -28.11 44.98 -1.38
CA ILE K 70 -28.67 43.65 -1.52
C ILE K 70 -28.88 43.31 -2.98
N TRP K 71 -28.44 42.12 -3.35
CA TRP K 71 -28.58 41.60 -4.68
C TRP K 71 -29.91 40.94 -4.83
N THR K 72 -30.65 41.31 -5.87
CA THR K 72 -31.99 40.79 -6.01
C THR K 72 -32.04 39.27 -6.11
N ALA K 73 -31.27 38.67 -6.99
CA ALA K 73 -31.37 37.23 -7.02
C ALA K 73 -30.80 36.69 -5.75
N ASN K 74 -31.50 35.76 -5.14
CA ASN K 74 -31.10 35.07 -3.94
C ASN K 74 -30.99 35.94 -2.69
N SER K 75 -31.48 37.19 -2.73
CA SER K 75 -31.50 38.05 -1.55
C SER K 75 -30.16 38.07 -0.81
N ILE K 76 -29.08 38.42 -1.50
CA ILE K 76 -27.75 38.37 -0.88
C ILE K 76 -27.27 39.75 -0.48
N SER K 77 -27.01 39.95 0.81
CA SER K 77 -26.63 41.25 1.27
C SER K 77 -25.18 41.40 1.73
N TYR K 78 -24.72 42.64 1.65
CA TYR K 78 -23.42 43.07 2.11
C TYR K 78 -23.61 44.29 3.00
N TYR K 79 -22.83 44.40 4.07
CA TYR K 79 -22.94 45.54 4.98
C TYR K 79 -21.64 46.21 5.30
N ALA K 80 -21.69 47.50 5.59
CA ALA K 80 -20.55 48.24 6.07
C ALA K 80 -20.22 47.78 7.48
N ARG K 81 -18.96 47.72 7.85
CA ARG K 81 -18.70 47.28 9.22
C ARG K 81 -19.34 48.18 10.27
N TRP K 82 -19.33 49.48 10.04
CA TRP K 82 -19.88 50.41 11.03
C TRP K 82 -21.37 50.22 11.23
N ALA K 83 -22.04 49.66 10.23
CA ALA K 83 -23.47 49.48 10.21
C ALA K 83 -23.89 48.10 10.74
N LYS K 84 -22.91 47.24 11.02
CA LYS K 84 -23.25 45.87 11.36
C LYS K 84 -23.97 45.79 12.67
N GLY K 85 -25.08 45.05 12.67
CA GLY K 85 -25.88 44.83 13.85
C GLY K 85 -26.92 45.93 14.07
N ARG K 86 -26.87 46.99 13.27
CA ARG K 86 -27.79 48.09 13.43
C ARG K 86 -28.68 48.26 12.22
N PHE K 87 -28.11 48.02 11.04
CA PHE K 87 -28.84 48.20 9.78
C PHE K 87 -29.13 46.90 9.06
N THR K 88 -30.41 46.57 8.87
CA THR K 88 -30.78 45.35 8.15
C THR K 88 -31.41 45.67 6.81
N ILE K 89 -30.87 45.08 5.74
CA ILE K 89 -31.41 45.35 4.42
C ILE K 89 -32.12 44.12 3.90
N SER K 90 -33.31 44.28 3.35
CA SER K 90 -34.04 43.14 2.82
C SER K 90 -35.01 43.43 1.67
N LYS K 91 -35.31 42.39 0.89
CA LYS K 91 -36.27 42.47 -0.21
C LYS K 91 -37.60 41.94 0.29
N THR K 92 -38.67 42.70 0.11
CA THR K 92 -39.97 42.26 0.60
C THR K 92 -40.93 41.89 -0.51
N SER K 93 -40.70 42.41 -1.71
CA SER K 93 -41.58 42.12 -2.84
C SER K 93 -40.81 42.31 -4.11
N SER K 94 -41.47 42.08 -5.24
CA SER K 94 -40.86 42.23 -6.56
C SER K 94 -40.58 43.69 -6.89
N THR K 95 -41.16 44.62 -6.14
CA THR K 95 -40.91 46.04 -6.34
C THR K 95 -40.36 46.74 -5.11
N THR K 96 -40.44 46.13 -3.92
CA THR K 96 -40.07 46.82 -2.69
C THR K 96 -38.87 46.27 -1.92
N VAL K 97 -37.98 47.20 -1.56
CA VAL K 97 -36.79 46.95 -0.77
C VAL K 97 -36.83 47.86 0.46
N THR K 98 -36.48 47.34 1.63
CA THR K 98 -36.50 48.15 2.83
C THR K 98 -35.19 48.13 3.60
N LEU K 99 -35.03 49.14 4.44
CA LEU K 99 -33.91 49.25 5.36
C LEU K 99 -34.44 49.47 6.76
N GLN K 100 -34.13 48.54 7.64
CA GLN K 100 -34.59 48.65 9.02
C GLN K 100 -33.45 49.12 9.90
N MET K 101 -33.60 50.29 10.50
CA MET K 101 -32.53 50.79 11.34
C MET K 101 -32.92 50.68 12.79
N THR K 102 -32.03 50.18 13.63
CA THR K 102 -32.35 50.14 15.05
C THR K 102 -31.31 50.85 15.87
N SER K 103 -31.62 50.99 17.16
CA SER K 103 -30.74 51.63 18.12
C SER K 103 -30.25 52.97 17.58
N LEU K 104 -31.17 53.79 17.08
CA LEU K 104 -30.81 55.08 16.48
C LEU K 104 -30.31 56.08 17.48
N THR K 105 -29.34 56.88 17.05
CA THR K 105 -28.84 57.95 17.89
C THR K 105 -28.78 59.27 17.14
N ALA K 106 -28.45 60.35 17.83
CA ALA K 106 -28.42 61.68 17.22
C ALA K 106 -27.48 61.77 16.02
N ALA K 107 -26.39 61.01 16.07
CA ALA K 107 -25.37 60.96 15.04
C ALA K 107 -25.89 60.40 13.72
N ASP K 108 -27.05 59.75 13.73
CA ASP K 108 -27.59 59.13 12.54
C ASP K 108 -28.50 60.09 11.79
N THR K 109 -28.60 61.34 12.25
CA THR K 109 -29.42 62.28 11.51
C THR K 109 -28.75 62.50 10.17
N ALA K 110 -29.49 62.27 9.10
CA ALA K 110 -28.92 62.35 7.76
C ALA K 110 -29.97 62.26 6.68
N THR K 111 -29.57 62.60 5.46
CA THR K 111 -30.41 62.30 4.32
C THR K 111 -30.10 60.88 3.92
N TYR K 112 -31.12 60.08 3.72
CA TYR K 112 -30.90 58.72 3.29
C TYR K 112 -31.32 58.59 1.85
N PHE K 113 -30.55 57.82 1.08
CA PHE K 113 -30.87 57.62 -0.32
C PHE K 113 -30.85 56.14 -0.71
N CYS K 114 -31.67 55.78 -1.72
CA CYS K 114 -31.67 54.48 -2.40
C CYS K 114 -31.26 54.70 -3.83
N ALA K 115 -30.53 53.74 -4.33
CA ALA K 115 -30.19 53.79 -5.72
C ALA K 115 -29.99 52.40 -6.26
N ARG K 116 -30.20 52.28 -7.56
CA ARG K 116 -30.06 51.01 -8.23
C ARG K 116 -28.80 50.91 -9.09
N GLY K 117 -28.04 49.84 -8.83
CA GLY K 117 -26.81 49.55 -9.54
C GLY K 117 -26.87 48.17 -10.16
N GLY K 118 -25.72 47.62 -10.51
CA GLY K 118 -25.64 46.31 -11.16
C GLY K 118 -24.20 45.85 -11.06
N SER K 119 -23.94 44.64 -11.49
CA SER K 119 -22.60 44.14 -11.30
C SER K 119 -21.57 44.89 -12.07
N GLY K 120 -20.48 45.22 -11.40
CA GLY K 120 -19.35 45.88 -12.01
C GLY K 120 -19.50 47.39 -12.14
N ASP K 121 -20.57 47.96 -11.62
CA ASP K 121 -20.76 49.41 -11.79
C ASP K 121 -21.33 50.07 -10.55
N GLY K 122 -21.49 51.38 -10.63
CA GLY K 122 -22.01 52.17 -9.54
C GLY K 122 -23.51 52.26 -9.64
N GLN K 123 -24.13 53.00 -8.75
CA GLN K 123 -25.55 53.12 -8.88
C GLN K 123 -25.83 54.15 -9.95
N SER K 124 -26.67 53.82 -10.92
CA SER K 124 -26.97 54.75 -11.99
C SER K 124 -28.31 55.43 -11.82
N LEU K 125 -29.20 54.78 -11.07
CA LEU K 125 -30.52 55.33 -10.85
C LEU K 125 -30.71 55.74 -9.41
N TRP K 126 -30.82 57.03 -9.16
CA TRP K 126 -30.95 57.49 -7.78
C TRP K 126 -32.28 58.12 -7.53
N GLY K 127 -32.87 57.85 -6.37
CA GLY K 127 -34.13 58.49 -6.04
C GLY K 127 -33.86 59.76 -5.22
N PRO K 128 -34.84 60.66 -5.07
CA PRO K 128 -34.79 61.77 -4.15
C PRO K 128 -34.69 61.08 -2.81
N GLY K 129 -34.00 61.64 -1.83
CA GLY K 129 -33.90 60.92 -0.58
C GLY K 129 -34.98 61.24 0.43
N THR K 130 -34.83 60.67 1.62
CA THR K 130 -35.73 60.85 2.75
C THR K 130 -34.97 61.51 3.87
N LEU K 131 -35.68 62.08 4.84
CA LEU K 131 -34.96 62.72 5.94
C LEU K 131 -35.25 62.07 7.27
N VAL K 132 -34.18 61.65 7.93
CA VAL K 132 -34.30 61.01 9.22
C VAL K 132 -33.62 61.86 10.27
N THR K 133 -34.38 62.25 11.27
CA THR K 133 -33.85 63.06 12.36
C THR K 133 -34.10 62.26 13.63
N VAL K 134 -33.09 62.14 14.53
CA VAL K 134 -33.22 61.33 15.75
C VAL K 134 -33.25 62.28 16.97
N ASP L 26 -9.90 47.43 5.59
CA ASP L 26 -10.22 46.61 4.43
C ASP L 26 -10.15 47.45 3.13
N ILE L 27 -10.93 48.56 3.09
CA ILE L 27 -11.04 49.50 1.97
C ILE L 27 -10.46 50.86 2.28
N VAL L 28 -9.45 51.23 1.52
CA VAL L 28 -8.84 52.53 1.68
C VAL L 28 -9.02 53.35 0.43
N MET L 29 -9.62 54.53 0.59
CA MET L 29 -9.84 55.42 -0.54
C MET L 29 -9.64 56.88 -0.16
N THR L 30 -8.62 57.51 -0.71
CA THR L 30 -8.38 58.91 -0.37
C THR L 30 -8.34 59.81 -1.57
N GLN L 31 -9.16 60.86 -1.53
CA GLN L 31 -9.17 61.84 -2.61
C GLN L 31 -8.24 62.93 -2.13
N THR L 32 -7.24 63.30 -2.93
CA THR L 32 -6.26 64.24 -2.39
C THR L 32 -6.26 65.74 -2.79
N PRO L 33 -6.62 66.18 -4.00
CA PRO L 33 -6.54 67.58 -4.43
C PRO L 33 -7.71 68.38 -3.92
N ALA L 34 -7.79 68.54 -2.63
CA ALA L 34 -8.93 69.18 -2.00
C ALA L 34 -9.05 70.64 -2.40
N SER L 35 -10.30 71.10 -2.45
CA SER L 35 -10.69 72.48 -2.72
C SER L 35 -10.11 73.13 -3.98
N VAL L 36 -10.14 72.41 -5.08
CA VAL L 36 -9.68 72.93 -6.36
C VAL L 36 -10.83 73.49 -7.18
N GLU L 37 -10.63 74.70 -7.69
CA GLU L 37 -11.62 75.43 -8.50
C GLU L 37 -10.91 76.14 -9.65
N ALA L 38 -11.65 76.43 -10.71
CA ALA L 38 -11.09 77.17 -11.84
C ALA L 38 -12.13 78.04 -12.52
N ALA L 39 -11.65 79.09 -13.16
CA ALA L 39 -12.48 80.01 -13.91
C ALA L 39 -13.03 79.34 -15.14
N VAL L 40 -14.16 79.82 -15.62
CA VAL L 40 -14.76 79.24 -16.81
C VAL L 40 -13.75 79.31 -17.95
N GLY L 41 -13.61 78.20 -18.65
CA GLY L 41 -12.65 78.07 -19.75
C GLY L 41 -11.32 77.44 -19.31
N GLY L 42 -11.07 77.36 -18.00
CA GLY L 42 -9.85 76.74 -17.48
C GLY L 42 -10.17 75.30 -17.27
N THR L 43 -9.23 74.50 -16.73
CA THR L 43 -9.49 73.08 -16.51
C THR L 43 -9.18 72.66 -15.09
N VAL L 44 -9.74 71.53 -14.69
CA VAL L 44 -9.50 70.95 -13.37
C VAL L 44 -9.28 69.45 -13.44
N ALA L 45 -8.70 68.88 -12.39
CA ALA L 45 -8.62 67.43 -12.27
C ALA L 45 -8.68 67.05 -10.81
N ILE L 46 -9.31 65.91 -10.53
CA ILE L 46 -9.46 65.35 -9.20
C ILE L 46 -8.91 63.92 -9.17
N LYS L 47 -8.09 63.59 -8.20
CA LYS L 47 -7.54 62.25 -8.16
C LYS L 47 -7.67 61.55 -6.80
N CYS L 48 -7.80 60.19 -6.85
CA CYS L 48 -7.91 59.27 -5.72
C CYS L 48 -6.84 58.19 -5.75
N GLN L 49 -6.43 57.80 -4.55
CA GLN L 49 -5.48 56.72 -4.32
C GLN L 49 -6.07 55.64 -3.42
N ALA L 50 -5.55 54.43 -3.57
CA ALA L 50 -6.00 53.31 -2.73
C ALA L 50 -4.83 52.46 -2.25
N SER L 51 -5.03 51.76 -1.14
CA SER L 51 -4.00 50.86 -0.62
C SER L 51 -4.18 49.44 -1.16
N GLN L 52 -5.26 49.25 -1.91
CA GLN L 52 -5.59 47.98 -2.51
C GLN L 52 -5.87 48.26 -3.96
N SER L 53 -5.49 47.35 -4.85
CA SER L 53 -5.82 47.57 -6.24
C SER L 53 -7.32 47.42 -6.47
N ILE L 54 -7.86 48.30 -7.32
CA ILE L 54 -9.24 48.30 -7.72
C ILE L 54 -9.28 48.50 -9.24
N ARG L 55 -8.41 47.80 -9.92
CA ARG L 55 -8.21 48.01 -11.34
C ARG L 55 -9.52 48.02 -12.08
N SER L 56 -9.73 49.03 -12.90
CA SER L 56 -10.92 49.21 -13.73
C SER L 56 -12.26 49.15 -12.98
N TYR L 57 -12.28 49.37 -11.67
CA TYR L 57 -13.54 49.36 -10.92
C TYR L 57 -13.81 50.62 -10.13
N LEU L 58 -13.31 51.73 -10.61
CA LEU L 58 -13.58 52.99 -9.96
C LEU L 58 -14.71 53.75 -10.64
N ALA L 59 -15.68 54.20 -9.86
CA ALA L 59 -16.74 55.02 -10.42
C ALA L 59 -16.64 56.44 -9.89
N TRP L 60 -16.95 57.40 -10.76
CA TRP L 60 -16.98 58.79 -10.34
C TRP L 60 -18.37 59.35 -10.39
N TYR L 61 -18.68 60.16 -9.38
CA TYR L 61 -19.97 60.84 -9.26
C TYR L 61 -19.88 62.34 -9.13
N GLN L 62 -20.91 63.03 -9.61
CA GLN L 62 -21.08 64.48 -9.49
C GLN L 62 -22.26 64.86 -8.62
N GLN L 63 -22.04 65.54 -7.49
CA GLN L 63 -23.18 65.91 -6.68
C GLN L 63 -23.40 67.40 -6.55
N LYS L 64 -24.44 67.88 -7.20
CA LYS L 64 -24.77 69.29 -7.14
C LYS L 64 -25.59 69.43 -5.86
N PRO L 65 -25.57 70.57 -5.17
CA PRO L 65 -26.32 70.76 -3.94
C PRO L 65 -27.79 70.46 -4.12
N GLY L 66 -28.34 69.70 -3.19
CA GLY L 66 -29.76 69.33 -3.17
C GLY L 66 -30.10 68.10 -4.02
N GLN L 67 -29.12 67.58 -4.75
CA GLN L 67 -29.36 66.47 -5.64
C GLN L 67 -28.72 65.18 -5.13
N PRO L 68 -29.20 64.01 -5.55
CA PRO L 68 -28.52 62.76 -5.37
C PRO L 68 -27.36 62.81 -6.33
N PRO L 69 -26.26 62.11 -6.10
CA PRO L 69 -25.14 62.02 -7.01
C PRO L 69 -25.48 61.47 -8.40
N LYS L 70 -24.91 62.10 -9.43
CA LYS L 70 -25.07 61.62 -10.80
C LYS L 70 -23.88 60.78 -11.18
N LEU L 71 -24.11 59.64 -11.78
CA LEU L 71 -22.96 58.85 -12.20
C LEU L 71 -22.35 59.47 -13.44
N LEU L 72 -21.03 59.68 -13.40
CA LEU L 72 -20.32 60.25 -14.52
C LEU L 72 -19.53 59.21 -15.28
N ILE L 73 -18.62 58.57 -14.56
CA ILE L 73 -17.67 57.66 -15.18
C ILE L 73 -17.67 56.32 -14.49
N TYR L 74 -17.68 55.26 -15.26
CA TYR L 74 -17.65 53.95 -14.66
C TYR L 74 -16.51 53.12 -15.21
N GLU L 75 -16.07 52.15 -14.42
CA GLU L 75 -14.98 51.29 -14.83
C GLU L 75 -13.76 52.12 -15.24
N ALA L 76 -13.42 53.14 -14.44
CA ALA L 76 -12.29 54.05 -14.62
C ALA L 76 -12.45 55.07 -15.77
N SER L 77 -12.73 54.61 -16.98
CA SER L 77 -12.81 55.52 -18.14
C SER L 77 -14.12 55.62 -18.96
N LYS L 78 -15.14 54.82 -18.72
CA LYS L 78 -16.32 54.85 -19.59
C LYS L 78 -17.34 55.90 -19.17
N LEU L 79 -17.89 56.67 -20.11
CA LEU L 79 -18.86 57.64 -19.65
C LEU L 79 -20.23 57.01 -19.58
N ALA L 80 -20.98 57.40 -18.58
CA ALA L 80 -22.35 57.00 -18.39
C ALA L 80 -23.23 57.75 -19.38
N SER L 81 -24.35 57.16 -19.76
CA SER L 81 -25.23 57.87 -20.66
C SER L 81 -25.69 59.15 -20.00
N GLY L 82 -25.76 60.22 -20.78
CA GLY L 82 -26.22 61.51 -20.27
C GLY L 82 -25.08 62.39 -19.78
N VAL L 83 -23.86 61.86 -19.80
CA VAL L 83 -22.68 62.59 -19.36
C VAL L 83 -22.02 63.37 -20.50
N PRO L 84 -21.84 64.69 -20.36
CA PRO L 84 -21.22 65.58 -21.33
C PRO L 84 -19.80 65.13 -21.65
N SER L 85 -19.37 65.42 -22.87
CA SER L 85 -18.06 65.07 -23.40
C SER L 85 -16.89 65.74 -22.69
N ARG L 86 -17.15 66.76 -21.88
CA ARG L 86 -16.08 67.42 -21.15
C ARG L 86 -15.56 66.52 -20.05
N PHE L 87 -16.30 65.48 -19.68
CA PHE L 87 -15.86 64.60 -18.64
C PHE L 87 -15.03 63.47 -19.20
N SER L 88 -13.93 63.17 -18.54
CA SER L 88 -13.10 62.05 -18.91
C SER L 88 -12.30 61.60 -17.72
N GLY L 89 -11.44 60.63 -17.92
CA GLY L 89 -10.62 60.11 -16.84
C GLY L 89 -10.01 58.77 -17.18
N SER L 90 -9.05 58.37 -16.35
CA SER L 90 -8.32 57.12 -16.53
C SER L 90 -7.61 56.70 -15.26
N GLY L 91 -7.13 55.47 -15.25
CA GLY L 91 -6.34 54.99 -14.13
C GLY L 91 -6.33 53.49 -14.08
N SER L 92 -5.56 52.97 -13.14
CA SER L 92 -5.41 51.54 -12.95
C SER L 92 -4.84 51.26 -11.58
N GLY L 93 -4.87 50.01 -11.14
CA GLY L 93 -4.18 49.71 -9.90
C GLY L 93 -4.77 50.50 -8.74
N THR L 94 -3.90 51.29 -8.13
CA THR L 94 -4.20 52.13 -6.98
C THR L 94 -4.15 53.63 -7.26
N GLN L 95 -4.03 54.03 -8.53
CA GLN L 95 -3.94 55.46 -8.87
C GLN L 95 -4.93 55.89 -9.98
N PHE L 96 -5.92 56.75 -9.65
CA PHE L 96 -6.91 57.17 -10.64
C PHE L 96 -7.23 58.67 -10.70
N THR L 97 -7.50 59.20 -11.91
CA THR L 97 -7.88 60.62 -12.09
C THR L 97 -9.13 60.92 -12.95
N LEU L 98 -9.92 61.88 -12.47
CA LEU L 98 -11.09 62.50 -13.13
C LEU L 98 -10.66 63.80 -13.73
N THR L 99 -10.95 64.02 -14.99
CA THR L 99 -10.57 65.30 -15.57
C THR L 99 -11.73 66.01 -16.22
N ILE L 100 -11.66 67.33 -16.20
CA ILE L 100 -12.63 68.16 -16.89
C ILE L 100 -11.88 68.93 -17.96
N SER L 101 -12.33 68.80 -19.22
CA SER L 101 -11.68 69.39 -20.40
C SER L 101 -11.78 70.90 -20.44
N GLY L 102 -12.66 71.43 -19.62
CA GLY L 102 -12.90 72.84 -19.49
C GLY L 102 -14.12 73.07 -18.64
N VAL L 103 -14.05 74.10 -17.81
CA VAL L 103 -15.14 74.48 -16.93
C VAL L 103 -16.18 75.25 -17.70
N GLU L 104 -17.45 74.83 -17.57
CA GLU L 104 -18.59 75.44 -18.28
C GLU L 104 -19.62 76.09 -17.35
N CYS L 105 -19.24 76.31 -16.10
CA CYS L 105 -20.07 76.88 -15.03
C CYS L 105 -21.26 76.00 -14.64
N ASP L 106 -21.12 74.69 -14.83
CA ASP L 106 -22.14 73.73 -14.45
C ASP L 106 -21.41 72.59 -13.76
N ASP L 107 -20.34 73.01 -13.10
CA ASP L 107 -19.41 72.15 -12.40
C ASP L 107 -19.48 72.42 -10.91
N ALA L 108 -20.57 73.04 -10.47
CA ALA L 108 -20.74 73.41 -9.06
C ALA L 108 -21.19 72.20 -8.27
N ALA L 109 -20.25 71.29 -8.08
CA ALA L 109 -20.51 70.01 -7.46
C ALA L 109 -19.28 69.46 -6.78
N THR L 110 -19.50 68.59 -5.82
CA THR L 110 -18.34 67.87 -5.30
C THR L 110 -18.28 66.58 -6.06
N TYR L 111 -17.13 65.98 -6.09
CA TYR L 111 -17.02 64.72 -6.78
C TYR L 111 -16.59 63.65 -5.83
N TYR L 112 -17.06 62.44 -6.11
CA TYR L 112 -16.76 61.31 -5.27
C TYR L 112 -16.21 60.11 -6.05
N CYS L 113 -15.36 59.33 -5.36
CA CYS L 113 -14.76 58.07 -5.81
C CYS L 113 -15.46 56.91 -5.14
N GLN L 114 -15.95 55.97 -5.94
CA GLN L 114 -16.59 54.78 -5.40
C GLN L 114 -15.92 53.52 -5.88
N ARG L 115 -15.71 52.61 -4.95
CA ARG L 115 -15.12 51.32 -5.24
C ARG L 115 -16.16 50.28 -5.62
N ASN L 116 -15.98 49.62 -6.76
CA ASN L 116 -16.95 48.62 -7.20
C ASN L 116 -16.43 47.20 -7.15
N TYR L 117 -15.44 46.96 -6.30
CA TYR L 117 -14.91 45.62 -6.13
C TYR L 117 -14.48 45.28 -4.71
N ASP L 118 -15.03 44.18 -4.20
CA ASP L 118 -14.77 43.68 -2.88
C ASP L 118 -13.78 42.52 -2.93
N SER L 119 -12.57 42.77 -2.47
CA SER L 119 -11.46 41.82 -2.53
C SER L 119 -11.62 40.61 -1.63
N TYR L 120 -12.57 40.65 -0.70
CA TYR L 120 -12.77 39.56 0.21
C TYR L 120 -13.92 38.68 -0.22
N SER L 121 -15.00 39.28 -0.72
CA SER L 121 -16.14 38.46 -1.10
C SER L 121 -16.09 37.99 -2.54
N GLY L 122 -15.38 38.71 -3.42
CA GLY L 122 -15.32 38.37 -4.84
C GLY L 122 -16.42 39.06 -5.64
N ALA L 123 -17.32 39.76 -4.95
CA ALA L 123 -18.44 40.45 -5.56
C ALA L 123 -18.05 41.81 -6.07
N TYR L 124 -18.80 42.31 -7.03
CA TYR L 124 -18.53 43.61 -7.62
C TYR L 124 -19.69 44.55 -7.46
N TYR L 125 -19.83 45.11 -6.28
CA TYR L 125 -20.96 45.93 -5.97
C TYR L 125 -20.40 47.24 -5.42
N PRO L 126 -21.15 48.33 -5.47
CA PRO L 126 -20.75 49.68 -5.12
C PRO L 126 -20.65 50.06 -3.65
N ASN L 127 -19.66 49.42 -3.00
CA ASN L 127 -19.30 49.54 -1.59
C ASN L 127 -18.09 50.39 -1.21
N GLY L 128 -18.34 51.56 -0.65
CA GLY L 128 -17.25 52.41 -0.19
C GLY L 128 -16.97 53.64 -1.02
N PHE L 129 -16.84 54.77 -0.31
CA PHE L 129 -16.56 56.04 -0.95
C PHE L 129 -15.39 56.75 -0.32
N GLY L 130 -14.72 57.55 -1.14
CA GLY L 130 -13.74 58.53 -0.70
C GLY L 130 -14.19 59.78 -1.43
N GLY L 131 -13.76 60.99 -1.05
CA GLY L 131 -14.24 62.11 -1.85
C GLY L 131 -14.54 63.41 -1.10
N GLY L 132 -15.22 64.33 -1.82
CA GLY L 132 -15.60 65.66 -1.31
C GLY L 132 -14.99 66.88 -2.00
N THR L 133 -14.13 66.67 -2.99
CA THR L 133 -13.49 67.77 -3.71
C THR L 133 -14.32 68.39 -4.85
N GLU L 134 -14.37 69.75 -4.89
CA GLU L 134 -15.00 70.57 -5.93
C GLU L 134 -14.02 70.74 -7.09
#